data_1L0I
# 
_entry.id   1L0I 
# 
_audit_conform.dict_name       mmcif_pdbx.dic 
_audit_conform.dict_version    5.398 
_audit_conform.dict_location   http://mmcif.pdb.org/dictionaries/ascii/mmcif_pdbx.dic 
# 
loop_
_database_2.database_id 
_database_2.database_code 
_database_2.pdbx_database_accession 
_database_2.pdbx_DOI 
PDB   1L0I         pdb_00001l0i 10.2210/pdb1l0i/pdb 
RCSB  RCSB015530   ?            ?                   
WWPDB D_1000015530 ?            ?                   
# 
loop_
_pdbx_audit_revision_history.ordinal 
_pdbx_audit_revision_history.data_content_type 
_pdbx_audit_revision_history.major_revision 
_pdbx_audit_revision_history.minor_revision 
_pdbx_audit_revision_history.revision_date 
1 'Structure model' 1 0 2003-02-11 
2 'Structure model' 1 1 2008-04-28 
3 'Structure model' 1 2 2011-07-13 
4 'Structure model' 1 3 2017-10-11 
5 'Structure model' 1 4 2021-10-27 
6 'Structure model' 1 5 2024-10-30 
# 
_pdbx_audit_revision_details.ordinal             1 
_pdbx_audit_revision_details.revision_ordinal    1 
_pdbx_audit_revision_details.data_content_type   'Structure model' 
_pdbx_audit_revision_details.provider            repository 
_pdbx_audit_revision_details.type                'Initial release' 
_pdbx_audit_revision_details.description         ? 
_pdbx_audit_revision_details.details             ? 
# 
loop_
_pdbx_audit_revision_group.ordinal 
_pdbx_audit_revision_group.revision_ordinal 
_pdbx_audit_revision_group.data_content_type 
_pdbx_audit_revision_group.group 
1  2 'Structure model' 'Version format compliance' 
2  3 'Structure model' 'Non-polymer description'   
3  3 'Structure model' 'Version format compliance' 
4  4 'Structure model' Advisory                    
5  4 'Structure model' 'Refinement description'    
6  5 'Structure model' Advisory                    
7  5 'Structure model' 'Database references'       
8  5 'Structure model' 'Derived calculations'      
9  6 'Structure model' 'Data collection'           
10 6 'Structure model' 'Structure summary'         
# 
loop_
_pdbx_audit_revision_category.ordinal 
_pdbx_audit_revision_category.revision_ordinal 
_pdbx_audit_revision_category.data_content_type 
_pdbx_audit_revision_category.category 
1  4 'Structure model' pdbx_unobs_or_zero_occ_atoms 
2  4 'Structure model' software                     
3  5 'Structure model' database_2                   
4  5 'Structure model' pdbx_struct_conn_angle       
5  5 'Structure model' pdbx_unobs_or_zero_occ_atoms 
6  5 'Structure model' struct_conn                  
7  5 'Structure model' struct_ref_seq_dif           
8  5 'Structure model' struct_site                  
9  6 'Structure model' chem_comp_atom               
10 6 'Structure model' chem_comp_bond               
11 6 'Structure model' pdbx_entry_details           
12 6 'Structure model' pdbx_modification_feature    
# 
loop_
_pdbx_audit_revision_item.ordinal 
_pdbx_audit_revision_item.revision_ordinal 
_pdbx_audit_revision_item.data_content_type 
_pdbx_audit_revision_item.item 
1  5 'Structure model' '_database_2.pdbx_DOI'                        
2  5 'Structure model' '_database_2.pdbx_database_accession'         
3  5 'Structure model' '_pdbx_struct_conn_angle.ptnr1_auth_comp_id'  
4  5 'Structure model' '_pdbx_struct_conn_angle.ptnr1_auth_seq_id'   
5  5 'Structure model' '_pdbx_struct_conn_angle.ptnr1_label_alt_id'  
6  5 'Structure model' '_pdbx_struct_conn_angle.ptnr1_label_asym_id' 
7  5 'Structure model' '_pdbx_struct_conn_angle.ptnr1_label_atom_id' 
8  5 'Structure model' '_pdbx_struct_conn_angle.ptnr1_label_comp_id' 
9  5 'Structure model' '_pdbx_struct_conn_angle.ptnr1_label_seq_id'  
10 5 'Structure model' '_pdbx_struct_conn_angle.ptnr2_auth_seq_id'   
11 5 'Structure model' '_pdbx_struct_conn_angle.ptnr2_label_asym_id' 
12 5 'Structure model' '_pdbx_struct_conn_angle.ptnr3_auth_comp_id'  
13 5 'Structure model' '_pdbx_struct_conn_angle.ptnr3_auth_seq_id'   
14 5 'Structure model' '_pdbx_struct_conn_angle.ptnr3_label_alt_id'  
15 5 'Structure model' '_pdbx_struct_conn_angle.ptnr3_label_asym_id' 
16 5 'Structure model' '_pdbx_struct_conn_angle.ptnr3_label_atom_id' 
17 5 'Structure model' '_pdbx_struct_conn_angle.ptnr3_label_comp_id' 
18 5 'Structure model' '_pdbx_struct_conn_angle.ptnr3_label_seq_id'  
19 5 'Structure model' '_pdbx_struct_conn_angle.value'               
20 5 'Structure model' '_struct_conn.pdbx_dist_value'                
21 5 'Structure model' '_struct_conn.pdbx_leaving_atom_flag'         
22 5 'Structure model' '_struct_conn.pdbx_ptnr1_label_alt_id'        
23 5 'Structure model' '_struct_conn.ptnr1_auth_comp_id'             
24 5 'Structure model' '_struct_conn.ptnr1_auth_seq_id'              
25 5 'Structure model' '_struct_conn.ptnr1_label_atom_id'            
26 5 'Structure model' '_struct_conn.ptnr1_label_comp_id'            
27 5 'Structure model' '_struct_conn.ptnr1_label_seq_id'             
28 5 'Structure model' '_struct_conn.ptnr2_auth_seq_id'              
29 5 'Structure model' '_struct_conn.ptnr2_label_asym_id'            
30 5 'Structure model' '_struct_ref_seq_dif.details'                 
31 5 'Structure model' '_struct_site.pdbx_auth_asym_id'              
32 5 'Structure model' '_struct_site.pdbx_auth_comp_id'              
33 5 'Structure model' '_struct_site.pdbx_auth_seq_id'               
# 
_pdbx_database_status.status_code                     REL 
_pdbx_database_status.entry_id                        1L0I 
_pdbx_database_status.recvd_initial_deposition_date   2002-02-11 
_pdbx_database_status.deposit_site                    RCSB 
_pdbx_database_status.process_site                    RCSB 
_pdbx_database_status.SG_entry                        . 
_pdbx_database_status.pdb_format_compatible           Y 
_pdbx_database_status.status_code_mr                  ? 
_pdbx_database_status.status_code_sf                  ? 
_pdbx_database_status.status_code_cs                  ? 
_pdbx_database_status.methods_development_category    ? 
_pdbx_database_status.status_code_nmr_data            ? 
# 
_pdbx_database_related.db_name        PDB 
_pdbx_database_related.db_id          1L0H 
_pdbx_database_related.details        'CRYSATL STRUCTURE OF BUTYRYL-ACP FROM E.COLI' 
_pdbx_database_related.content_type   unspecified 
# 
loop_
_audit_author.name 
_audit_author.pdbx_ordinal 
'Roujeinikova, A.' 1 
'Baldock, C.'      2 
'Simon, W.J.'      3 
'Gilroy, J.'       4 
'Baker, P.J.'      5 
'Stuitje, A.R.'    6 
'Rice, D.W.'       7 
'Slabas, A.R.'     8 
'Rafferty, J.B.'   9 
# 
loop_
_citation.id 
_citation.title 
_citation.journal_abbrev 
_citation.journal_volume 
_citation.page_first 
_citation.page_last 
_citation.year 
_citation.journal_id_ASTM 
_citation.country 
_citation.journal_id_ISSN 
_citation.journal_id_CSD 
_citation.book_publisher 
_citation.pdbx_database_id_PubMed 
_citation.pdbx_database_id_DOI 
primary 
'X-ray Crystallographic Studies on Butyryl-ACP Reveal Flexibility of the Structure around a Putative Acyl Chain Binding Site' 
Structure                  10 825 835 2002 STRUE6 UK 0969-2126 2005 ? 12057197 '10.1016/S0969-2126(02)00775-X' 
1       'Crystallisation and preliminary X-ray crystallographic studies on acyl-(acyl carrier protein) from Escherichia coli' 
'Acta Crystallogr.,Sect.D' 58 330 332 2002 ABCRE6 DK 0907-4449 0766 ? ?        10.1107/S0907444901020091       
# 
loop_
_citation_author.citation_id 
_citation_author.name 
_citation_author.ordinal 
_citation_author.identifier_ORCID 
primary 'Roujeinikova, A.' 1  ? 
primary 'Baldock, C.'      2  ? 
primary 'Simon, W.J.'      3  ? 
primary 'Gilroy, J.'       4  ? 
primary 'Baker, P.J.'      5  ? 
primary 'Stuitje, A.R.'    6  ? 
primary 'Rice, D.W.'       7  ? 
primary 'Slabas, A.R.'     8  ? 
primary 'Rafferty, J.B.'   9  ? 
1       'Roujeinikova, A.' 10 ? 
1       'Baldock, C.'      11 ? 
1       'Simon, W.J.'      12 ? 
1       'Gilroy, J.'       13 ? 
1       'Baker, P.J.'      14 ? 
1       'Stuitje, A.R.'    15 ? 
1       'Rice, D.W.'       16 ? 
1       'Rafferty, J.B.'   17 ? 
1       'Slabas, A.R.'     18 ? 
# 
loop_
_entity.id 
_entity.type 
_entity.src_method 
_entity.pdbx_description 
_entity.formula_weight 
_entity.pdbx_number_of_molecules 
_entity.pdbx_ec 
_entity.pdbx_mutation 
_entity.pdbx_fragment 
_entity.details 
1 polymer     man 'Acyl carrier protein'                                                                                       
8663.499 1   ? I62M ? ? 
2 non-polymer syn 'SODIUM ION'                                                                                                 
22.990   1   ? ?    ? ? 
3 non-polymer syn 'ZINC ION'                                                                                                   
65.409   7   ? ?    ? ? 
4 non-polymer syn 'CACODYLATE ION'                                                                                             
136.989  1   ? ?    ? ? 
5 non-polymer syn 'THIOBUTYRIC ACID S-{2-[3-(2-HYDROXY-3,3-DIMETHYL-4-PHOSPHONOOXY-BUTYRYLAMINO)-PROPIONYLAMINO]-ETHYL} ESTER' 
428.438  1   ? ?    ? ? 
6 water       nat water                                                                                                        
18.015   162 ? ?    ? ? 
# 
_entity_name_com.entity_id   1 
_entity_name_com.name        'ACP, CAF, Cytosolic activating factor' 
# 
_entity_poly.entity_id                      1 
_entity_poly.type                           'polypeptide(L)' 
_entity_poly.nstd_linkage                   no 
_entity_poly.nstd_monomer                   no 
_entity_poly.pdbx_seq_one_letter_code       MSTIEERVKKIIGEQLGVKQEEVTNNASFVEDLGADSLDTVELVMALEEEFDTEIPDEEAEKMTTVQAAIDYINGHQA 
_entity_poly.pdbx_seq_one_letter_code_can   MSTIEERVKKIIGEQLGVKQEEVTNNASFVEDLGADSLDTVELVMALEEEFDTEIPDEEAEKMTTVQAAIDYINGHQA 
_entity_poly.pdbx_strand_id                 A 
_entity_poly.pdbx_target_identifier         ? 
# 
loop_
_pdbx_entity_nonpoly.entity_id 
_pdbx_entity_nonpoly.name 
_pdbx_entity_nonpoly.comp_id 
2 'SODIUM ION'                                                                                                 NA  
3 'ZINC ION'                                                                                                   ZN  
4 'CACODYLATE ION'                                                                                             CAC 
5 'THIOBUTYRIC ACID S-{2-[3-(2-HYDROXY-3,3-DIMETHYL-4-PHOSPHONOOXY-BUTYRYLAMINO)-PROPIONYLAMINO]-ETHYL} ESTER' PSR 
6 water                                                                                                        HOH 
# 
loop_
_entity_poly_seq.entity_id 
_entity_poly_seq.num 
_entity_poly_seq.mon_id 
_entity_poly_seq.hetero 
1 1  MET n 
1 2  SER n 
1 3  THR n 
1 4  ILE n 
1 5  GLU n 
1 6  GLU n 
1 7  ARG n 
1 8  VAL n 
1 9  LYS n 
1 10 LYS n 
1 11 ILE n 
1 12 ILE n 
1 13 GLY n 
1 14 GLU n 
1 15 GLN n 
1 16 LEU n 
1 17 GLY n 
1 18 VAL n 
1 19 LYS n 
1 20 GLN n 
1 21 GLU n 
1 22 GLU n 
1 23 VAL n 
1 24 THR n 
1 25 ASN n 
1 26 ASN n 
1 27 ALA n 
1 28 SER n 
1 29 PHE n 
1 30 VAL n 
1 31 GLU n 
1 32 ASP n 
1 33 LEU n 
1 34 GLY n 
1 35 ALA n 
1 36 ASP n 
1 37 SER n 
1 38 LEU n 
1 39 ASP n 
1 40 THR n 
1 41 VAL n 
1 42 GLU n 
1 43 LEU n 
1 44 VAL n 
1 45 MET n 
1 46 ALA n 
1 47 LEU n 
1 48 GLU n 
1 49 GLU n 
1 50 GLU n 
1 51 PHE n 
1 52 ASP n 
1 53 THR n 
1 54 GLU n 
1 55 ILE n 
1 56 PRO n 
1 57 ASP n 
1 58 GLU n 
1 59 GLU n 
1 60 ALA n 
1 61 GLU n 
1 62 LYS n 
1 63 MET n 
1 64 THR n 
1 65 THR n 
1 66 VAL n 
1 67 GLN n 
1 68 ALA n 
1 69 ALA n 
1 70 ILE n 
1 71 ASP n 
1 72 TYR n 
1 73 ILE n 
1 74 ASN n 
1 75 GLY n 
1 76 HIS n 
1 77 GLN n 
1 78 ALA n 
# 
_entity_src_gen.entity_id                          1 
_entity_src_gen.pdbx_src_id                        1 
_entity_src_gen.pdbx_alt_source_flag               sample 
_entity_src_gen.pdbx_seq_type                      ? 
_entity_src_gen.pdbx_beg_seq_num                   ? 
_entity_src_gen.pdbx_end_seq_num                   ? 
_entity_src_gen.gene_src_common_name               ? 
_entity_src_gen.gene_src_genus                     Escherichia 
_entity_src_gen.pdbx_gene_src_gene                 ? 
_entity_src_gen.gene_src_species                   ? 
_entity_src_gen.gene_src_strain                    ? 
_entity_src_gen.gene_src_tissue                    ? 
_entity_src_gen.gene_src_tissue_fraction           ? 
_entity_src_gen.gene_src_details                   ? 
_entity_src_gen.pdbx_gene_src_fragment             ? 
_entity_src_gen.pdbx_gene_src_scientific_name      'Escherichia coli' 
_entity_src_gen.pdbx_gene_src_ncbi_taxonomy_id     562 
_entity_src_gen.pdbx_gene_src_variant              ? 
_entity_src_gen.pdbx_gene_src_cell_line            ? 
_entity_src_gen.pdbx_gene_src_atcc                 ? 
_entity_src_gen.pdbx_gene_src_organ                ? 
_entity_src_gen.pdbx_gene_src_organelle            ? 
_entity_src_gen.pdbx_gene_src_cell                 ? 
_entity_src_gen.pdbx_gene_src_cellular_location    ? 
_entity_src_gen.host_org_common_name               ? 
_entity_src_gen.pdbx_host_org_scientific_name      'Escherichia coli BL21(DE3)' 
_entity_src_gen.pdbx_host_org_ncbi_taxonomy_id     469008 
_entity_src_gen.host_org_genus                     Escherichia 
_entity_src_gen.pdbx_host_org_gene                 ? 
_entity_src_gen.pdbx_host_org_organ                ? 
_entity_src_gen.host_org_species                   'Escherichia coli' 
_entity_src_gen.pdbx_host_org_tissue               ? 
_entity_src_gen.pdbx_host_org_tissue_fraction      ? 
_entity_src_gen.pdbx_host_org_strain               'BL21(DE3)' 
_entity_src_gen.pdbx_host_org_variant              ? 
_entity_src_gen.pdbx_host_org_cell_line            ? 
_entity_src_gen.pdbx_host_org_atcc                 ? 
_entity_src_gen.pdbx_host_org_culture_collection   ? 
_entity_src_gen.pdbx_host_org_cell                 ? 
_entity_src_gen.pdbx_host_org_organelle            ? 
_entity_src_gen.pdbx_host_org_cellular_location    ? 
_entity_src_gen.pdbx_host_org_vector_type          plasmid 
_entity_src_gen.pdbx_host_org_vector               ? 
_entity_src_gen.host_org_details                   ? 
_entity_src_gen.expression_system_id               ? 
_entity_src_gen.plasmid_name                       pET11D 
_entity_src_gen.plasmid_details                    ? 
_entity_src_gen.pdbx_description                   ? 
# 
loop_
_chem_comp.id 
_chem_comp.type 
_chem_comp.mon_nstd_flag 
_chem_comp.name 
_chem_comp.pdbx_synonyms 
_chem_comp.formula 
_chem_comp.formula_weight 
ALA 'L-peptide linking' y ALANINE ?                'C3 H7 N O2'        89.093  
ARG 'L-peptide linking' y ARGININE ?                'C6 H15 N4 O2 1'    175.209 
ASN 'L-peptide linking' y ASPARAGINE ?                'C4 H8 N2 O3'       132.118 
ASP 'L-peptide linking' y 'ASPARTIC ACID' ?                'C4 H7 N O4'        133.103 
CAC non-polymer         . 'CACODYLATE ION' dimethylarsinate 'C2 H6 As O2 -1'    136.989 
GLN 'L-peptide linking' y GLUTAMINE ?                'C5 H10 N2 O3'      146.144 
GLU 'L-peptide linking' y 'GLUTAMIC ACID' ?                'C5 H9 N O4'        147.129 
GLY 'peptide linking'   y GLYCINE ?                'C2 H5 N O2'        75.067  
HIS 'L-peptide linking' y HISTIDINE ?                'C6 H10 N3 O2 1'    156.162 
HOH non-polymer         . WATER ?                'H2 O'              18.015  
ILE 'L-peptide linking' y ISOLEUCINE ?                'C6 H13 N O2'       131.173 
LEU 'L-peptide linking' y LEUCINE ?                'C6 H13 N O2'       131.173 
LYS 'L-peptide linking' y LYSINE ?                'C6 H15 N2 O2 1'    147.195 
MET 'L-peptide linking' y METHIONINE ?                'C5 H11 N O2 S'     149.211 
NA  non-polymer         . 'SODIUM ION' ?                'Na 1'              22.990  
PHE 'L-peptide linking' y PHENYLALANINE ?                'C9 H11 N O2'       165.189 
PRO 'L-peptide linking' y PROLINE ?                'C5 H9 N O2'        115.130 
PSR non-polymer         . 
'THIOBUTYRIC ACID S-{2-[3-(2-HYDROXY-3,3-DIMETHYL-4-PHOSPHONOOXY-BUTYRYLAMINO)-PROPIONYLAMINO]-ETHYL} ESTER' ?                
'C15 H29 N2 O8 P S' 428.438 
SER 'L-peptide linking' y SERINE ?                'C3 H7 N O3'        105.093 
THR 'L-peptide linking' y THREONINE ?                'C4 H9 N O3'        119.119 
TYR 'L-peptide linking' y TYROSINE ?                'C9 H11 N O3'       181.189 
VAL 'L-peptide linking' y VALINE ?                'C5 H11 N O2'       117.146 
ZN  non-polymer         . 'ZINC ION' ?                'Zn 2'              65.409  
# 
loop_
_pdbx_poly_seq_scheme.asym_id 
_pdbx_poly_seq_scheme.entity_id 
_pdbx_poly_seq_scheme.seq_id 
_pdbx_poly_seq_scheme.mon_id 
_pdbx_poly_seq_scheme.ndb_seq_num 
_pdbx_poly_seq_scheme.pdb_seq_num 
_pdbx_poly_seq_scheme.auth_seq_num 
_pdbx_poly_seq_scheme.pdb_mon_id 
_pdbx_poly_seq_scheme.auth_mon_id 
_pdbx_poly_seq_scheme.pdb_strand_id 
_pdbx_poly_seq_scheme.pdb_ins_code 
_pdbx_poly_seq_scheme.hetero 
A 1 1  MET 1  0  ?  ?   ?   A . n 
A 1 2  SER 2  1  1  SER SER A . n 
A 1 3  THR 3  2  2  THR THR A . n 
A 1 4  ILE 4  3  3  ILE ILE A . n 
A 1 5  GLU 5  4  4  GLU GLU A . n 
A 1 6  GLU 6  5  5  GLU GLU A . n 
A 1 7  ARG 7  6  6  ARG ARG A . n 
A 1 8  VAL 8  7  7  VAL VAL A . n 
A 1 9  LYS 9  8  8  LYS LYS A . n 
A 1 10 LYS 10 9  9  LYS LYS A . n 
A 1 11 ILE 11 10 10 ILE ILE A . n 
A 1 12 ILE 12 11 11 ILE ILE A . n 
A 1 13 GLY 13 12 12 GLY GLY A . n 
A 1 14 GLU 14 13 13 GLU GLU A . n 
A 1 15 GLN 15 14 14 GLN GLN A . n 
A 1 16 LEU 16 15 15 LEU LEU A . n 
A 1 17 GLY 17 16 16 GLY GLY A . n 
A 1 18 VAL 18 17 17 VAL VAL A . n 
A 1 19 LYS 19 18 18 LYS LYS A . n 
A 1 20 GLN 20 19 19 GLN GLN A . n 
A 1 21 GLU 21 20 20 GLU GLU A . n 
A 1 22 GLU 22 21 21 GLU GLU A . n 
A 1 23 VAL 23 22 22 VAL VAL A . n 
A 1 24 THR 24 23 23 THR THR A . n 
A 1 25 ASN 25 24 24 ASN ASN A . n 
A 1 26 ASN 26 25 25 ASN ASN A . n 
A 1 27 ALA 27 26 26 ALA ALA A . n 
A 1 28 SER 28 27 27 SER SER A . n 
A 1 29 PHE 29 28 28 PHE PHE A . n 
A 1 30 VAL 30 29 29 VAL VAL A . n 
A 1 31 GLU 31 30 30 GLU GLU A . n 
A 1 32 ASP 32 31 31 ASP ASP A . n 
A 1 33 LEU 33 32 32 LEU LEU A . n 
A 1 34 GLY 34 33 33 GLY GLY A . n 
A 1 35 ALA 35 34 34 ALA ALA A . n 
A 1 36 ASP 36 35 35 ASP ASP A . n 
A 1 37 SER 37 36 36 SER PSR A . n 
A 1 38 LEU 38 37 37 LEU LEU A . n 
A 1 39 ASP 39 38 38 ASP ASP A . n 
A 1 40 THR 40 39 39 THR THR A . n 
A 1 41 VAL 41 40 40 VAL VAL A . n 
A 1 42 GLU 42 41 41 GLU GLU A . n 
A 1 43 LEU 43 42 42 LEU LEU A . n 
A 1 44 VAL 44 43 43 VAL VAL A . n 
A 1 45 MET 45 44 44 MET MET A . n 
A 1 46 ALA 46 45 45 ALA ALA A . n 
A 1 47 LEU 47 46 46 LEU LEU A . n 
A 1 48 GLU 48 47 47 GLU GLU A . n 
A 1 49 GLU 49 48 48 GLU GLU A . n 
A 1 50 GLU 50 49 49 GLU GLU A . n 
A 1 51 PHE 51 50 50 PHE PHE A . n 
A 1 52 ASP 52 51 51 ASP ASP A . n 
A 1 53 THR 53 52 52 THR THR A . n 
A 1 54 GLU 54 53 53 GLU GLU A . n 
A 1 55 ILE 55 54 54 ILE ILE A . n 
A 1 56 PRO 56 55 55 PRO PRO A . n 
A 1 57 ASP 57 56 56 ASP ASP A . n 
A 1 58 GLU 58 57 57 GLU GLU A . n 
A 1 59 GLU 59 58 58 GLU GLU A . n 
A 1 60 ALA 60 59 59 ALA ALA A . n 
A 1 61 GLU 61 60 60 GLU GLU A . n 
A 1 62 LYS 62 61 61 LYS LYS A . n 
A 1 63 MET 63 62 62 MET MET A . n 
A 1 64 THR 64 63 63 THR THR A . n 
A 1 65 THR 65 64 64 THR THR A . n 
A 1 66 VAL 66 65 65 VAL VAL A . n 
A 1 67 GLN 67 66 66 GLN GLN A . n 
A 1 68 ALA 68 67 67 ALA ALA A . n 
A 1 69 ALA 69 68 68 ALA ALA A . n 
A 1 70 ILE 70 69 69 ILE ILE A . n 
A 1 71 ASP 71 70 70 ASP ASP A . n 
A 1 72 TYR 72 71 71 TYR TYR A . n 
A 1 73 ILE 73 72 72 ILE ILE A . n 
A 1 74 ASN 74 73 73 ASN ASN A . n 
A 1 75 GLY 75 74 74 GLY GLY A . n 
A 1 76 HIS 76 75 75 HIS HIS A . n 
A 1 77 GLN 77 76 76 GLN GLN A . n 
A 1 78 ALA 78 77 77 ALA ALA A . n 
# 
loop_
_pdbx_nonpoly_scheme.asym_id 
_pdbx_nonpoly_scheme.entity_id 
_pdbx_nonpoly_scheme.mon_id 
_pdbx_nonpoly_scheme.ndb_seq_num 
_pdbx_nonpoly_scheme.pdb_seq_num 
_pdbx_nonpoly_scheme.auth_seq_num 
_pdbx_nonpoly_scheme.pdb_mon_id 
_pdbx_nonpoly_scheme.auth_mon_id 
_pdbx_nonpoly_scheme.pdb_strand_id 
_pdbx_nonpoly_scheme.pdb_ins_code 
B 2 NA  1   1001 1001 NA  NA1 A . 
C 3 ZN  1   1002 1002 ZN  ZN2 A . 
D 4 CAC 1   1003 1003 CAC COC A . 
E 3 ZN  1   1004 1004 ZN  ZN2 A . 
F 3 ZN  1   1005 1005 ZN  ZN2 A . 
G 3 ZN  1   1006 1006 ZN  ZN2 A . 
H 3 ZN  1   1007 1007 ZN  ZN2 A . 
I 3 ZN  1   1008 1008 ZN  ZN2 A . 
J 3 ZN  1   1009 1009 ZN  ZN2 A . 
K 5 PSR 1   78   36   PSR PSR A . 
L 6 HOH 1   2001 2001 HOH HOH A . 
L 6 HOH 2   2002 2002 HOH HOH A . 
L 6 HOH 3   2003 2003 HOH HOH A . 
L 6 HOH 4   2004 2004 HOH HOH A . 
L 6 HOH 5   2005 2005 HOH HOH A . 
L 6 HOH 6   2006 2006 HOH HOH A . 
L 6 HOH 7   2007 2007 HOH HOH A . 
L 6 HOH 8   2008 2008 HOH HOH A . 
L 6 HOH 9   2009 2009 HOH HOH A . 
L 6 HOH 10  2011 2011 HOH HOH A . 
L 6 HOH 11  2012 2012 HOH HOH A . 
L 6 HOH 12  2013 2013 HOH HOH A . 
L 6 HOH 13  2015 2015 HOH HOH A . 
L 6 HOH 14  2016 2016 HOH HOH A . 
L 6 HOH 15  2017 2017 HOH HOH A . 
L 6 HOH 16  2018 2018 HOH HOH A . 
L 6 HOH 17  2019 2019 HOH HOH A . 
L 6 HOH 18  2020 2020 HOH HOH A . 
L 6 HOH 19  2021 2021 HOH HOH A . 
L 6 HOH 20  2022 2022 HOH HOH A . 
L 6 HOH 21  2023 2023 HOH HOH A . 
L 6 HOH 22  2024 2024 HOH HOH A . 
L 6 HOH 23  2025 2025 HOH HOH A . 
L 6 HOH 24  2026 2026 HOH HOH A . 
L 6 HOH 25  2028 2028 HOH HOH A . 
L 6 HOH 26  2029 2029 HOH HOH A . 
L 6 HOH 27  2031 2031 HOH HOH A . 
L 6 HOH 28  2032 2032 HOH HOH A . 
L 6 HOH 29  2033 2033 HOH HOH A . 
L 6 HOH 30  2035 2035 HOH HOH A . 
L 6 HOH 31  2036 2036 HOH HOH A . 
L 6 HOH 32  2037 2037 HOH HOH A . 
L 6 HOH 33  2038 2038 HOH HOH A . 
L 6 HOH 34  2040 2040 HOH HOH A . 
L 6 HOH 35  2041 2041 HOH HOH A . 
L 6 HOH 36  2042 2042 HOH HOH A . 
L 6 HOH 37  2043 2043 HOH HOH A . 
L 6 HOH 38  2044 2044 HOH HOH A . 
L 6 HOH 39  2045 2045 HOH HOH A . 
L 6 HOH 40  2046 2046 HOH HOH A . 
L 6 HOH 41  2047 2047 HOH HOH A . 
L 6 HOH 42  2048 2048 HOH HOH A . 
L 6 HOH 43  2049 2049 HOH HOH A . 
L 6 HOH 44  2051 2051 HOH HOH A . 
L 6 HOH 45  2052 2052 HOH HOH A . 
L 6 HOH 46  2053 2053 HOH HOH A . 
L 6 HOH 47  2055 2055 HOH HOH A . 
L 6 HOH 48  2056 2056 HOH HOH A . 
L 6 HOH 49  2057 2057 HOH HOH A . 
L 6 HOH 50  2058 2058 HOH HOH A . 
L 6 HOH 51  2059 2059 HOH HOH A . 
L 6 HOH 52  2060 2060 HOH HOH A . 
L 6 HOH 53  2061 2061 HOH HOH A . 
L 6 HOH 54  2062 2062 HOH HOH A . 
L 6 HOH 55  2063 2063 HOH HOH A . 
L 6 HOH 56  2064 2064 HOH HOH A . 
L 6 HOH 57  2065 2065 HOH HOH A . 
L 6 HOH 58  2066 2066 HOH HOH A . 
L 6 HOH 59  2068 2068 HOH HOH A . 
L 6 HOH 60  2069 2069 HOH HOH A . 
L 6 HOH 61  2070 2070 HOH HOH A . 
L 6 HOH 62  2071 2071 HOH HOH A . 
L 6 HOH 63  2072 2072 HOH HOH A . 
L 6 HOH 64  2073 2073 HOH HOH A . 
L 6 HOH 65  2076 2076 HOH HOH A . 
L 6 HOH 66  2077 2077 HOH HOH A . 
L 6 HOH 67  2078 2078 HOH HOH A . 
L 6 HOH 68  2080 2080 HOH HOH A . 
L 6 HOH 69  2081 2081 HOH HOH A . 
L 6 HOH 70  2082 2082 HOH HOH A . 
L 6 HOH 71  2083 2083 HOH HOH A . 
L 6 HOH 72  2084 2084 HOH HOH A . 
L 6 HOH 73  2085 2085 HOH HOH A . 
L 6 HOH 74  2086 2086 HOH HOH A . 
L 6 HOH 75  2087 2087 HOH HOH A . 
L 6 HOH 76  2088 2088 HOH HOH A . 
L 6 HOH 77  2090 2090 HOH HOH A . 
L 6 HOH 78  2091 2091 HOH HOH A . 
L 6 HOH 79  2092 2092 HOH HOH A . 
L 6 HOH 80  2093 2093 HOH HOH A . 
L 6 HOH 81  2094 2094 HOH HOH A . 
L 6 HOH 82  2095 2095 HOH HOH A . 
L 6 HOH 83  2096 2096 HOH HOH A . 
L 6 HOH 84  2097 2097 HOH HOH A . 
L 6 HOH 85  2099 2099 HOH HOH A . 
L 6 HOH 86  2100 2100 HOH HOH A . 
L 6 HOH 87  2102 2102 HOH HOH A . 
L 6 HOH 88  2103 2103 HOH HOH A . 
L 6 HOH 89  2105 2105 HOH HOH A . 
L 6 HOH 90  2107 2107 HOH HOH A . 
L 6 HOH 91  2109 2109 HOH HOH A . 
L 6 HOH 92  2110 2110 HOH HOH A . 
L 6 HOH 93  2112 2112 HOH HOH A . 
L 6 HOH 94  2115 2115 HOH HOH A . 
L 6 HOH 95  2116 2116 HOH HOH A . 
L 6 HOH 96  2118 2118 HOH HOH A . 
L 6 HOH 97  2119 2119 HOH HOH A . 
L 6 HOH 98  2120 2120 HOH HOH A . 
L 6 HOH 99  2121 2121 HOH HOH A . 
L 6 HOH 100 2123 2123 HOH HOH A . 
L 6 HOH 101 2124 2124 HOH HOH A . 
L 6 HOH 102 2125 2125 HOH HOH A . 
L 6 HOH 103 2126 2126 HOH HOH A . 
L 6 HOH 104 2127 2127 HOH HOH A . 
L 6 HOH 105 2129 2129 HOH HOH A . 
L 6 HOH 106 2131 2131 HOH HOH A . 
L 6 HOH 107 2135 2135 HOH HOH A . 
L 6 HOH 108 2139 2139 HOH HOH A . 
L 6 HOH 109 2140 2140 HOH HOH A . 
L 6 HOH 110 2141 2141 HOH HOH A . 
L 6 HOH 111 2144 2144 HOH HOH A . 
L 6 HOH 112 2145 2145 HOH HOH A . 
L 6 HOH 113 2146 2146 HOH HOH A . 
L 6 HOH 114 2147 2147 HOH HOH A . 
L 6 HOH 115 2149 2149 HOH HOH A . 
L 6 HOH 116 2154 2154 HOH HOH A . 
L 6 HOH 117 2158 2158 HOH HOH A . 
L 6 HOH 118 2159 2159 HOH HOH A . 
L 6 HOH 119 2163 2163 HOH HOH A . 
L 6 HOH 120 2165 2165 HOH HOH A . 
L 6 HOH 121 2167 2167 HOH HOH A . 
L 6 HOH 122 2168 2168 HOH HOH A . 
L 6 HOH 123 2169 2169 HOH HOH A . 
L 6 HOH 124 2170 2170 HOH HOH A . 
L 6 HOH 125 2171 2170 HOH HOH A . 
L 6 HOH 126 2174 2174 HOH HOH A . 
L 6 HOH 127 2181 2181 HOH HOH A . 
L 6 HOH 128 2183 2183 HOH HOH A . 
L 6 HOH 129 2185 2185 HOH HOH A . 
L 6 HOH 130 2189 2189 HOH HOH A . 
L 6 HOH 131 2191 2191 HOH HOH A . 
L 6 HOH 132 2195 2195 HOH HOH A . 
L 6 HOH 133 2197 2197 HOH HOH A . 
L 6 HOH 134 2198 2198 HOH HOH A . 
L 6 HOH 135 2204 2204 HOH HOH A . 
L 6 HOH 136 2205 2205 HOH HOH A . 
L 6 HOH 137 2206 2206 HOH HOH A . 
L 6 HOH 138 2207 2207 HOH HOH A . 
L 6 HOH 139 2299 2299 HOH HOH A . 
L 6 HOH 140 2301 2301 HOH HOH A . 
L 6 HOH 141 2302 2302 HOH HOH A . 
L 6 HOH 142 2303 2303 HOH HOH A . 
L 6 HOH 143 2304 2304 HOH HOH A . 
L 6 HOH 144 2305 2305 HOH HOH A . 
L 6 HOH 145 2306 2306 HOH HOH A . 
L 6 HOH 146 2307 2307 HOH HOH A . 
L 6 HOH 147 2308 2308 HOH HOH A . 
L 6 HOH 148 2311 2311 HOH HOH A . 
L 6 HOH 149 2316 2316 HOH HOH A . 
L 6 HOH 150 2319 2319 HOH HOH A . 
L 6 HOH 151 2321 2321 HOH HOH A . 
L 6 HOH 152 2327 2327 HOH HOH A . 
L 6 HOH 153 2331 2331 HOH HOH A . 
L 6 HOH 154 2334 2334 HOH HOH A . 
L 6 HOH 155 2444 2444 HOH HOH A . 
L 6 HOH 156 3160 3160 HOH HOH A . 
L 6 HOH 157 3161 3161 HOH HOH A . 
L 6 HOH 158 3162 3162 HOH HOH A . 
L 6 HOH 159 3163 3163 HOH HOH A . 
L 6 HOH 160 3164 3164 HOH HOH A . 
L 6 HOH 161 3165 3165 HOH HOH A . 
L 6 HOH 162 3166 3166 HOH HOH A . 
# 
loop_
_pdbx_unobs_or_zero_occ_atoms.id 
_pdbx_unobs_or_zero_occ_atoms.PDB_model_num 
_pdbx_unobs_or_zero_occ_atoms.polymer_flag 
_pdbx_unobs_or_zero_occ_atoms.occupancy_flag 
_pdbx_unobs_or_zero_occ_atoms.auth_asym_id 
_pdbx_unobs_or_zero_occ_atoms.auth_comp_id 
_pdbx_unobs_or_zero_occ_atoms.auth_seq_id 
_pdbx_unobs_or_zero_occ_atoms.PDB_ins_code 
_pdbx_unobs_or_zero_occ_atoms.auth_atom_id 
_pdbx_unobs_or_zero_occ_atoms.label_alt_id 
_pdbx_unobs_or_zero_occ_atoms.label_asym_id 
_pdbx_unobs_or_zero_occ_atoms.label_comp_id 
_pdbx_unobs_or_zero_occ_atoms.label_seq_id 
_pdbx_unobs_or_zero_occ_atoms.label_atom_id 
1  1 N 0 A PSR 78 ? C28 ? K PSR ? C28 
2  1 N 0 A PSR 78 ? C29 ? K PSR ? C29 
3  1 N 0 A PSR 78 ? C30 ? K PSR ? C30 
4  1 N 0 A PSR 78 ? C31 ? K PSR ? C31 
5  1 N 0 A PSR 78 ? C32 ? K PSR ? C32 
6  1 N 0 A PSR 78 ? O33 ? K PSR ? O33 
7  1 N 0 A PSR 78 ? C34 ? K PSR ? C34 
8  1 N 0 A PSR 78 ? O35 ? K PSR ? O35 
9  1 N 0 A PSR 78 ? N36 ? K PSR ? N36 
10 1 N 0 A PSR 78 ? C37 ? K PSR ? C37 
11 1 N 0 A PSR 78 ? C38 ? K PSR ? C38 
12 1 N 0 A PSR 78 ? C39 ? K PSR ? C39 
13 1 N 0 A PSR 78 ? O40 ? K PSR ? O40 
# 
loop_
_software.name 
_software.classification 
_software.version 
_software.citation_id 
_software.pdbx_ordinal 
Adxv       'data processing' . ? 1 
DENZO      'data reduction'  . ? 2 
SCALEPACK  'data scaling'    . ? 3 
warpntrace 'model building'  . ? 4 
SHELXL-97  refinement        . ? 5 
WARPNTRACE phasing           . ? 6 
# 
_cell.entry_id           1L0I 
_cell.length_a           27.347 
_cell.length_b           41.941 
_cell.length_c           64.533 
_cell.angle_alpha        90.00 
_cell.angle_beta         90.00 
_cell.angle_gamma        90.00 
_cell.Z_PDB              4 
_cell.pdbx_unique_axis   ? 
# 
_symmetry.entry_id                         1L0I 
_symmetry.space_group_name_H-M             'P 21 21 21' 
_symmetry.pdbx_full_space_group_name_H-M   ? 
_symmetry.cell_setting                     ? 
_symmetry.Int_Tables_number                19 
# 
_exptl.entry_id          1L0I 
_exptl.method            'X-RAY DIFFRACTION' 
_exptl.crystals_number   1 
# 
_exptl_crystal.id                    1 
_exptl_crystal.density_meas          ? 
_exptl_crystal.density_Matthews      2.10 
_exptl_crystal.density_percent_sol   45 
_exptl_crystal.description           ? 
# 
_exptl_crystal_grow.crystal_id      1 
_exptl_crystal_grow.method          'VAPOR DIFFUSION, HANGING DROP' 
_exptl_crystal_grow.temp            290 
_exptl_crystal_grow.temp_details    ? 
_exptl_crystal_grow.pH              6.0 
_exptl_crystal_grow.pdbx_details    
'PEG 4000, zinc acetate, sodium cacodylate, pH 6.0, VAPOR DIFFUSION, HANGING DROP, temperature 290K' 
_exptl_crystal_grow.pdbx_pH_range   . 
# 
_diffrn.id                     1 
_diffrn.ambient_temp           100 
_diffrn.ambient_temp_details   ? 
_diffrn.crystal_id             1 
# 
_diffrn_detector.diffrn_id              1 
_diffrn_detector.detector               CCD 
_diffrn_detector.type                   ? 
_diffrn_detector.pdbx_collection_date   2001-05-09 
_diffrn_detector.details                ? 
# 
_diffrn_radiation.diffrn_id                        1 
_diffrn_radiation.wavelength_id                    1 
_diffrn_radiation.pdbx_monochromatic_or_laue_m_l   M 
_diffrn_radiation.monochromator                    ? 
_diffrn_radiation.pdbx_diffrn_protocol             'SINGLE WAVELENGTH' 
_diffrn_radiation.pdbx_scattering_type             x-ray 
# 
_diffrn_radiation_wavelength.id           1 
_diffrn_radiation_wavelength.wavelength   0.978 
_diffrn_radiation_wavelength.wt           1.0 
# 
_diffrn_source.diffrn_id                   1 
_diffrn_source.source                      SYNCHROTRON 
_diffrn_source.type                        'SRS BEAMLINE PX14.2' 
_diffrn_source.pdbx_synchrotron_site       SRS 
_diffrn_source.pdbx_synchrotron_beamline   PX14.2 
_diffrn_source.pdbx_wavelength             ? 
_diffrn_source.pdbx_wavelength_list        0.978 
# 
_reflns.entry_id                     1L0I 
_reflns.observed_criterion_sigma_I   -3.00 
_reflns.observed_criterion_sigma_F   ? 
_reflns.d_resolution_low             15.0 
_reflns.d_resolution_high            1.20 
_reflns.number_obs                   21956 
_reflns.number_all                   ? 
_reflns.percent_possible_obs         92 
_reflns.pdbx_Rmerge_I_obs            0.086 
_reflns.pdbx_Rsym_value              ? 
_reflns.pdbx_netI_over_sigmaI        ? 
_reflns.B_iso_Wilson_estimate        ? 
_reflns.pdbx_redundancy              ? 
_reflns.R_free_details               ? 
_reflns.limit_h_max                  ? 
_reflns.limit_h_min                  ? 
_reflns.limit_k_max                  ? 
_reflns.limit_k_min                  ? 
_reflns.limit_l_max                  ? 
_reflns.limit_l_min                  ? 
_reflns.observed_criterion_F_max     ? 
_reflns.observed_criterion_F_min     ? 
_reflns.pdbx_ordinal                 1 
_reflns.pdbx_diffrn_id               1 
# 
_reflns_shell.d_res_high             1.20 
_reflns_shell.d_res_low              1.22 
_reflns_shell.percent_possible_all   86 
_reflns_shell.Rmerge_I_obs           0.391 
_reflns_shell.pdbx_Rsym_value        ? 
_reflns_shell.meanI_over_sigI_obs    ? 
_reflns_shell.pdbx_redundancy        ? 
_reflns_shell.percent_possible_obs   ? 
_reflns_shell.number_unique_all      ? 
_reflns_shell.pdbx_ordinal           1 
_reflns_shell.pdbx_diffrn_id         1 
# 
_refine.entry_id                                 1L0I 
_refine.ls_number_reflns_obs                     21868 
_refine.ls_number_reflns_all                     21868 
_refine.pdbx_ls_sigma_I                          0.0 
_refine.pdbx_ls_sigma_F                          0.0 
_refine.pdbx_data_cutoff_high_absF               ? 
_refine.pdbx_data_cutoff_low_absF                ? 
_refine.ls_d_res_low                             12 
_refine.ls_d_res_high                            1.20 
_refine.ls_percent_reflns_obs                    ? 
_refine.ls_R_factor_obs                          ? 
_refine.ls_R_factor_all                          ? 
_refine.ls_R_factor_R_work                       0.16 
_refine.ls_R_factor_R_free                       0.193 
_refine.ls_R_factor_R_free_error                 ? 
_refine.ls_R_factor_R_free_error_details         ? 
_refine.ls_percent_reflns_R_free                 5 
_refine.ls_number_reflns_R_free                  ? 
_refine.ls_number_parameters                     7330 
_refine.ls_number_restraints                     8289 
_refine.occupancy_min                            ? 
_refine.occupancy_max                            ? 
_refine.B_iso_mean                               ? 
_refine.aniso_B[1][1]                            ? 
_refine.aniso_B[2][2]                            ? 
_refine.aniso_B[3][3]                            ? 
_refine.aniso_B[1][2]                            ? 
_refine.aniso_B[1][3]                            ? 
_refine.aniso_B[2][3]                            ? 
_refine.solvent_model_details                    ? 
_refine.solvent_model_param_ksol                 ? 
_refine.solvent_model_param_bsol                 ? 
_refine.pdbx_ls_cross_valid_method               THROUGHOUT 
_refine.details                                  ? 
_refine.pdbx_starting_model                      ? 
_refine.pdbx_method_to_determine_struct          MAD 
_refine.pdbx_isotropic_thermal_model             ? 
_refine.pdbx_stereochemistry_target_values       ? 
_refine.pdbx_stereochem_target_val_spec_case     ? 
_refine.pdbx_R_Free_selection_details            RANDOM 
_refine.pdbx_overall_ESU_R_Free                  ? 
_refine.overall_SU_B                             ? 
_refine.ls_redundancy_reflns_obs                 ? 
_refine.B_iso_min                                ? 
_refine.B_iso_max                                ? 
_refine.correlation_coeff_Fo_to_Fc               ? 
_refine.overall_SU_R_Cruickshank_DPI             ? 
_refine.overall_SU_R_free                        ? 
_refine.overall_SU_ML                            ? 
_refine.pdbx_overall_ESU_R                       ? 
_refine.pdbx_data_cutoff_high_rms_absF           ? 
_refine.correlation_coeff_Fo_to_Fc_free          ? 
_refine.pdbx_solvent_vdw_probe_radii             ? 
_refine.pdbx_solvent_ion_probe_radii             ? 
_refine.pdbx_solvent_shrinkage_radii             ? 
_refine.pdbx_refine_id                           'X-RAY DIFFRACTION' 
_refine.pdbx_diffrn_id                           1 
_refine.pdbx_TLS_residual_ADP_flag               ? 
_refine.pdbx_overall_phase_error                 ? 
_refine.pdbx_overall_SU_R_free_Cruickshank_DPI   ? 
_refine.pdbx_overall_SU_R_Blow_DPI               ? 
_refine.pdbx_overall_SU_R_free_Blow_DPI          ? 
# 
_refine_hist.pdbx_refine_id                   'X-RAY DIFFRACTION' 
_refine_hist.cycle_id                         LAST 
_refine_hist.pdbx_number_atoms_protein        597 
_refine_hist.pdbx_number_atoms_nucleic_acid   0 
_refine_hist.pdbx_number_atoms_ligand         39 
_refine_hist.number_atoms_solvent             162 
_refine_hist.number_atoms_total               798 
_refine_hist.d_res_high                       1.20 
_refine_hist.d_res_low                        12 
# 
loop_
_refine_ls_restr.type 
_refine_ls_restr.dev_ideal 
_refine_ls_restr.dev_ideal_target 
_refine_ls_restr.weight 
_refine_ls_restr.number 
_refine_ls_restr.pdbx_refine_id 
_refine_ls_restr.pdbx_restraint_function 
o_angle_deg 2.1   ? ? ? 'X-RAY DIFFRACTION' ? 
o_bond_d    0.009 ? ? ? 'X-RAY DIFFRACTION' ? 
# 
_pdbx_refine.entry_id                                    1L0I 
_pdbx_refine.R_factor_all_no_cutoff                      ? 
_pdbx_refine.R_factor_obs_no_cutoff                      0.16 
_pdbx_refine.free_R_factor_no_cutoff                     ? 
_pdbx_refine.free_R_val_test_set_size_perc_no_cutoff     ? 
_pdbx_refine.free_R_val_test_set_ct_no_cutoff            1102 
_pdbx_refine.R_factor_all_4sig_cutoff                    ? 
_pdbx_refine.R_factor_obs_4sig_cutoff                    0.14 
_pdbx_refine.free_R_factor_4sig_cutoff                   0.177 
_pdbx_refine.free_R_val_test_set_size_perc_4sig_cutoff   ? 
_pdbx_refine.free_R_val_test_set_ct_4sig_cutoff          915 
_pdbx_refine.number_reflns_obs_4sig_cutoff               17712 
_pdbx_refine.number_reflns_obs_no_cutoff                 ? 
_pdbx_refine.pdbx_refine_id                              'X-RAY DIFFRACTION' 
_pdbx_refine.free_R_error_no_cutoff                      ? 
# 
_struct.entry_id                  1L0I 
_struct.title                     'Crystal structure of butyryl-ACP I62M mutant' 
_struct.pdbx_model_details        ? 
_struct.pdbx_CASP_flag            ? 
_struct.pdbx_model_type_details   ? 
# 
_struct_keywords.entry_id        1L0I 
_struct_keywords.pdbx_keywords   'LIPID TRANSPORT' 
_struct_keywords.text            'acyl carrier protein, acyl chain binding, fatty acid biosynthesis, LIPID TRANSPORT' 
# 
loop_
_struct_asym.id 
_struct_asym.pdbx_blank_PDB_chainid_flag 
_struct_asym.pdbx_modified 
_struct_asym.entity_id 
_struct_asym.details 
A N N 1 ? 
B N N 2 ? 
C N N 3 ? 
D N N 4 ? 
E N N 3 ? 
F N N 3 ? 
G N N 3 ? 
H N N 3 ? 
I N N 3 ? 
J N N 3 ? 
K N N 5 ? 
L N N 6 ? 
# 
_struct_ref.id                         1 
_struct_ref.db_name                    UNP 
_struct_ref.db_code                    ACP_ECOLI 
_struct_ref.entity_id                  1 
_struct_ref.pdbx_seq_one_letter_code   MSTIEERVKKIIGEQLGVKQEEVTNNASFVEDLGADSLDTVELVMALEEEFDTEIPDEEAEKITTVQAAIDYINGHQA 
_struct_ref.pdbx_align_begin           0 
_struct_ref.pdbx_db_accession          P0A6A8 
_struct_ref.pdbx_db_isoform            ? 
# 
_struct_ref_seq.align_id                      1 
_struct_ref_seq.ref_id                        1 
_struct_ref_seq.pdbx_PDB_id_code              1L0I 
_struct_ref_seq.pdbx_strand_id                A 
_struct_ref_seq.seq_align_beg                 1 
_struct_ref_seq.pdbx_seq_align_beg_ins_code   ? 
_struct_ref_seq.seq_align_end                 78 
_struct_ref_seq.pdbx_seq_align_end_ins_code   ? 
_struct_ref_seq.pdbx_db_accession             P0A6A8 
_struct_ref_seq.db_align_beg                  0 
_struct_ref_seq.pdbx_db_align_beg_ins_code    ? 
_struct_ref_seq.db_align_end                  77 
_struct_ref_seq.pdbx_db_align_end_ins_code    ? 
_struct_ref_seq.pdbx_auth_seq_align_beg       0 
_struct_ref_seq.pdbx_auth_seq_align_end       77 
# 
_struct_ref_seq_dif.align_id                     1 
_struct_ref_seq_dif.pdbx_pdb_id_code             1L0I 
_struct_ref_seq_dif.mon_id                       MET 
_struct_ref_seq_dif.pdbx_pdb_strand_id           A 
_struct_ref_seq_dif.seq_num                      63 
_struct_ref_seq_dif.pdbx_pdb_ins_code            ? 
_struct_ref_seq_dif.pdbx_seq_db_name             UNP 
_struct_ref_seq_dif.pdbx_seq_db_accession_code   P0A6A8 
_struct_ref_seq_dif.db_mon_id                    ILE 
_struct_ref_seq_dif.pdbx_seq_db_seq_num          62 
_struct_ref_seq_dif.details                      'engineered mutation' 
_struct_ref_seq_dif.pdbx_auth_seq_num            62 
_struct_ref_seq_dif.pdbx_ordinal                 1 
# 
_pdbx_struct_assembly.id                   1 
_pdbx_struct_assembly.details              author_defined_assembly 
_pdbx_struct_assembly.method_details       ? 
_pdbx_struct_assembly.oligomeric_details   monomeric 
_pdbx_struct_assembly.oligomeric_count     1 
# 
_pdbx_struct_assembly_gen.assembly_id       1 
_pdbx_struct_assembly_gen.oper_expression   1 
_pdbx_struct_assembly_gen.asym_id_list      A,B,C,D,E,F,G,H,I,J,K,L 
# 
_pdbx_struct_oper_list.id                   1 
_pdbx_struct_oper_list.type                 'identity operation' 
_pdbx_struct_oper_list.name                 1_555 
_pdbx_struct_oper_list.symmetry_operation   x,y,z 
_pdbx_struct_oper_list.matrix[1][1]         1.0000000000 
_pdbx_struct_oper_list.matrix[1][2]         0.0000000000 
_pdbx_struct_oper_list.matrix[1][3]         0.0000000000 
_pdbx_struct_oper_list.vector[1]            0.0000000000 
_pdbx_struct_oper_list.matrix[2][1]         0.0000000000 
_pdbx_struct_oper_list.matrix[2][2]         1.0000000000 
_pdbx_struct_oper_list.matrix[2][3]         0.0000000000 
_pdbx_struct_oper_list.vector[2]            0.0000000000 
_pdbx_struct_oper_list.matrix[3][1]         0.0000000000 
_pdbx_struct_oper_list.matrix[3][2]         0.0000000000 
_pdbx_struct_oper_list.matrix[3][3]         1.0000000000 
_pdbx_struct_oper_list.vector[3]            0.0000000000 
# 
_struct_biol.id                    1 
_struct_biol.pdbx_parent_biol_id   ? 
_struct_biol.details               ? 
# 
loop_
_struct_conf.conf_type_id 
_struct_conf.id 
_struct_conf.pdbx_PDB_helix_id 
_struct_conf.beg_label_comp_id 
_struct_conf.beg_label_asym_id 
_struct_conf.beg_label_seq_id 
_struct_conf.pdbx_beg_PDB_ins_code 
_struct_conf.end_label_comp_id 
_struct_conf.end_label_asym_id 
_struct_conf.end_label_seq_id 
_struct_conf.pdbx_end_PDB_ins_code 
_struct_conf.beg_auth_comp_id 
_struct_conf.beg_auth_asym_id 
_struct_conf.beg_auth_seq_id 
_struct_conf.end_auth_comp_id 
_struct_conf.end_auth_asym_id 
_struct_conf.end_auth_seq_id 
_struct_conf.pdbx_PDB_helix_class 
_struct_conf.details 
_struct_conf.pdbx_PDB_helix_length 
HELX_P HELX_P1 1 THR A 3  ? GLY A 17 ? THR A 2  GLY A 16 1 ? 15 
HELX_P HELX_P2 2 LYS A 19 ? VAL A 23 ? LYS A 18 VAL A 22 5 ? 5  
HELX_P HELX_P3 3 ASP A 36 ? ASP A 52 ? ASP A 35 ASP A 51 1 ? 17 
HELX_P HELX_P4 4 PRO A 56 ? GLU A 61 ? PRO A 55 GLU A 60 1 ? 6  
HELX_P HELX_P5 5 THR A 65 ? HIS A 76 ? THR A 64 HIS A 75 1 ? 12 
# 
_struct_conf_type.id          HELX_P 
_struct_conf_type.criteria    ? 
_struct_conf_type.reference   ? 
# 
loop_
_struct_conn.id 
_struct_conn.conn_type_id 
_struct_conn.pdbx_leaving_atom_flag 
_struct_conn.pdbx_PDB_id 
_struct_conn.ptnr1_label_asym_id 
_struct_conn.ptnr1_label_comp_id 
_struct_conn.ptnr1_label_seq_id 
_struct_conn.ptnr1_label_atom_id 
_struct_conn.pdbx_ptnr1_label_alt_id 
_struct_conn.pdbx_ptnr1_PDB_ins_code 
_struct_conn.pdbx_ptnr1_standard_comp_id 
_struct_conn.ptnr1_symmetry 
_struct_conn.ptnr2_label_asym_id 
_struct_conn.ptnr2_label_comp_id 
_struct_conn.ptnr2_label_seq_id 
_struct_conn.ptnr2_label_atom_id 
_struct_conn.pdbx_ptnr2_label_alt_id 
_struct_conn.pdbx_ptnr2_PDB_ins_code 
_struct_conn.ptnr1_auth_asym_id 
_struct_conn.ptnr1_auth_comp_id 
_struct_conn.ptnr1_auth_seq_id 
_struct_conn.ptnr2_auth_asym_id 
_struct_conn.ptnr2_auth_comp_id 
_struct_conn.ptnr2_auth_seq_id 
_struct_conn.ptnr2_symmetry 
_struct_conn.pdbx_ptnr3_label_atom_id 
_struct_conn.pdbx_ptnr3_label_seq_id 
_struct_conn.pdbx_ptnr3_label_comp_id 
_struct_conn.pdbx_ptnr3_label_asym_id 
_struct_conn.pdbx_ptnr3_label_alt_id 
_struct_conn.pdbx_ptnr3_PDB_ins_code 
_struct_conn.details 
_struct_conn.pdbx_dist_value 
_struct_conn.pdbx_value_order 
_struct_conn.pdbx_role 
covale1  covale none ? A SER 37 OG  ? ? ? 1_555 K PSR . P24 ? ? A SER 36   A PSR 78   1_555 ? ? ? ? ? ? ? 1.550 ? ? 
metalc1  metalc ?    ? A GLU 14 OE2 ? ? ? 1_555 C ZN  . ZN  ? ? A GLU 13   A ZN  1002 1_555 ? ? ? ? ? ? ? 1.842 ? ? 
metalc2  metalc ?    ? A GLU 22 OE1 ? ? ? 1_555 J ZN  . ZN  ? ? A GLU 21   A ZN  1009 1_555 ? ? ? ? ? ? ? 2.073 ? ? 
metalc3  metalc ?    ? A ASP 32 OD2 ? ? ? 1_555 E ZN  . ZN  ? ? A ASP 31   A ZN  1004 1_555 ? ? ? ? ? ? ? 1.965 ? ? 
metalc4  metalc ?    ? A GLU 48 OE1 ? ? ? 1_555 I ZN  . ZN  ? ? A GLU 47   A ZN  1008 1_555 ? ? ? ? ? ? ? 1.931 ? ? 
metalc5  metalc ?    ? A GLU 49 OE2 A ? ? 1_555 G ZN  . ZN  ? ? A GLU 48   A ZN  1006 1_555 ? ? ? ? ? ? ? 3.091 ? ? 
metalc6  metalc ?    ? A GLU 49 OE1 A ? ? 1_555 G ZN  . ZN  ? ? A GLU 48   A ZN  1006 1_555 ? ? ? ? ? ? ? 2.224 ? ? 
metalc7  metalc ?    ? A GLU 49 OE2 B ? ? 1_555 G ZN  . ZN  ? ? A GLU 48   A ZN  1006 1_555 ? ? ? ? ? ? ? 1.764 ? ? 
metalc8  metalc ?    ? A GLU 54 OE2 ? ? ? 1_555 I ZN  . ZN  ? ? A GLU 53   A ZN  1008 1_555 ? ? ? ? ? ? ? 1.852 ? ? 
metalc9  metalc ?    ? B NA  .  NA  ? ? ? 1_555 L HOH . O   ? ? A NA  1001 A HOH 2002 1_555 ? ? ? ? ? ? ? 2.107 ? ? 
metalc10 metalc ?    ? B NA  .  NA  ? ? ? 1_555 L HOH . O   ? ? A NA  1001 A HOH 2022 1_555 ? ? ? ? ? ? ? 2.118 ? ? 
metalc11 metalc ?    ? B NA  .  NA  ? ? ? 1_555 L HOH . O   ? ? A NA  1001 A HOH 2023 1_555 ? ? ? ? ? ? ? 2.145 ? ? 
metalc12 metalc ?    ? B NA  .  NA  ? ? ? 1_555 L HOH . O   ? ? A NA  1001 A HOH 2071 1_555 ? ? ? ? ? ? ? 2.006 ? ? 
metalc13 metalc ?    ? C ZN  .  ZN  ? ? ? 1_555 D CAC . O1  ? ? A ZN  1002 A CAC 1003 1_555 ? ? ? ? ? ? ? 1.823 ? ? 
metalc14 metalc ?    ? C ZN  .  ZN  ? ? ? 1_555 L HOH . O   ? ? A ZN  1002 A HOH 2319 1_555 ? ? ? ? ? ? ? 2.199 ? ? 
metalc15 metalc ?    ? E ZN  .  ZN  ? ? ? 1_555 L HOH . O   ? ? A ZN  1004 A HOH 2006 1_555 ? ? ? ? ? ? ? 2.009 ? ? 
metalc16 metalc ?    ? E ZN  .  ZN  ? ? ? 1_555 L HOH . O   ? ? A ZN  1004 A HOH 2043 1_555 ? ? ? ? ? ? ? 2.097 ? ? 
metalc17 metalc ?    ? E ZN  .  ZN  ? ? ? 1_555 L HOH . O   ? ? A ZN  1004 A HOH 2044 1_555 ? ? ? ? ? ? ? 1.977 ? ? 
metalc18 metalc ?    ? G ZN  .  ZN  ? ? ? 1_555 L HOH . O   ? ? A ZN  1006 A HOH 2055 1_555 ? ? ? ? ? ? ? 1.899 ? ? 
metalc19 metalc ?    ? H ZN  .  ZN  ? ? ? 1_555 L HOH . O   ? ? A ZN  1007 A HOH 2170 1_555 ? ? ? ? ? ? ? 2.390 ? ? 
metalc20 metalc ?    ? H ZN  .  ZN  ? ? ? 1_555 L HOH . O   ? ? A ZN  1007 A HOH 2171 1_555 ? ? ? ? ? ? ? 2.162 ? ? 
metalc21 metalc ?    ? J ZN  .  ZN  ? ? ? 1_555 L HOH . O   ? ? A ZN  1009 A HOH 2038 1_555 ? ? ? ? ? ? ? 1.859 ? ? 
metalc22 metalc ?    ? J ZN  .  ZN  ? ? ? 1_555 L HOH . O   ? ? A ZN  1009 A HOH 2040 1_555 ? ? ? ? ? ? ? 1.959 ? ? 
# 
loop_
_struct_conn_type.id 
_struct_conn_type.criteria 
_struct_conn_type.reference 
covale ? ? 
metalc ? ? 
# 
loop_
_pdbx_struct_conn_angle.id 
_pdbx_struct_conn_angle.ptnr1_label_atom_id 
_pdbx_struct_conn_angle.ptnr1_label_alt_id 
_pdbx_struct_conn_angle.ptnr1_label_asym_id 
_pdbx_struct_conn_angle.ptnr1_label_comp_id 
_pdbx_struct_conn_angle.ptnr1_label_seq_id 
_pdbx_struct_conn_angle.ptnr1_auth_atom_id 
_pdbx_struct_conn_angle.ptnr1_auth_asym_id 
_pdbx_struct_conn_angle.ptnr1_auth_comp_id 
_pdbx_struct_conn_angle.ptnr1_auth_seq_id 
_pdbx_struct_conn_angle.ptnr1_PDB_ins_code 
_pdbx_struct_conn_angle.ptnr1_symmetry 
_pdbx_struct_conn_angle.ptnr2_label_atom_id 
_pdbx_struct_conn_angle.ptnr2_label_alt_id 
_pdbx_struct_conn_angle.ptnr2_label_asym_id 
_pdbx_struct_conn_angle.ptnr2_label_comp_id 
_pdbx_struct_conn_angle.ptnr2_label_seq_id 
_pdbx_struct_conn_angle.ptnr2_auth_atom_id 
_pdbx_struct_conn_angle.ptnr2_auth_asym_id 
_pdbx_struct_conn_angle.ptnr2_auth_comp_id 
_pdbx_struct_conn_angle.ptnr2_auth_seq_id 
_pdbx_struct_conn_angle.ptnr2_PDB_ins_code 
_pdbx_struct_conn_angle.ptnr2_symmetry 
_pdbx_struct_conn_angle.ptnr3_label_atom_id 
_pdbx_struct_conn_angle.ptnr3_label_alt_id 
_pdbx_struct_conn_angle.ptnr3_label_asym_id 
_pdbx_struct_conn_angle.ptnr3_label_comp_id 
_pdbx_struct_conn_angle.ptnr3_label_seq_id 
_pdbx_struct_conn_angle.ptnr3_auth_atom_id 
_pdbx_struct_conn_angle.ptnr3_auth_asym_id 
_pdbx_struct_conn_angle.ptnr3_auth_comp_id 
_pdbx_struct_conn_angle.ptnr3_auth_seq_id 
_pdbx_struct_conn_angle.ptnr3_PDB_ins_code 
_pdbx_struct_conn_angle.ptnr3_symmetry 
_pdbx_struct_conn_angle.value 
_pdbx_struct_conn_angle.value_esd 
1  OE2 ? A GLU 14 ? A GLU 13   ? 1_555 ZN ? C ZN . ? A ZN 1002 ? 1_555 O1  ? D CAC .  ? A CAC 1003 ? 1_555 120.8 ? 
2  OE2 ? A GLU 14 ? A GLU 13   ? 1_555 ZN ? C ZN . ? A ZN 1002 ? 1_555 O   ? L HOH .  ? A HOH 2319 ? 1_555 116.0 ? 
3  O1  ? D CAC .  ? A CAC 1003 ? 1_555 ZN ? C ZN . ? A ZN 1002 ? 1_555 O   ? L HOH .  ? A HOH 2319 ? 1_555 93.4  ? 
4  OE1 ? A GLU 22 ? A GLU 21   ? 1_555 ZN ? J ZN . ? A ZN 1009 ? 1_555 O   ? L HOH .  ? A HOH 2038 ? 1_555 110.1 ? 
5  OE1 ? A GLU 22 ? A GLU 21   ? 1_555 ZN ? J ZN . ? A ZN 1009 ? 1_555 O   ? L HOH .  ? A HOH 2040 ? 1_555 112.0 ? 
6  O   ? L HOH .  ? A HOH 2038 ? 1_555 ZN ? J ZN . ? A ZN 1009 ? 1_555 O   ? L HOH .  ? A HOH 2040 ? 1_555 109.5 ? 
7  OD2 ? A ASP 32 ? A ASP 31   ? 1_555 ZN ? E ZN . ? A ZN 1004 ? 1_555 O   ? L HOH .  ? A HOH 2006 ? 1_555 93.1  ? 
8  OD2 ? A ASP 32 ? A ASP 31   ? 1_555 ZN ? E ZN . ? A ZN 1004 ? 1_555 O   ? L HOH .  ? A HOH 2043 ? 1_555 90.1  ? 
9  O   ? L HOH .  ? A HOH 2006 ? 1_555 ZN ? E ZN . ? A ZN 1004 ? 1_555 O   ? L HOH .  ? A HOH 2043 ? 1_555 169.4 ? 
10 OD2 ? A ASP 32 ? A ASP 31   ? 1_555 ZN ? E ZN . ? A ZN 1004 ? 1_555 O   ? L HOH .  ? A HOH 2044 ? 1_555 137.4 ? 
11 O   ? L HOH .  ? A HOH 2006 ? 1_555 ZN ? E ZN . ? A ZN 1004 ? 1_555 O   ? L HOH .  ? A HOH 2044 ? 1_555 91.3  ? 
12 O   ? L HOH .  ? A HOH 2043 ? 1_555 ZN ? E ZN . ? A ZN 1004 ? 1_555 O   ? L HOH .  ? A HOH 2044 ? 1_555 79.6  ? 
13 OE1 ? A GLU 48 ? A GLU 47   ? 1_555 ZN ? I ZN . ? A ZN 1008 ? 1_555 OE2 ? A GLU 54 ? A GLU 53   ? 1_555 103.5 ? 
14 OE2 A A GLU 49 ? A GLU 48   ? 1_555 ZN ? G ZN . ? A ZN 1006 ? 1_555 OE1 A A GLU 49 ? A GLU 48   ? 1_555 45.2  ? 
15 OE2 A A GLU 49 ? A GLU 48   ? 1_555 ZN ? G ZN . ? A ZN 1006 ? 1_555 OE2 B A GLU 49 ? A GLU 48   ? 1_555 62.1  ? 
16 OE1 A A GLU 49 ? A GLU 48   ? 1_555 ZN ? G ZN . ? A ZN 1006 ? 1_555 OE2 B A GLU 49 ? A GLU 48   ? 1_555 17.4  ? 
17 OE2 A A GLU 49 ? A GLU 48   ? 1_555 ZN ? G ZN . ? A ZN 1006 ? 1_555 O   ? L HOH .  ? A HOH 2055 ? 1_555 149.9 ? 
18 OE1 A A GLU 49 ? A GLU 48   ? 1_555 ZN ? G ZN . ? A ZN 1006 ? 1_555 O   ? L HOH .  ? A HOH 2055 ? 1_555 105.7 ? 
19 OE2 B A GLU 49 ? A GLU 48   ? 1_555 ZN ? G ZN . ? A ZN 1006 ? 1_555 O   ? L HOH .  ? A HOH 2055 ? 1_555 89.7  ? 
20 O   ? L HOH .  ? A HOH 2002 ? 1_555 NA ? B NA . ? A NA 1001 ? 1_555 O   ? L HOH .  ? A HOH 2022 ? 1_555 78.8  ? 
21 O   ? L HOH .  ? A HOH 2002 ? 1_555 NA ? B NA . ? A NA 1001 ? 1_555 O   ? L HOH .  ? A HOH 2023 ? 1_555 154.0 ? 
22 O   ? L HOH .  ? A HOH 2022 ? 1_555 NA ? B NA . ? A NA 1001 ? 1_555 O   ? L HOH .  ? A HOH 2023 ? 1_555 83.6  ? 
23 O   ? L HOH .  ? A HOH 2002 ? 1_555 NA ? B NA . ? A NA 1001 ? 1_555 O   ? L HOH .  ? A HOH 2071 ? 1_555 74.6  ? 
24 O   ? L HOH .  ? A HOH 2022 ? 1_555 NA ? B NA . ? A NA 1001 ? 1_555 O   ? L HOH .  ? A HOH 2071 ? 1_555 93.8  ? 
25 O   ? L HOH .  ? A HOH 2023 ? 1_555 NA ? B NA . ? A NA 1001 ? 1_555 O   ? L HOH .  ? A HOH 2071 ? 1_555 87.8  ? 
26 O   ? L HOH .  ? A HOH 2170 ? 1_555 ZN ? H ZN . ? A ZN 1007 ? 1_555 O   ? L HOH .  ? A HOH 2171 ? 1_555 59.5  ? 
# 
_pdbx_modification_feature.ordinal                            1 
_pdbx_modification_feature.label_comp_id                      PSR 
_pdbx_modification_feature.label_asym_id                      K 
_pdbx_modification_feature.label_seq_id                       . 
_pdbx_modification_feature.label_alt_id                       ? 
_pdbx_modification_feature.modified_residue_label_comp_id     SER 
_pdbx_modification_feature.modified_residue_label_asym_id     A 
_pdbx_modification_feature.modified_residue_label_seq_id      37 
_pdbx_modification_feature.modified_residue_label_alt_id      ? 
_pdbx_modification_feature.auth_comp_id                       PSR 
_pdbx_modification_feature.auth_asym_id                       A 
_pdbx_modification_feature.auth_seq_id                        78 
_pdbx_modification_feature.PDB_ins_code                       ? 
_pdbx_modification_feature.symmetry                           1_555 
_pdbx_modification_feature.modified_residue_auth_comp_id      SER 
_pdbx_modification_feature.modified_residue_auth_asym_id      A 
_pdbx_modification_feature.modified_residue_auth_seq_id       36 
_pdbx_modification_feature.modified_residue_PDB_ins_code      ? 
_pdbx_modification_feature.modified_residue_symmetry          1_555 
_pdbx_modification_feature.comp_id_linking_atom               P24 
_pdbx_modification_feature.modified_residue_id_linking_atom   OG 
_pdbx_modification_feature.modified_residue_id                SER 
_pdbx_modification_feature.ref_pcm_id                         1 
_pdbx_modification_feature.ref_comp_id                        PSR 
_pdbx_modification_feature.type                               None 
_pdbx_modification_feature.category                           'Covalent chemical modification' 
# 
loop_
_struct_site.id 
_struct_site.pdbx_evidence_code 
_struct_site.pdbx_auth_asym_id 
_struct_site.pdbx_auth_comp_id 
_struct_site.pdbx_auth_seq_id 
_struct_site.pdbx_auth_ins_code 
_struct_site.pdbx_num_residues 
_struct_site.details 
AC1 Software A NA  1001 ? 6 'BINDING SITE FOR RESIDUE NA A 1001'  
AC2 Software A ZN  1002 ? 6 'BINDING SITE FOR RESIDUE ZN A 1002'  
AC3 Software A CAC 1003 ? 6 'BINDING SITE FOR RESIDUE CAC A 1003' 
AC4 Software A ZN  1004 ? 5 'BINDING SITE FOR RESIDUE ZN A 1004'  
AC5 Software A ZN  1005 ? 8 'BINDING SITE FOR RESIDUE ZN A 1005'  
AC6 Software A ZN  1006 ? 6 'BINDING SITE FOR RESIDUE ZN A 1006'  
AC7 Software A ZN  1007 ? 9 'BINDING SITE FOR RESIDUE ZN A 1007'  
AC8 Software A ZN  1008 ? 5 'BINDING SITE FOR RESIDUE ZN A 1008'  
AC9 Software A ZN  1009 ? 4 'BINDING SITE FOR RESIDUE ZN A 1009'  
BC1 Software A PSR 78   ? 7 'BINDING SITE FOR RESIDUE PSR A 78'   
# 
loop_
_struct_site_gen.id 
_struct_site_gen.site_id 
_struct_site_gen.pdbx_num_res 
_struct_site_gen.label_comp_id 
_struct_site_gen.label_asym_id 
_struct_site_gen.label_seq_id 
_struct_site_gen.pdbx_auth_ins_code 
_struct_site_gen.auth_comp_id 
_struct_site_gen.auth_asym_id 
_struct_site_gen.auth_seq_id 
_struct_site_gen.label_atom_id 
_struct_site_gen.label_alt_id 
_struct_site_gen.symmetry 
_struct_site_gen.details 
1  AC1 6 ASP A 57 ? ASP A 56   . ? 1_455 ? 
2  AC1 6 HOH L .  ? HOH A 2002 . ? 1_555 ? 
3  AC1 6 HOH L .  ? HOH A 2022 . ? 1_555 ? 
4  AC1 6 HOH L .  ? HOH A 2023 . ? 1_555 ? 
5  AC1 6 HOH L .  ? HOH A 2051 . ? 1_455 ? 
6  AC1 6 HOH L .  ? HOH A 2071 . ? 1_555 ? 
7  AC2 6 LYS A 10 ? LYS A 9    . ? 1_555 ? 
8  AC2 6 GLU A 14 ? GLU A 13   . ? 1_555 ? 
9  AC2 6 ASP A 52 ? ASP A 51   . ? 4_455 ? 
10 AC2 6 CAC D .  ? CAC A 1003 . ? 1_555 ? 
11 AC2 6 ZN  F .  ? ZN  A 1005 . ? 4_455 ? 
12 AC2 6 HOH L .  ? HOH A 2319 . ? 1_555 ? 
13 AC3 6 GLU A 14 ? GLU A 13   . ? 1_555 ? 
14 AC3 6 ASP A 52 ? ASP A 51   . ? 4_455 ? 
15 AC3 6 GLU A 54 ? GLU A 53   . ? 4_455 ? 
16 AC3 6 ZN  C .  ? ZN  A 1002 . ? 1_555 ? 
17 AC3 6 HOH L .  ? HOH A 2062 . ? 4_555 ? 
18 AC3 6 HOH L .  ? HOH A 2319 . ? 1_555 ? 
19 AC4 5 ASP A 32 ? ASP A 31   . ? 1_555 ? 
20 AC4 5 HIS A 76 ? HIS A 75   . ? 3_645 ? 
21 AC4 5 HOH L .  ? HOH A 2006 . ? 1_555 ? 
22 AC4 5 HOH L .  ? HOH A 2043 . ? 1_555 ? 
23 AC4 5 HOH L .  ? HOH A 2044 . ? 1_555 ? 
24 AC5 8 LYS A 10 ? LYS A 9    . ? 4_555 ? 
25 AC5 8 GLU A 49 ? GLU A 48   . ? 1_555 ? 
26 AC5 8 ZN  C .  ? ZN  A 1002 . ? 4_555 ? 
27 AC5 8 ZN  G .  ? ZN  A 1006 . ? 1_555 ? 
28 AC5 8 HOH L .  ? HOH A 2158 . ? 4_555 ? 
29 AC5 8 HOH L .  ? HOH A 2159 . ? 4_555 ? 
30 AC5 8 HOH L .  ? HOH A 2204 . ? 4_555 ? 
31 AC5 8 HOH L .  ? HOH A 2319 . ? 4_555 ? 
32 AC6 6 GLU A 49 ? GLU A 48   . ? 1_555 ? 
33 AC6 6 GLU A 50 ? GLU A 49   . ? 4_555 ? 
34 AC6 6 ZN  F .  ? ZN  A 1005 . ? 1_555 ? 
35 AC6 6 ZN  H .  ? ZN  A 1007 . ? 1_555 ? 
36 AC6 6 HOH L .  ? HOH A 2055 . ? 1_555 ? 
37 AC6 6 HOH L .  ? HOH A 2158 . ? 4_555 ? 
38 AC7 9 GLU A 48 ? GLU A 47   . ? 1_555 ? 
39 AC7 9 GLU A 49 ? GLU A 48   . ? 1_555 ? 
40 AC7 9 ZN  G .  ? ZN  A 1006 . ? 1_555 ? 
41 AC7 9 ZN  I .  ? ZN  A 1008 . ? 1_555 ? 
42 AC7 9 HOH L .  ? HOH A 2055 . ? 1_555 ? 
43 AC7 9 HOH L .  ? HOH A 2072 . ? 1_655 ? 
44 AC7 9 HOH L .  ? HOH A 2073 . ? 1_655 ? 
45 AC7 9 HOH L .  ? HOH A 2170 . ? 1_555 ? 
46 AC7 9 HOH L .  ? HOH A 2171 . ? 1_555 ? 
47 AC8 5 GLU A 6  ? GLU A 5    . ? 1_655 ? 
48 AC8 5 GLU A 48 ? GLU A 47   . ? 1_555 ? 
49 AC8 5 GLU A 54 ? GLU A 53   . ? 1_555 ? 
50 AC8 5 ZN  H .  ? ZN  A 1007 . ? 1_555 ? 
51 AC8 5 HOH L .  ? HOH A 2073 . ? 1_655 ? 
52 AC9 4 GLU A 22 ? GLU A 21   . ? 1_555 ? 
53 AC9 4 ASP A 36 ? ASP A 35   . ? 4_445 ? 
54 AC9 4 HOH L .  ? HOH A 2038 . ? 1_555 ? 
55 AC9 4 HOH L .  ? HOH A 2040 . ? 1_555 ? 
56 BC1 7 SER A 37 ? SER A 36   . ? 1_555 ? 
57 BC1 7 LEU A 47 ? LEU A 46   . ? 1_555 ? 
58 BC1 7 ALA A 60 ? ALA A 59   . ? 1_555 ? 
59 BC1 7 GLU A 61 ? GLU A 60   . ? 1_555 ? 
60 BC1 7 MET A 63 ? MET A 62   . ? 1_555 ? 
61 BC1 7 THR A 64 ? THR A 63   . ? 1_555 ? 
62 BC1 7 HOH L .  ? HOH A 2331 . ? 4_545 ? 
# 
_pdbx_entry_details.entry_id                   1L0I 
_pdbx_entry_details.compound_details           ? 
_pdbx_entry_details.source_details             ? 
_pdbx_entry_details.nonpolymer_details         ? 
_pdbx_entry_details.sequence_details           ? 
_pdbx_entry_details.has_ligand_of_interest     ? 
_pdbx_entry_details.has_protein_modification   Y 
# 
_pdbx_validate_close_contact.id               1 
_pdbx_validate_close_contact.PDB_model_num    1 
_pdbx_validate_close_contact.auth_atom_id_1   ZN 
_pdbx_validate_close_contact.auth_asym_id_1   A 
_pdbx_validate_close_contact.auth_comp_id_1   ZN 
_pdbx_validate_close_contact.auth_seq_id_1    1007 
_pdbx_validate_close_contact.PDB_ins_code_1   ? 
_pdbx_validate_close_contact.label_alt_id_1   ? 
_pdbx_validate_close_contact.auth_atom_id_2   O 
_pdbx_validate_close_contact.auth_asym_id_2   A 
_pdbx_validate_close_contact.auth_comp_id_2   HOH 
_pdbx_validate_close_contact.auth_seq_id_2    2055 
_pdbx_validate_close_contact.PDB_ins_code_2   ? 
_pdbx_validate_close_contact.label_alt_id_2   ? 
_pdbx_validate_close_contact.dist             1.63 
# 
loop_
_pdbx_validate_symm_contact.id 
_pdbx_validate_symm_contact.PDB_model_num 
_pdbx_validate_symm_contact.auth_atom_id_1 
_pdbx_validate_symm_contact.auth_asym_id_1 
_pdbx_validate_symm_contact.auth_comp_id_1 
_pdbx_validate_symm_contact.auth_seq_id_1 
_pdbx_validate_symm_contact.PDB_ins_code_1 
_pdbx_validate_symm_contact.label_alt_id_1 
_pdbx_validate_symm_contact.site_symmetry_1 
_pdbx_validate_symm_contact.auth_atom_id_2 
_pdbx_validate_symm_contact.auth_asym_id_2 
_pdbx_validate_symm_contact.auth_comp_id_2 
_pdbx_validate_symm_contact.auth_seq_id_2 
_pdbx_validate_symm_contact.PDB_ins_code_2 
_pdbx_validate_symm_contact.label_alt_id_2 
_pdbx_validate_symm_contact.site_symmetry_2 
_pdbx_validate_symm_contact.dist 
1 1 ZN A ZN 1005 ? ? 1_555 O A HOH 2319 ? ? 4_555 1.44 
2 1 ZN A ZN 1005 ? ? 1_555 O A HOH 2158 ? ? 4_555 1.55 
# 
_pdbx_validate_rmsd_bond.id                        1 
_pdbx_validate_rmsd_bond.PDB_model_num             1 
_pdbx_validate_rmsd_bond.auth_atom_id_1            CB 
_pdbx_validate_rmsd_bond.auth_asym_id_1            A 
_pdbx_validate_rmsd_bond.auth_comp_id_1            SER 
_pdbx_validate_rmsd_bond.auth_seq_id_1             1 
_pdbx_validate_rmsd_bond.PDB_ins_code_1            ? 
_pdbx_validate_rmsd_bond.label_alt_id_1            B 
_pdbx_validate_rmsd_bond.auth_atom_id_2            OG 
_pdbx_validate_rmsd_bond.auth_asym_id_2            A 
_pdbx_validate_rmsd_bond.auth_comp_id_2            SER 
_pdbx_validate_rmsd_bond.auth_seq_id_2             1 
_pdbx_validate_rmsd_bond.PDB_ins_code_2            ? 
_pdbx_validate_rmsd_bond.label_alt_id_2            B 
_pdbx_validate_rmsd_bond.bond_value                1.255 
_pdbx_validate_rmsd_bond.bond_target_value         1.418 
_pdbx_validate_rmsd_bond.bond_deviation            -0.163 
_pdbx_validate_rmsd_bond.bond_standard_deviation   0.013 
_pdbx_validate_rmsd_bond.linker_flag               N 
# 
_pdbx_validate_rmsd_angle.id                         1 
_pdbx_validate_rmsd_angle.PDB_model_num              1 
_pdbx_validate_rmsd_angle.auth_atom_id_1             CB 
_pdbx_validate_rmsd_angle.auth_asym_id_1             A 
_pdbx_validate_rmsd_angle.auth_comp_id_1             TYR 
_pdbx_validate_rmsd_angle.auth_seq_id_1              71 
_pdbx_validate_rmsd_angle.PDB_ins_code_1             ? 
_pdbx_validate_rmsd_angle.label_alt_id_1             ? 
_pdbx_validate_rmsd_angle.auth_atom_id_2             CG 
_pdbx_validate_rmsd_angle.auth_asym_id_2             A 
_pdbx_validate_rmsd_angle.auth_comp_id_2             TYR 
_pdbx_validate_rmsd_angle.auth_seq_id_2              71 
_pdbx_validate_rmsd_angle.PDB_ins_code_2             ? 
_pdbx_validate_rmsd_angle.label_alt_id_2             ? 
_pdbx_validate_rmsd_angle.auth_atom_id_3             CD2 
_pdbx_validate_rmsd_angle.auth_asym_id_3             A 
_pdbx_validate_rmsd_angle.auth_comp_id_3             TYR 
_pdbx_validate_rmsd_angle.auth_seq_id_3              71 
_pdbx_validate_rmsd_angle.PDB_ins_code_3             ? 
_pdbx_validate_rmsd_angle.label_alt_id_3             ? 
_pdbx_validate_rmsd_angle.angle_value                125.17 
_pdbx_validate_rmsd_angle.angle_target_value         121.00 
_pdbx_validate_rmsd_angle.angle_deviation            4.17 
_pdbx_validate_rmsd_angle.angle_standard_deviation   0.60 
_pdbx_validate_rmsd_angle.linker_flag                N 
# 
_pdbx_database_remark.id     300 
_pdbx_database_remark.text   
;Only the butryl, beta-mercaptoethylamine and phosphate moieties of the 
acylated 4' phosphopantetheine group (PSR) attached to ACP were seen in the 
electron density. The rest of the 4' phosphopantetheine group was modelled
in a stereochemically reasonable manner but omitted from the refinement 
process (occupancies set to 0.00).
;
# 
_pdbx_unobs_or_zero_occ_residues.id               1 
_pdbx_unobs_or_zero_occ_residues.PDB_model_num    1 
_pdbx_unobs_or_zero_occ_residues.polymer_flag     Y 
_pdbx_unobs_or_zero_occ_residues.occupancy_flag   1 
_pdbx_unobs_or_zero_occ_residues.auth_asym_id     A 
_pdbx_unobs_or_zero_occ_residues.auth_comp_id     MET 
_pdbx_unobs_or_zero_occ_residues.auth_seq_id      0 
_pdbx_unobs_or_zero_occ_residues.PDB_ins_code     ? 
_pdbx_unobs_or_zero_occ_residues.label_asym_id    A 
_pdbx_unobs_or_zero_occ_residues.label_comp_id    MET 
_pdbx_unobs_or_zero_occ_residues.label_seq_id     1 
# 
loop_
_chem_comp_atom.comp_id 
_chem_comp_atom.atom_id 
_chem_comp_atom.type_symbol 
_chem_comp_atom.pdbx_aromatic_flag 
_chem_comp_atom.pdbx_stereo_config 
_chem_comp_atom.pdbx_ordinal 
ALA N    N  N N 1   
ALA CA   C  N S 2   
ALA C    C  N N 3   
ALA O    O  N N 4   
ALA CB   C  N N 5   
ALA OXT  O  N N 6   
ALA H    H  N N 7   
ALA H2   H  N N 8   
ALA HA   H  N N 9   
ALA HB1  H  N N 10  
ALA HB2  H  N N 11  
ALA HB3  H  N N 12  
ALA HXT  H  N N 13  
ARG N    N  N N 14  
ARG CA   C  N S 15  
ARG C    C  N N 16  
ARG O    O  N N 17  
ARG CB   C  N N 18  
ARG CG   C  N N 19  
ARG CD   C  N N 20  
ARG NE   N  N N 21  
ARG CZ   C  N N 22  
ARG NH1  N  N N 23  
ARG NH2  N  N N 24  
ARG OXT  O  N N 25  
ARG H    H  N N 26  
ARG H2   H  N N 27  
ARG HA   H  N N 28  
ARG HB2  H  N N 29  
ARG HB3  H  N N 30  
ARG HG2  H  N N 31  
ARG HG3  H  N N 32  
ARG HD2  H  N N 33  
ARG HD3  H  N N 34  
ARG HE   H  N N 35  
ARG HH11 H  N N 36  
ARG HH12 H  N N 37  
ARG HH21 H  N N 38  
ARG HH22 H  N N 39  
ARG HXT  H  N N 40  
ASN N    N  N N 41  
ASN CA   C  N S 42  
ASN C    C  N N 43  
ASN O    O  N N 44  
ASN CB   C  N N 45  
ASN CG   C  N N 46  
ASN OD1  O  N N 47  
ASN ND2  N  N N 48  
ASN OXT  O  N N 49  
ASN H    H  N N 50  
ASN H2   H  N N 51  
ASN HA   H  N N 52  
ASN HB2  H  N N 53  
ASN HB3  H  N N 54  
ASN HD21 H  N N 55  
ASN HD22 H  N N 56  
ASN HXT  H  N N 57  
ASP N    N  N N 58  
ASP CA   C  N S 59  
ASP C    C  N N 60  
ASP O    O  N N 61  
ASP CB   C  N N 62  
ASP CG   C  N N 63  
ASP OD1  O  N N 64  
ASP OD2  O  N N 65  
ASP OXT  O  N N 66  
ASP H    H  N N 67  
ASP H2   H  N N 68  
ASP HA   H  N N 69  
ASP HB2  H  N N 70  
ASP HB3  H  N N 71  
ASP HD2  H  N N 72  
ASP HXT  H  N N 73  
CAC AS   AS N N 74  
CAC O1   O  N N 75  
CAC O2   O  N N 76  
CAC C1   C  N N 77  
CAC C2   C  N N 78  
CAC H11  H  N N 79  
CAC H12  H  N N 80  
CAC H13  H  N N 81  
CAC H21  H  N N 82  
CAC H22  H  N N 83  
CAC H23  H  N N 84  
GLN N    N  N N 85  
GLN CA   C  N S 86  
GLN C    C  N N 87  
GLN O    O  N N 88  
GLN CB   C  N N 89  
GLN CG   C  N N 90  
GLN CD   C  N N 91  
GLN OE1  O  N N 92  
GLN NE2  N  N N 93  
GLN OXT  O  N N 94  
GLN H    H  N N 95  
GLN H2   H  N N 96  
GLN HA   H  N N 97  
GLN HB2  H  N N 98  
GLN HB3  H  N N 99  
GLN HG2  H  N N 100 
GLN HG3  H  N N 101 
GLN HE21 H  N N 102 
GLN HE22 H  N N 103 
GLN HXT  H  N N 104 
GLU N    N  N N 105 
GLU CA   C  N S 106 
GLU C    C  N N 107 
GLU O    O  N N 108 
GLU CB   C  N N 109 
GLU CG   C  N N 110 
GLU CD   C  N N 111 
GLU OE1  O  N N 112 
GLU OE2  O  N N 113 
GLU OXT  O  N N 114 
GLU H    H  N N 115 
GLU H2   H  N N 116 
GLU HA   H  N N 117 
GLU HB2  H  N N 118 
GLU HB3  H  N N 119 
GLU HG2  H  N N 120 
GLU HG3  H  N N 121 
GLU HE2  H  N N 122 
GLU HXT  H  N N 123 
GLY N    N  N N 124 
GLY CA   C  N N 125 
GLY C    C  N N 126 
GLY O    O  N N 127 
GLY OXT  O  N N 128 
GLY H    H  N N 129 
GLY H2   H  N N 130 
GLY HA2  H  N N 131 
GLY HA3  H  N N 132 
GLY HXT  H  N N 133 
HIS N    N  N N 134 
HIS CA   C  N S 135 
HIS C    C  N N 136 
HIS O    O  N N 137 
HIS CB   C  N N 138 
HIS CG   C  Y N 139 
HIS ND1  N  Y N 140 
HIS CD2  C  Y N 141 
HIS CE1  C  Y N 142 
HIS NE2  N  Y N 143 
HIS OXT  O  N N 144 
HIS H    H  N N 145 
HIS H2   H  N N 146 
HIS HA   H  N N 147 
HIS HB2  H  N N 148 
HIS HB3  H  N N 149 
HIS HD1  H  N N 150 
HIS HD2  H  N N 151 
HIS HE1  H  N N 152 
HIS HE2  H  N N 153 
HIS HXT  H  N N 154 
HOH O    O  N N 155 
HOH H1   H  N N 156 
HOH H2   H  N N 157 
ILE N    N  N N 158 
ILE CA   C  N S 159 
ILE C    C  N N 160 
ILE O    O  N N 161 
ILE CB   C  N S 162 
ILE CG1  C  N N 163 
ILE CG2  C  N N 164 
ILE CD1  C  N N 165 
ILE OXT  O  N N 166 
ILE H    H  N N 167 
ILE H2   H  N N 168 
ILE HA   H  N N 169 
ILE HB   H  N N 170 
ILE HG12 H  N N 171 
ILE HG13 H  N N 172 
ILE HG21 H  N N 173 
ILE HG22 H  N N 174 
ILE HG23 H  N N 175 
ILE HD11 H  N N 176 
ILE HD12 H  N N 177 
ILE HD13 H  N N 178 
ILE HXT  H  N N 179 
LEU N    N  N N 180 
LEU CA   C  N S 181 
LEU C    C  N N 182 
LEU O    O  N N 183 
LEU CB   C  N N 184 
LEU CG   C  N N 185 
LEU CD1  C  N N 186 
LEU CD2  C  N N 187 
LEU OXT  O  N N 188 
LEU H    H  N N 189 
LEU H2   H  N N 190 
LEU HA   H  N N 191 
LEU HB2  H  N N 192 
LEU HB3  H  N N 193 
LEU HG   H  N N 194 
LEU HD11 H  N N 195 
LEU HD12 H  N N 196 
LEU HD13 H  N N 197 
LEU HD21 H  N N 198 
LEU HD22 H  N N 199 
LEU HD23 H  N N 200 
LEU HXT  H  N N 201 
LYS N    N  N N 202 
LYS CA   C  N S 203 
LYS C    C  N N 204 
LYS O    O  N N 205 
LYS CB   C  N N 206 
LYS CG   C  N N 207 
LYS CD   C  N N 208 
LYS CE   C  N N 209 
LYS NZ   N  N N 210 
LYS OXT  O  N N 211 
LYS H    H  N N 212 
LYS H2   H  N N 213 
LYS HA   H  N N 214 
LYS HB2  H  N N 215 
LYS HB3  H  N N 216 
LYS HG2  H  N N 217 
LYS HG3  H  N N 218 
LYS HD2  H  N N 219 
LYS HD3  H  N N 220 
LYS HE2  H  N N 221 
LYS HE3  H  N N 222 
LYS HZ1  H  N N 223 
LYS HZ2  H  N N 224 
LYS HZ3  H  N N 225 
LYS HXT  H  N N 226 
MET N    N  N N 227 
MET CA   C  N S 228 
MET C    C  N N 229 
MET O    O  N N 230 
MET CB   C  N N 231 
MET CG   C  N N 232 
MET SD   S  N N 233 
MET CE   C  N N 234 
MET OXT  O  N N 235 
MET H    H  N N 236 
MET H2   H  N N 237 
MET HA   H  N N 238 
MET HB2  H  N N 239 
MET HB3  H  N N 240 
MET HG2  H  N N 241 
MET HG3  H  N N 242 
MET HE1  H  N N 243 
MET HE2  H  N N 244 
MET HE3  H  N N 245 
MET HXT  H  N N 246 
NA  NA   NA N N 247 
PHE N    N  N N 248 
PHE CA   C  N S 249 
PHE C    C  N N 250 
PHE O    O  N N 251 
PHE CB   C  N N 252 
PHE CG   C  Y N 253 
PHE CD1  C  Y N 254 
PHE CD2  C  Y N 255 
PHE CE1  C  Y N 256 
PHE CE2  C  Y N 257 
PHE CZ   C  Y N 258 
PHE OXT  O  N N 259 
PHE H    H  N N 260 
PHE H2   H  N N 261 
PHE HA   H  N N 262 
PHE HB2  H  N N 263 
PHE HB3  H  N N 264 
PHE HD1  H  N N 265 
PHE HD2  H  N N 266 
PHE HE1  H  N N 267 
PHE HE2  H  N N 268 
PHE HZ   H  N N 269 
PHE HXT  H  N N 270 
PRO N    N  N N 271 
PRO CA   C  N S 272 
PRO C    C  N N 273 
PRO O    O  N N 274 
PRO CB   C  N N 275 
PRO CG   C  N N 276 
PRO CD   C  N N 277 
PRO OXT  O  N N 278 
PRO H    H  N N 279 
PRO HA   H  N N 280 
PRO HB2  H  N N 281 
PRO HB3  H  N N 282 
PRO HG2  H  N N 283 
PRO HG3  H  N N 284 
PRO HD2  H  N N 285 
PRO HD3  H  N N 286 
PRO HXT  H  N N 287 
PSR O23  O  N N 288 
PSR P24  P  N N 289 
PSR O25  O  N N 290 
PSR O26  O  N N 291 
PSR O27  O  N N 292 
PSR C28  C  N N 293 
PSR C29  C  N N 294 
PSR C30  C  N N 295 
PSR C31  C  N N 296 
PSR C32  C  N S 297 
PSR O33  O  N N 298 
PSR C34  C  N N 299 
PSR O35  O  N N 300 
PSR N36  N  N N 301 
PSR C37  C  N N 302 
PSR C38  C  N N 303 
PSR C39  C  N N 304 
PSR O40  O  N N 305 
PSR N41  N  N N 306 
PSR C42  C  N N 307 
PSR C43  C  N N 308 
PSR S1   S  N N 309 
PSR C1   C  N N 310 
PSR O1   O  N N 311 
PSR C2   C  N N 312 
PSR C3   C  N N 313 
PSR C4   C  N N 314 
PSR H231 H  N N 315 
PSR H261 H  N N 316 
PSR H281 H  N N 317 
PSR H282 H  N N 318 
PSR H301 H  N N 319 
PSR H302 H  N N 320 
PSR H303 H  N N 321 
PSR H311 H  N N 322 
PSR H312 H  N N 323 
PSR H313 H  N N 324 
PSR H321 H  N N 325 
PSR H331 H  N N 326 
PSR H361 H  N N 327 
PSR H371 H  N N 328 
PSR H372 H  N N 329 
PSR H381 H  N N 330 
PSR H382 H  N N 331 
PSR H411 H  N N 332 
PSR H421 H  N N 333 
PSR H422 H  N N 334 
PSR H431 H  N N 335 
PSR H432 H  N N 336 
PSR HC21 H  N N 337 
PSR HC22 H  N N 338 
PSR HC31 H  N N 339 
PSR HC32 H  N N 340 
PSR HC41 H  N N 341 
PSR HC42 H  N N 342 
PSR HC43 H  N N 343 
SER N    N  N N 344 
SER CA   C  N S 345 
SER C    C  N N 346 
SER O    O  N N 347 
SER CB   C  N N 348 
SER OG   O  N N 349 
SER OXT  O  N N 350 
SER H    H  N N 351 
SER H2   H  N N 352 
SER HA   H  N N 353 
SER HB2  H  N N 354 
SER HB3  H  N N 355 
SER HG   H  N N 356 
SER HXT  H  N N 357 
THR N    N  N N 358 
THR CA   C  N S 359 
THR C    C  N N 360 
THR O    O  N N 361 
THR CB   C  N R 362 
THR OG1  O  N N 363 
THR CG2  C  N N 364 
THR OXT  O  N N 365 
THR H    H  N N 366 
THR H2   H  N N 367 
THR HA   H  N N 368 
THR HB   H  N N 369 
THR HG1  H  N N 370 
THR HG21 H  N N 371 
THR HG22 H  N N 372 
THR HG23 H  N N 373 
THR HXT  H  N N 374 
TYR N    N  N N 375 
TYR CA   C  N S 376 
TYR C    C  N N 377 
TYR O    O  N N 378 
TYR CB   C  N N 379 
TYR CG   C  Y N 380 
TYR CD1  C  Y N 381 
TYR CD2  C  Y N 382 
TYR CE1  C  Y N 383 
TYR CE2  C  Y N 384 
TYR CZ   C  Y N 385 
TYR OH   O  N N 386 
TYR OXT  O  N N 387 
TYR H    H  N N 388 
TYR H2   H  N N 389 
TYR HA   H  N N 390 
TYR HB2  H  N N 391 
TYR HB3  H  N N 392 
TYR HD1  H  N N 393 
TYR HD2  H  N N 394 
TYR HE1  H  N N 395 
TYR HE2  H  N N 396 
TYR HH   H  N N 397 
TYR HXT  H  N N 398 
VAL N    N  N N 399 
VAL CA   C  N S 400 
VAL C    C  N N 401 
VAL O    O  N N 402 
VAL CB   C  N N 403 
VAL CG1  C  N N 404 
VAL CG2  C  N N 405 
VAL OXT  O  N N 406 
VAL H    H  N N 407 
VAL H2   H  N N 408 
VAL HA   H  N N 409 
VAL HB   H  N N 410 
VAL HG11 H  N N 411 
VAL HG12 H  N N 412 
VAL HG13 H  N N 413 
VAL HG21 H  N N 414 
VAL HG22 H  N N 415 
VAL HG23 H  N N 416 
VAL HXT  H  N N 417 
ZN  ZN   ZN N N 418 
# 
loop_
_chem_comp_bond.comp_id 
_chem_comp_bond.atom_id_1 
_chem_comp_bond.atom_id_2 
_chem_comp_bond.value_order 
_chem_comp_bond.pdbx_aromatic_flag 
_chem_comp_bond.pdbx_stereo_config 
_chem_comp_bond.pdbx_ordinal 
ALA N   CA   sing N N 1   
ALA N   H    sing N N 2   
ALA N   H2   sing N N 3   
ALA CA  C    sing N N 4   
ALA CA  CB   sing N N 5   
ALA CA  HA   sing N N 6   
ALA C   O    doub N N 7   
ALA C   OXT  sing N N 8   
ALA CB  HB1  sing N N 9   
ALA CB  HB2  sing N N 10  
ALA CB  HB3  sing N N 11  
ALA OXT HXT  sing N N 12  
ARG N   CA   sing N N 13  
ARG N   H    sing N N 14  
ARG N   H2   sing N N 15  
ARG CA  C    sing N N 16  
ARG CA  CB   sing N N 17  
ARG CA  HA   sing N N 18  
ARG C   O    doub N N 19  
ARG C   OXT  sing N N 20  
ARG CB  CG   sing N N 21  
ARG CB  HB2  sing N N 22  
ARG CB  HB3  sing N N 23  
ARG CG  CD   sing N N 24  
ARG CG  HG2  sing N N 25  
ARG CG  HG3  sing N N 26  
ARG CD  NE   sing N N 27  
ARG CD  HD2  sing N N 28  
ARG CD  HD3  sing N N 29  
ARG NE  CZ   sing N N 30  
ARG NE  HE   sing N N 31  
ARG CZ  NH1  sing N N 32  
ARG CZ  NH2  doub N N 33  
ARG NH1 HH11 sing N N 34  
ARG NH1 HH12 sing N N 35  
ARG NH2 HH21 sing N N 36  
ARG NH2 HH22 sing N N 37  
ARG OXT HXT  sing N N 38  
ASN N   CA   sing N N 39  
ASN N   H    sing N N 40  
ASN N   H2   sing N N 41  
ASN CA  C    sing N N 42  
ASN CA  CB   sing N N 43  
ASN CA  HA   sing N N 44  
ASN C   O    doub N N 45  
ASN C   OXT  sing N N 46  
ASN CB  CG   sing N N 47  
ASN CB  HB2  sing N N 48  
ASN CB  HB3  sing N N 49  
ASN CG  OD1  doub N N 50  
ASN CG  ND2  sing N N 51  
ASN ND2 HD21 sing N N 52  
ASN ND2 HD22 sing N N 53  
ASN OXT HXT  sing N N 54  
ASP N   CA   sing N N 55  
ASP N   H    sing N N 56  
ASP N   H2   sing N N 57  
ASP CA  C    sing N N 58  
ASP CA  CB   sing N N 59  
ASP CA  HA   sing N N 60  
ASP C   O    doub N N 61  
ASP C   OXT  sing N N 62  
ASP CB  CG   sing N N 63  
ASP CB  HB2  sing N N 64  
ASP CB  HB3  sing N N 65  
ASP CG  OD1  doub N N 66  
ASP CG  OD2  sing N N 67  
ASP OD2 HD2  sing N N 68  
ASP OXT HXT  sing N N 69  
CAC AS  O1   doub N N 70  
CAC AS  O2   sing N N 71  
CAC AS  C1   sing N N 72  
CAC AS  C2   sing N N 73  
CAC C1  H11  sing N N 74  
CAC C1  H12  sing N N 75  
CAC C1  H13  sing N N 76  
CAC C2  H21  sing N N 77  
CAC C2  H22  sing N N 78  
CAC C2  H23  sing N N 79  
GLN N   CA   sing N N 80  
GLN N   H    sing N N 81  
GLN N   H2   sing N N 82  
GLN CA  C    sing N N 83  
GLN CA  CB   sing N N 84  
GLN CA  HA   sing N N 85  
GLN C   O    doub N N 86  
GLN C   OXT  sing N N 87  
GLN CB  CG   sing N N 88  
GLN CB  HB2  sing N N 89  
GLN CB  HB3  sing N N 90  
GLN CG  CD   sing N N 91  
GLN CG  HG2  sing N N 92  
GLN CG  HG3  sing N N 93  
GLN CD  OE1  doub N N 94  
GLN CD  NE2  sing N N 95  
GLN NE2 HE21 sing N N 96  
GLN NE2 HE22 sing N N 97  
GLN OXT HXT  sing N N 98  
GLU N   CA   sing N N 99  
GLU N   H    sing N N 100 
GLU N   H2   sing N N 101 
GLU CA  C    sing N N 102 
GLU CA  CB   sing N N 103 
GLU CA  HA   sing N N 104 
GLU C   O    doub N N 105 
GLU C   OXT  sing N N 106 
GLU CB  CG   sing N N 107 
GLU CB  HB2  sing N N 108 
GLU CB  HB3  sing N N 109 
GLU CG  CD   sing N N 110 
GLU CG  HG2  sing N N 111 
GLU CG  HG3  sing N N 112 
GLU CD  OE1  doub N N 113 
GLU CD  OE2  sing N N 114 
GLU OE2 HE2  sing N N 115 
GLU OXT HXT  sing N N 116 
GLY N   CA   sing N N 117 
GLY N   H    sing N N 118 
GLY N   H2   sing N N 119 
GLY CA  C    sing N N 120 
GLY CA  HA2  sing N N 121 
GLY CA  HA3  sing N N 122 
GLY C   O    doub N N 123 
GLY C   OXT  sing N N 124 
GLY OXT HXT  sing N N 125 
HIS N   CA   sing N N 126 
HIS N   H    sing N N 127 
HIS N   H2   sing N N 128 
HIS CA  C    sing N N 129 
HIS CA  CB   sing N N 130 
HIS CA  HA   sing N N 131 
HIS C   O    doub N N 132 
HIS C   OXT  sing N N 133 
HIS CB  CG   sing N N 134 
HIS CB  HB2  sing N N 135 
HIS CB  HB3  sing N N 136 
HIS CG  ND1  sing Y N 137 
HIS CG  CD2  doub Y N 138 
HIS ND1 CE1  doub Y N 139 
HIS ND1 HD1  sing N N 140 
HIS CD2 NE2  sing Y N 141 
HIS CD2 HD2  sing N N 142 
HIS CE1 NE2  sing Y N 143 
HIS CE1 HE1  sing N N 144 
HIS NE2 HE2  sing N N 145 
HIS OXT HXT  sing N N 146 
HOH O   H1   sing N N 147 
HOH O   H2   sing N N 148 
ILE N   CA   sing N N 149 
ILE N   H    sing N N 150 
ILE N   H2   sing N N 151 
ILE CA  C    sing N N 152 
ILE CA  CB   sing N N 153 
ILE CA  HA   sing N N 154 
ILE C   O    doub N N 155 
ILE C   OXT  sing N N 156 
ILE CB  CG1  sing N N 157 
ILE CB  CG2  sing N N 158 
ILE CB  HB   sing N N 159 
ILE CG1 CD1  sing N N 160 
ILE CG1 HG12 sing N N 161 
ILE CG1 HG13 sing N N 162 
ILE CG2 HG21 sing N N 163 
ILE CG2 HG22 sing N N 164 
ILE CG2 HG23 sing N N 165 
ILE CD1 HD11 sing N N 166 
ILE CD1 HD12 sing N N 167 
ILE CD1 HD13 sing N N 168 
ILE OXT HXT  sing N N 169 
LEU N   CA   sing N N 170 
LEU N   H    sing N N 171 
LEU N   H2   sing N N 172 
LEU CA  C    sing N N 173 
LEU CA  CB   sing N N 174 
LEU CA  HA   sing N N 175 
LEU C   O    doub N N 176 
LEU C   OXT  sing N N 177 
LEU CB  CG   sing N N 178 
LEU CB  HB2  sing N N 179 
LEU CB  HB3  sing N N 180 
LEU CG  CD1  sing N N 181 
LEU CG  CD2  sing N N 182 
LEU CG  HG   sing N N 183 
LEU CD1 HD11 sing N N 184 
LEU CD1 HD12 sing N N 185 
LEU CD1 HD13 sing N N 186 
LEU CD2 HD21 sing N N 187 
LEU CD2 HD22 sing N N 188 
LEU CD2 HD23 sing N N 189 
LEU OXT HXT  sing N N 190 
LYS N   CA   sing N N 191 
LYS N   H    sing N N 192 
LYS N   H2   sing N N 193 
LYS CA  C    sing N N 194 
LYS CA  CB   sing N N 195 
LYS CA  HA   sing N N 196 
LYS C   O    doub N N 197 
LYS C   OXT  sing N N 198 
LYS CB  CG   sing N N 199 
LYS CB  HB2  sing N N 200 
LYS CB  HB3  sing N N 201 
LYS CG  CD   sing N N 202 
LYS CG  HG2  sing N N 203 
LYS CG  HG3  sing N N 204 
LYS CD  CE   sing N N 205 
LYS CD  HD2  sing N N 206 
LYS CD  HD3  sing N N 207 
LYS CE  NZ   sing N N 208 
LYS CE  HE2  sing N N 209 
LYS CE  HE3  sing N N 210 
LYS NZ  HZ1  sing N N 211 
LYS NZ  HZ2  sing N N 212 
LYS NZ  HZ3  sing N N 213 
LYS OXT HXT  sing N N 214 
MET N   CA   sing N N 215 
MET N   H    sing N N 216 
MET N   H2   sing N N 217 
MET CA  C    sing N N 218 
MET CA  CB   sing N N 219 
MET CA  HA   sing N N 220 
MET C   O    doub N N 221 
MET C   OXT  sing N N 222 
MET CB  CG   sing N N 223 
MET CB  HB2  sing N N 224 
MET CB  HB3  sing N N 225 
MET CG  SD   sing N N 226 
MET CG  HG2  sing N N 227 
MET CG  HG3  sing N N 228 
MET SD  CE   sing N N 229 
MET CE  HE1  sing N N 230 
MET CE  HE2  sing N N 231 
MET CE  HE3  sing N N 232 
MET OXT HXT  sing N N 233 
PHE N   CA   sing N N 234 
PHE N   H    sing N N 235 
PHE N   H2   sing N N 236 
PHE CA  C    sing N N 237 
PHE CA  CB   sing N N 238 
PHE CA  HA   sing N N 239 
PHE C   O    doub N N 240 
PHE C   OXT  sing N N 241 
PHE CB  CG   sing N N 242 
PHE CB  HB2  sing N N 243 
PHE CB  HB3  sing N N 244 
PHE CG  CD1  doub Y N 245 
PHE CG  CD2  sing Y N 246 
PHE CD1 CE1  sing Y N 247 
PHE CD1 HD1  sing N N 248 
PHE CD2 CE2  doub Y N 249 
PHE CD2 HD2  sing N N 250 
PHE CE1 CZ   doub Y N 251 
PHE CE1 HE1  sing N N 252 
PHE CE2 CZ   sing Y N 253 
PHE CE2 HE2  sing N N 254 
PHE CZ  HZ   sing N N 255 
PHE OXT HXT  sing N N 256 
PRO N   CA   sing N N 257 
PRO N   CD   sing N N 258 
PRO N   H    sing N N 259 
PRO CA  C    sing N N 260 
PRO CA  CB   sing N N 261 
PRO CA  HA   sing N N 262 
PRO C   O    doub N N 263 
PRO C   OXT  sing N N 264 
PRO CB  CG   sing N N 265 
PRO CB  HB2  sing N N 266 
PRO CB  HB3  sing N N 267 
PRO CG  CD   sing N N 268 
PRO CG  HG2  sing N N 269 
PRO CG  HG3  sing N N 270 
PRO CD  HD2  sing N N 271 
PRO CD  HD3  sing N N 272 
PRO OXT HXT  sing N N 273 
PSR O23 P24  sing N N 274 
PSR O23 H231 sing N N 275 
PSR P24 O25  doub N N 276 
PSR P24 O26  sing N N 277 
PSR P24 O27  sing N N 278 
PSR O26 H261 sing N N 279 
PSR O27 C28  sing N N 280 
PSR C28 C29  sing N N 281 
PSR C28 H281 sing N N 282 
PSR C28 H282 sing N N 283 
PSR C29 C30  sing N N 284 
PSR C29 C31  sing N N 285 
PSR C29 C32  sing N N 286 
PSR C30 H301 sing N N 287 
PSR C30 H302 sing N N 288 
PSR C30 H303 sing N N 289 
PSR C31 H311 sing N N 290 
PSR C31 H312 sing N N 291 
PSR C31 H313 sing N N 292 
PSR C32 O33  sing N N 293 
PSR C32 C34  sing N N 294 
PSR C32 H321 sing N N 295 
PSR O33 H331 sing N N 296 
PSR C34 O35  doub N N 297 
PSR C34 N36  sing N N 298 
PSR N36 C37  sing N N 299 
PSR N36 H361 sing N N 300 
PSR C37 C38  sing N N 301 
PSR C37 H371 sing N N 302 
PSR C37 H372 sing N N 303 
PSR C38 C39  sing N N 304 
PSR C38 H381 sing N N 305 
PSR C38 H382 sing N N 306 
PSR C39 O40  doub N N 307 
PSR C39 N41  sing N N 308 
PSR N41 C42  sing N N 309 
PSR N41 H411 sing N N 310 
PSR C42 C43  sing N N 311 
PSR C42 H421 sing N N 312 
PSR C42 H422 sing N N 313 
PSR C43 S1   sing N N 314 
PSR C43 H431 sing N N 315 
PSR C43 H432 sing N N 316 
PSR S1  C1   sing N N 317 
PSR C1  O1   doub N N 318 
PSR C1  C2   sing N N 319 
PSR C2  C3   sing N N 320 
PSR C2  HC21 sing N N 321 
PSR C2  HC22 sing N N 322 
PSR C3  C4   sing N N 323 
PSR C3  HC31 sing N N 324 
PSR C3  HC32 sing N N 325 
PSR C4  HC41 sing N N 326 
PSR C4  HC42 sing N N 327 
PSR C4  HC43 sing N N 328 
SER N   CA   sing N N 329 
SER N   H    sing N N 330 
SER N   H2   sing N N 331 
SER CA  C    sing N N 332 
SER CA  CB   sing N N 333 
SER CA  HA   sing N N 334 
SER C   O    doub N N 335 
SER C   OXT  sing N N 336 
SER CB  OG   sing N N 337 
SER CB  HB2  sing N N 338 
SER CB  HB3  sing N N 339 
SER OG  HG   sing N N 340 
SER OXT HXT  sing N N 341 
THR N   CA   sing N N 342 
THR N   H    sing N N 343 
THR N   H2   sing N N 344 
THR CA  C    sing N N 345 
THR CA  CB   sing N N 346 
THR CA  HA   sing N N 347 
THR C   O    doub N N 348 
THR C   OXT  sing N N 349 
THR CB  OG1  sing N N 350 
THR CB  CG2  sing N N 351 
THR CB  HB   sing N N 352 
THR OG1 HG1  sing N N 353 
THR CG2 HG21 sing N N 354 
THR CG2 HG22 sing N N 355 
THR CG2 HG23 sing N N 356 
THR OXT HXT  sing N N 357 
TYR N   CA   sing N N 358 
TYR N   H    sing N N 359 
TYR N   H2   sing N N 360 
TYR CA  C    sing N N 361 
TYR CA  CB   sing N N 362 
TYR CA  HA   sing N N 363 
TYR C   O    doub N N 364 
TYR C   OXT  sing N N 365 
TYR CB  CG   sing N N 366 
TYR CB  HB2  sing N N 367 
TYR CB  HB3  sing N N 368 
TYR CG  CD1  doub Y N 369 
TYR CG  CD2  sing Y N 370 
TYR CD1 CE1  sing Y N 371 
TYR CD1 HD1  sing N N 372 
TYR CD2 CE2  doub Y N 373 
TYR CD2 HD2  sing N N 374 
TYR CE1 CZ   doub Y N 375 
TYR CE1 HE1  sing N N 376 
TYR CE2 CZ   sing Y N 377 
TYR CE2 HE2  sing N N 378 
TYR CZ  OH   sing N N 379 
TYR OH  HH   sing N N 380 
TYR OXT HXT  sing N N 381 
VAL N   CA   sing N N 382 
VAL N   H    sing N N 383 
VAL N   H2   sing N N 384 
VAL CA  C    sing N N 385 
VAL CA  CB   sing N N 386 
VAL CA  HA   sing N N 387 
VAL C   O    doub N N 388 
VAL C   OXT  sing N N 389 
VAL CB  CG1  sing N N 390 
VAL CB  CG2  sing N N 391 
VAL CB  HB   sing N N 392 
VAL CG1 HG11 sing N N 393 
VAL CG1 HG12 sing N N 394 
VAL CG1 HG13 sing N N 395 
VAL CG2 HG21 sing N N 396 
VAL CG2 HG22 sing N N 397 
VAL CG2 HG23 sing N N 398 
VAL OXT HXT  sing N N 399 
# 
_atom_sites.entry_id                    1L0I 
_atom_sites.fract_transf_matrix[1][1]   -0.00876082 
_atom_sites.fract_transf_matrix[1][2]   -0.01991463 
_atom_sites.fract_transf_matrix[1][3]   0.02939049 
_atom_sites.fract_transf_matrix[2][1]   -0.01963347 
_atom_sites.fract_transf_matrix[2][2]   0.01317436 
_atom_sites.fract_transf_matrix[2][3]   0.00307437 
_atom_sites.fract_transf_matrix[3][1]   -0.00797003 
_atom_sites.fract_transf_matrix[3][2]   -0.00977718 
_atom_sites.fract_transf_matrix[3][3]   -0.00900063 
_atom_sites.fract_transf_vector[1]      0.463958 
_atom_sites.fract_transf_vector[2]      0.018071 
_atom_sites.fract_transf_vector[3]      0.123958 
# 
loop_
_atom_type.symbol 
AS 
C  
N  
NA 
O  
P  
S  
ZN 
# 
loop_
_atom_site.group_PDB 
_atom_site.id 
_atom_site.type_symbol 
_atom_site.label_atom_id 
_atom_site.label_alt_id 
_atom_site.label_comp_id 
_atom_site.label_asym_id 
_atom_site.label_entity_id 
_atom_site.label_seq_id 
_atom_site.pdbx_PDB_ins_code 
_atom_site.Cartn_x 
_atom_site.Cartn_y 
_atom_site.Cartn_z 
_atom_site.occupancy 
_atom_site.B_iso_or_equiv 
_atom_site.pdbx_formal_charge 
_atom_site.auth_seq_id 
_atom_site.auth_comp_id 
_atom_site.auth_asym_id 
_atom_site.auth_atom_id 
_atom_site.pdbx_PDB_model_num 
ATOM   1   N  N   . SER A 1 2  ? -4.476  15.464  -5.633  1.00 28.48 ? 1    SER A N   1 
ATOM   2   C  CA  . SER A 1 2  ? -3.785  14.181  -5.818  1.00 18.82 ? 1    SER A CA  1 
ATOM   3   C  C   . SER A 1 2  ? -4.848  13.098  -5.887  1.00 14.15 ? 1    SER A C   1 
ATOM   4   O  O   . SER A 1 2  ? -5.796  13.074  -5.085  1.00 17.01 ? 1    SER A O   1 
ATOM   5   C  CB  A SER A 1 2  ? -2.806  13.948  -4.677  0.17 22.09 ? 1    SER A CB  1 
ATOM   6   C  CB  B SER A 1 2  ? -2.857  13.905  -4.626  0.58 21.81 ? 1    SER A CB  1 
ATOM   7   C  CB  C SER A 1 2  ? -2.852  13.913  -4.630  0.40 21.83 ? 1    SER A CB  1 
ATOM   8   O  OG  A SER A 1 2  ? -1.911  12.868  -4.842  0.60 24.39 ? 1    SER A OG  1 
ATOM   9   O  OG  B SER A 1 2  ? -3.349  13.545  -3.529  0.43 23.72 ? 1    SER A OG  1 
ATOM   10  O  OG  C SER A 1 2  ? -1.795  14.906  -4.689  0.36 21.43 ? 1    SER A OG  1 
ATOM   11  N  N   . THR A 1 3  ? -4.621  12.195  -6.819  1.00 12.99 ? 2    THR A N   1 
ATOM   12  C  CA  . THR A 1 3  ? -5.535  11.078  -7.013  1.00 11.57 ? 2    THR A CA  1 
ATOM   13  C  C   . THR A 1 3  ? -5.303  10.014  -5.951  1.00 8.86  ? 2    THR A C   1 
ATOM   14  O  O   . THR A 1 3  ? -4.281  9.978   -5.252  1.00 10.89 ? 2    THR A O   1 
ATOM   15  C  CB  . THR A 1 3  ? -5.351  10.437  -8.403  1.00 11.14 ? 2    THR A CB  1 
ATOM   16  O  OG1 . THR A 1 3  ? -4.021  9.898   -8.409  1.00 13.34 ? 2    THR A OG1 1 
ATOM   17  C  CG2 . THR A 1 3  ? -5.488  11.465  -9.515  1.00 13.41 ? 2    THR A CG2 1 
ATOM   18  N  N   . ILE A 1 4  ? -6.215  9.057   -5.851  1.00 11.84 ? 3    ILE A N   1 
ATOM   19  C  CA  . ILE A 1 4  ? -5.972  7.957   -4.902  1.00 10.29 ? 3    ILE A CA  1 
ATOM   20  C  C   . ILE A 1 4  ? -4.775  7.169   -5.341  1.00 10.15 ? 3    ILE A C   1 
ATOM   21  O  O   . ILE A 1 4  ? -3.976  6.785   -4.475  1.00 10.85 ? 3    ILE A O   1 
ATOM   22  C  CB  A ILE A 1 4  ? -7.143  6.968   -4.782  0.56 13.56 ? 3    ILE A CB  1 
ATOM   23  C  CB  B ILE A 1 4  ? -7.273  7.138   -4.839  0.49 13.90 ? 3    ILE A CB  1 
ATOM   24  C  CG1 A ILE A 1 4  ? -8.451  7.579   -4.289  0.19 13.72 ? 3    ILE A CG1 1 
ATOM   25  C  CG1 B ILE A 1 4  ? -8.328  7.914   -4.030  0.77 13.88 ? 3    ILE A CG1 1 
ATOM   26  C  CG2 A ILE A 1 4  ? -6.704  5.799   -3.895  1.00 20.86 ? 3    ILE A CG2 1 
ATOM   27  C  CG2 B ILE A 1 4  ? -7.079  5.728   -4.320  0.70 12.34 ? 3    ILE A CG2 1 
ATOM   28  C  CD1 A ILE A 1 4  ? -8.340  8.257   -2.940  0.36 14.41 ? 3    ILE A CD1 1 
ATOM   29  C  CD1 B ILE A 1 4  ? -9.623  7.166   -3.856  0.55 11.58 ? 3    ILE A CD1 1 
ATOM   30  N  N   . GLU A 1 5  ? -4.536  6.900   -6.600  1.00 11.69 ? 4    GLU A N   1 
ATOM   31  C  CA  . GLU A 1 5  ? -3.290  6.241   -7.031  1.00 11.55 ? 4    GLU A CA  1 
ATOM   32  C  C   . GLU A 1 5  ? -2.069  6.972   -6.504  1.00 10.80 ? 4    GLU A C   1 
ATOM   33  O  O   . GLU A 1 5  ? -1.172  6.374   -5.953  1.00 10.96 ? 4    GLU A O   1 
ATOM   34  C  CB  . GLU A 1 5  ? -3.252  6.162   -8.559  1.00 11.83 ? 4    GLU A CB  1 
ATOM   35  C  CG  . GLU A 1 5  ? -1.887  5.801   -9.149  1.00 11.70 ? 4    GLU A CG  1 
ATOM   36  C  CD  . GLU A 1 5  ? -2.045  5.635   -10.660 1.00 11.41 ? 4    GLU A CD  1 
ATOM   37  O  OE1 . GLU A 1 5  ? -2.269  4.500   -11.099 1.00 13.15 ? 4    GLU A OE1 1 
ATOM   38  O  OE2 . GLU A 1 5  ? -1.945  6.647   -11.398 1.00 12.51 ? 4    GLU A OE2 1 
ATOM   39  N  N   . GLU A 1 6  ? -2.033  8.311   -6.696  1.00 10.94 ? 5    GLU A N   1 
ATOM   40  C  CA  . GLU A 1 6  ? -0.881  9.077   -6.229  1.00 10.98 ? 5    GLU A CA  1 
ATOM   41  C  C   . GLU A 1 6  ? -0.739  9.007   -4.725  1.00 8.98  ? 5    GLU A C   1 
ATOM   42  O  O   . GLU A 1 6  ? 0.382   8.864   -4.192  1.00 11.20 ? 5    GLU A O   1 
ATOM   43  C  CB  . GLU A 1 6  ? -1.044  10.536  -6.651  1.00 11.30 ? 5    GLU A CB  1 
ATOM   44  C  CG  . GLU A 1 6  ? -0.804  10.652  -8.173  1.00 12.21 ? 5    GLU A CG  1 
ATOM   45  C  CD  . GLU A 1 6  ? -1.159  12.030  -8.685  1.00 10.96 ? 5    GLU A CD  1 
ATOM   46  O  OE1 . GLU A 1 6  ? -2.100  12.700  -8.216  1.00 15.72 ? 5    GLU A OE1 1 
ATOM   47  O  OE2 . GLU A 1 6  ? -0.523  12.525  -9.659  1.00 11.91 ? 5    GLU A OE2 1 
ATOM   48  N  N   . ARG A 1 7  ? -1.830  9.097   -3.972  1.00 10.47 ? 6    ARG A N   1 
ATOM   49  C  CA  . ARG A 1 7  ? -1.731  9.123   -2.527  1.00 9.27  ? 6    ARG A CA  1 
ATOM   50  C  C   . ARG A 1 7  ? -1.364  7.760   -1.992  1.00 8.56  ? 6    ARG A C   1 
ATOM   51  O  O   . ARG A 1 7  ? -0.537  7.679   -1.071  1.00 9.44  ? 6    ARG A O   1 
ATOM   52  C  CB  . ARG A 1 7  ? -3.079  9.568   -1.949  1.00 12.24 ? 6    ARG A CB  1 
ATOM   53  C  CG  . ARG A 1 7  ? -3.376  11.020  -2.324  1.00 12.60 ? 6    ARG A CG  1 
ATOM   54  C  CD  . ARG A 1 7  ? -4.824  11.320  -1.961  1.00 13.85 ? 6    ARG A CD  1 
ATOM   55  N  NE  . ARG A 1 7  ? -5.056  11.160  -0.525  1.00 13.87 ? 6    ARG A NE  1 
ATOM   56  C  CZ  . ARG A 1 7  ? -6.255  11.005  0.024   1.00 13.33 ? 6    ARG A CZ  1 
ATOM   57  N  NH1 . ARG A 1 7  ? -7.360  10.983  -0.713  1.00 16.28 ? 6    ARG A NH1 1 
ATOM   58  N  NH2 . ARG A 1 7  ? -6.355  10.862  1.337   1.00 16.03 ? 6    ARG A NH2 1 
ATOM   59  N  N   . VAL A 1 8  ? -1.887  6.699   -2.587  1.00 8.52  ? 7    VAL A N   1 
ATOM   60  C  CA  . VAL A 1 8  ? -1.472  5.363   -2.132  1.00 8.62  ? 7    VAL A CA  1 
ATOM   61  C  C   . VAL A 1 8  ? 0.000   5.152   -2.419  1.00 8.81  ? 7    VAL A C   1 
ATOM   62  O  O   . VAL A 1 8  ? 0.749   4.668   -1.547  1.00 9.28  ? 7    VAL A O   1 
ATOM   63  C  CB  . VAL A 1 8  ? -2.361  4.299   -2.816  1.00 9.16  ? 7    VAL A CB  1 
ATOM   64  C  CG1 . VAL A 1 8  ? -1.739  2.918   -2.640  1.00 9.51  ? 7    VAL A CG1 1 
ATOM   65  C  CG2 . VAL A 1 8  ? -3.784  4.364   -2.286  1.00 9.67  ? 7    VAL A CG2 1 
ATOM   66  N  N   . LYS A 1 9  ? 0.496   5.543   -3.602  1.00 9.29  ? 8    LYS A N   1 
ATOM   67  C  CA  . LYS A 1 9  ? 1.909   5.354   -3.920  1.00 9.74  ? 8    LYS A CA  1 
ATOM   68  C  C   . LYS A 1 9  ? 2.804   6.197   -3.017  1.00 9.38  ? 8    LYS A C   1 
ATOM   69  O  O   . LYS A 1 9  ? 3.908   5.767   -2.662  1.00 9.55  ? 8    LYS A O   1 
ATOM   70  C  CB  . LYS A 1 9  ? 2.204   5.681   -5.371  1.00 9.58  ? 8    LYS A CB  1 
ATOM   71  C  CG  . LYS A 1 9  ? 1.693   4.607   -6.324  1.00 12.26 ? 8    LYS A CG  1 
ATOM   72  C  CD  . LYS A 1 9  ? 2.243   4.898   -7.718  1.00 16.95 ? 8    LYS A CD  1 
ATOM   73  C  CE  . LYS A 1 9  ? 1.718   3.924   -8.760  1.00 18.84 ? 8    LYS A CE  1 
ATOM   74  N  NZ  . LYS A 1 9  ? 2.691   4.083   -9.911  1.00 15.96 ? 8    LYS A NZ  1 
ATOM   75  N  N   . LYS A 1 10 ? 2.339   7.405   -2.636  1.00 9.77  ? 9    LYS A N   1 
ATOM   76  C  CA  . LYS A 1 10 ? 3.128   8.232   -1.731  1.00 10.94 ? 9    LYS A CA  1 
ATOM   77  C  C   . LYS A 1 10 ? 3.247   7.561   -0.379  1.00 8.93  ? 9    LYS A C   1 
ATOM   78  O  O   . LYS A 1 10 ? 4.344   7.508   0.169   1.00 10.81 ? 9    LYS A O   1 
ATOM   79  C  CB  A LYS A 1 10 ? 2.522   9.621   -1.546  0.33 14.08 ? 9    LYS A CB  1 
ATOM   80  C  CB  B LYS A 1 10 ? 2.514   9.617   -1.576  0.93 16.17 ? 9    LYS A CB  1 
ATOM   81  C  CG  A LYS A 1 10 ? 3.511   10.553  -0.858  0.84 14.57 ? 9    LYS A CG  1 
ATOM   82  C  CG  B LYS A 1 10 ? 2.586   10.233  -0.199  0.53 16.78 ? 9    LYS A CG  1 
ATOM   83  C  CD  A LYS A 1 10 ? 4.296   11.348  -1.888  0.11 13.79 ? 9    LYS A CD  1 
ATOM   84  C  CD  B LYS A 1 10 ? 2.385   11.741  -0.227  0.29 18.08 ? 9    LYS A CD  1 
ATOM   85  C  CE  A LYS A 1 10 ? 5.561   11.988  -1.337  0.34 11.54 ? 9    LYS A CE  1 
ATOM   86  C  CE  B LYS A 1 10 ? 2.984   12.354  -1.481  0.12 15.66 ? 9    LYS A CE  1 
ATOM   87  N  NZ  A LYS A 1 10 ? 6.735   11.625  -2.184  0.31 18.13 ? 9    LYS A NZ  1 
ATOM   88  N  NZ  B LYS A 1 10 ? 1.950   12.874  -2.416  0.22 21.53 ? 9    LYS A NZ  1 
ATOM   89  N  N   . ILE A 1 11 ? 2.142   7.042   0.154   1.00 9.39  ? 10   ILE A N   1 
ATOM   90  C  CA  . ILE A 1 11 ? 2.227   6.365   1.460   1.00 9.58  ? 10   ILE A CA  1 
ATOM   91  C  C   . ILE A 1 11 ? 3.128   5.152   1.395   1.00 8.29  ? 10   ILE A C   1 
ATOM   92  O  O   . ILE A 1 11 ? 3.975   4.887   2.282   1.00 10.73 ? 10   ILE A O   1 
ATOM   93  C  CB  . ILE A 1 11 ? 0.813   5.937   1.901   1.00 11.41 ? 10   ILE A CB  1 
ATOM   94  C  CG1 . ILE A 1 11 ? -0.079  7.135   2.246   1.00 12.94 ? 10   ILE A CG1 1 
ATOM   95  C  CG2 . ILE A 1 11 ? 0.925   4.978   3.050   1.00 12.91 ? 10   ILE A CG2 1 
ATOM   96  C  CD1 . ILE A 1 11 ? 0.421   8.044   3.348   1.00 18.39 ? 10   ILE A CD1 1 
ATOM   97  N  N   . ILE A 1 12 ? 3.035   4.358   0.333   1.00 8.36  ? 11   ILE A N   1 
ATOM   98  C  CA  . ILE A 1 12 ? 3.928   3.203   0.200   1.00 8.89  ? 11   ILE A CA  1 
ATOM   99  C  C   . ILE A 1 12 ? 5.393   3.599   0.167   1.00 8.09  ? 11   ILE A C   1 
ATOM   100 O  O   . ILE A 1 12 ? 6.215   2.999   0.855   1.00 9.06  ? 11   ILE A O   1 
ATOM   101 C  CB  . ILE A 1 12 ? 3.549   2.443   -1.101  1.00 8.45  ? 11   ILE A CB  1 
ATOM   102 C  CG1 . ILE A 1 12 ? 2.159   1.805   -1.025  1.00 9.07  ? 11   ILE A CG1 1 
ATOM   103 C  CG2 . ILE A 1 12 ? 4.591   1.402   -1.458  1.00 10.12 ? 11   ILE A CG2 1 
ATOM   104 C  CD1 . ILE A 1 12 ? 1.564   1.364   -2.351  1.00 10.42 ? 11   ILE A CD1 1 
ATOM   105 N  N   . GLY A 1 13 ? 5.707   4.622   -0.672  1.00 9.00  ? 12   GLY A N   1 
ATOM   106 C  CA  . GLY A 1 13 ? 7.106   5.048   -0.737  1.00 9.76  ? 12   GLY A CA  1 
ATOM   107 C  C   . GLY A 1 13 ? 7.644   5.538   0.590   1.00 9.56  ? 12   GLY A C   1 
ATOM   108 O  O   . GLY A 1 13 ? 8.791   5.246   0.997   1.00 10.66 ? 12   GLY A O   1 
ATOM   109 N  N   . GLU A 1 14 ? 6.843   6.320   1.290   1.00 10.26 ? 13   GLU A N   1 
ATOM   110 C  CA  . GLU A 1 14 ? 7.227   6.845   2.593   1.00 10.92 ? 13   GLU A CA  1 
ATOM   111 C  C   . GLU A 1 14 ? 7.434   5.740   3.607   1.00 9.11  ? 13   GLU A C   1 
ATOM   112 O  O   . GLU A 1 14 ? 8.439   5.696   4.325   1.00 11.82 ? 13   GLU A O   1 
ATOM   113 C  CB  . GLU A 1 14 ? 6.132   7.790   3.109   1.00 13.01 ? 13   GLU A CB  1 
ATOM   114 C  CG  . GLU A 1 14 ? 6.145   9.098   2.351   1.00 15.84 ? 13   GLU A CG  1 
ATOM   115 C  CD  . GLU A 1 14 ? 5.037   10.032  2.786   1.00 17.68 ? 13   GLU A CD  1 
ATOM   116 O  OE1 . GLU A 1 14 ? 4.209   9.676   3.648   1.00 25.93 ? 13   GLU A OE1 1 
ATOM   117 O  OE2 . GLU A 1 14 ? 4.984   11.169  2.287   1.00 19.51 ? 13   GLU A OE2 1 
ATOM   118 N  N   . GLN A 1 15 ? 6.479   4.812   3.720   1.00 10.36 ? 14   GLN A N   1 
ATOM   119 C  CA  . GLN A 1 15 ? 6.546   3.723   4.702   1.00 9.83  ? 14   GLN A CA  1 
ATOM   120 C  C   . GLN A 1 15 ? 7.707   2.799   4.431   1.00 10.19 ? 14   GLN A C   1 
ATOM   121 O  O   . GLN A 1 15 ? 8.367   2.359   5.374   1.00 12.93 ? 14   GLN A O   1 
ATOM   122 C  CB  . GLN A 1 15 ? 5.234   2.912   4.630   1.00 11.99 ? 14   GLN A CB  1 
ATOM   123 C  CG  . GLN A 1 15 ? 4.075   3.619   5.303   1.00 17.11 ? 14   GLN A CG  1 
ATOM   124 C  CD  . GLN A 1 15 ? 4.355   3.915   6.774   1.00 19.17 ? 14   GLN A CD  1 
ATOM   125 O  OE1 . GLN A 1 15 ? 4.133   5.025   7.228   1.00 25.95 ? 14   GLN A OE1 1 
ATOM   126 N  NE2 . GLN A 1 15 ? 4.852   2.933   7.502   1.00 22.16 ? 14   GLN A NE2 1 
ATOM   127 N  N   . LEU A 1 16 ? 7.954   2.488   3.166   1.00 9.56  ? 15   LEU A N   1 
ATOM   128 C  CA  . LEU A 1 16 ? 8.987   1.497   2.836   1.00 10.23 ? 15   LEU A CA  1 
ATOM   129 C  C   . LEU A 1 16 ? 10.339  2.136   2.578   1.00 11.04 ? 15   LEU A C   1 
ATOM   130 O  O   . LEU A 1 16 ? 11.312  1.412   2.348   1.00 12.41 ? 15   LEU A O   1 
ATOM   131 C  CB  . LEU A 1 16 ? 8.552   0.646   1.658   1.00 10.09 ? 15   LEU A CB  1 
ATOM   132 C  CG  . LEU A 1 16 ? 7.243   -0.128  1.787   1.00 11.24 ? 15   LEU A CG  1 
ATOM   133 C  CD1 . LEU A 1 16 ? 6.965   -1.007  0.578   1.00 11.32 ? 15   LEU A CD1 1 
ATOM   134 C  CD2 . LEU A 1 16 ? 7.296   -1.019  3.040   1.00 14.24 ? 15   LEU A CD2 1 
ATOM   135 N  N   . GLY A 1 17 ? 10.452  3.480   2.590   1.00 11.54 ? 16   GLY A N   1 
ATOM   136 C  CA  . GLY A 1 17 ? 11.743  4.135   2.297   1.00 12.03 ? 16   GLY A CA  1 
ATOM   137 C  C   . GLY A 1 17 ? 12.197  3.864   0.874   1.00 10.52 ? 16   GLY A C   1 
ATOM   138 O  O   . GLY A 1 17 ? 13.377  3.640   0.598   1.00 12.11 ? 16   GLY A O   1 
ATOM   139 N  N   . VAL A 1 18 ? 11.238  3.844   -0.061  1.00 10.32 ? 17   VAL A N   1 
ATOM   140 C  CA  . VAL A 1 18 ? 11.536  3.583   -1.464  1.00 10.79 ? 17   VAL A CA  1 
ATOM   141 C  C   . VAL A 1 18 ? 11.214  4.819   -2.288  1.00 10.46 ? 17   VAL A C   1 
ATOM   142 O  O   . VAL A 1 18 ? 10.301  5.585   -1.990  1.00 11.51 ? 17   VAL A O   1 
ATOM   143 C  CB  . VAL A 1 18 ? 10.779  2.367   -2.020  1.00 11.40 ? 17   VAL A CB  1 
ATOM   144 C  CG1 . VAL A 1 18 ? 11.141  1.113   -1.233  1.00 10.09 ? 17   VAL A CG1 1 
ATOM   145 C  CG2 . VAL A 1 18 ? 9.252   2.523   -2.023  1.00 15.69 ? 17   VAL A CG2 1 
ATOM   146 N  N   . LYS A 1 19 ? 11.984  5.024   -3.350  1.00 15.93 ? 18   LYS A N   1 
ATOM   147 C  CA  . LYS A 1 19 ? 11.787  6.197   -4.216  1.00 16.67 ? 18   LYS A CA  1 
ATOM   148 C  C   . LYS A 1 19 ? 10.578  5.990   -5.113  1.00 16.98 ? 18   LYS A C   1 
ATOM   149 O  O   . LYS A 1 19 ? 10.246  4.878   -5.539  1.00 17.53 ? 18   LYS A O   1 
ATOM   150 C  CB  . LYS A 1 19 ? 13.050  6.490   -5.010  1.00 18.48 ? 18   LYS A CB  1 
ATOM   151 C  CG  . LYS A 1 19 ? 13.606  5.279   -5.742  1.00 16.66 ? 18   LYS A CG  1 
ATOM   152 C  CD  . LYS A 1 19 ? 14.997  5.643   -6.237  1.00 22.18 ? 18   LYS A CD  1 
ATOM   153 C  CE  . LYS A 1 19 ? 15.910  4.462   -6.283  1.00 20.85 ? 18   LYS A CE  1 
ATOM   154 N  NZ  . LYS A 1 19 ? 17.294  4.950   -6.536  1.00 22.54 ? 18   LYS A NZ  1 
ATOM   155 N  N   . GLN A 1 20 ? 9.888   7.105   -5.402  1.00 16.99 ? 19   GLN A N   1 
ATOM   156 C  CA  . GLN A 1 20 ? 8.622   7.056   -6.147  1.00 18.11 ? 19   GLN A CA  1 
ATOM   157 C  C   . GLN A 1 20 ? 8.746   6.309   -7.463  1.00 15.45 ? 19   GLN A C   1 
ATOM   158 O  O   . GLN A 1 20 ? 7.854   5.522   -7.785  1.00 17.40 ? 19   GLN A O   1 
ATOM   159 C  CB  . GLN A 1 20 ? 8.068   8.462   -6.406  1.00 21.93 ? 19   GLN A CB  1 
ATOM   160 C  CG  . GLN A 1 20 ? 7.183   8.927   -5.274  1.00 20.86 ? 19   GLN A CG  1 
ATOM   161 C  CD  . GLN A 1 20 ? 6.093   7.967   -4.852  1.00 17.16 ? 19   GLN A CD  1 
ATOM   162 O  OE1 . GLN A 1 20 ? 6.208   7.340   -3.803  1.00 16.02 ? 19   GLN A OE1 1 
ATOM   163 N  NE2 . GLN A 1 20 ? 5.024   7.938   -5.668  1.00 16.09 ? 19   GLN A NE2 1 
ATOM   164 N  N   . GLU A 1 21 ? 9.819   6.552   -8.207  1.00 14.46 ? 20   GLU A N   1 
ATOM   165 C  CA  . GLU A 1 21 ? 9.984   5.939   -9.515  1.00 17.39 ? 20   GLU A CA  1 
ATOM   166 C  C   . GLU A 1 21 ? 10.003  4.422   -9.416  1.00 15.82 ? 20   GLU A C   1 
ATOM   167 O  O   . GLU A 1 21 ? 9.733   3.738   -10.407 1.00 21.96 ? 20   GLU A O   1 
ATOM   168 C  CB  . GLU A 1 21 ? 11.242  6.456   -10.235 1.00 17.47 ? 20   GLU A CB  1 
ATOM   169 C  CG  . GLU A 1 21 ? 12.536  6.415   -9.453  1.00 19.37 ? 20   GLU A CG  1 
ATOM   170 C  CD  . GLU A 1 21 ? 12.838  7.609   -8.566  1.00 19.39 ? 20   GLU A CD  1 
ATOM   171 O  OE1 . GLU A 1 21 ? 11.918  8.275   -8.034  1.00 19.74 ? 20   GLU A OE1 1 
ATOM   172 O  OE2 . GLU A 1 21 ? 14.050  7.876   -8.384  1.00 22.32 ? 20   GLU A OE2 1 
ATOM   173 N  N   . GLU A 1 22 ? 10.339  3.897   -8.217  1.00 12.79 ? 21   GLU A N   1 
ATOM   174 C  CA  . GLU A 1 22 ? 10.417  2.455   -7.989  1.00 13.53 ? 21   GLU A CA  1 
ATOM   175 C  C   . GLU A 1 22 ? 9.056   1.902   -7.606  1.00 13.89 ? 21   GLU A C   1 
ATOM   176 O  O   . GLU A 1 22 ? 8.830   0.673   -7.666  1.00 14.15 ? 21   GLU A O   1 
ATOM   177 C  CB  . GLU A 1 22 ? 11.476  2.189   -6.913  1.00 18.19 ? 21   GLU A CB  1 
ATOM   178 C  CG  . GLU A 1 22 ? 12.020  0.781   -6.789  1.00 25.06 ? 21   GLU A CG  1 
ATOM   179 C  CD  . GLU A 1 22 ? 13.141  0.698   -5.751  1.00 25.60 ? 21   GLU A CD  1 
ATOM   180 O  OE1 . GLU A 1 22 ? 13.393  1.762   -5.139  1.00 26.20 ? 21   GLU A OE1 1 
ATOM   181 O  OE2 . GLU A 1 22 ? 13.738  -0.398  -5.586  1.00 29.94 ? 21   GLU A OE2 1 
ATOM   182 N  N   . VAL A 1 23 ? 8.129   2.768   -7.216  1.00 13.31 ? 22   VAL A N   1 
ATOM   183 C  CA  . VAL A 1 23 ? 6.802   2.283   -6.815  1.00 12.77 ? 22   VAL A CA  1 
ATOM   184 C  C   . VAL A 1 23 ? 5.931   2.191   -8.063  1.00 13.40 ? 22   VAL A C   1 
ATOM   185 O  O   . VAL A 1 23 ? 5.037   3.001   -8.309  1.00 14.77 ? 22   VAL A O   1 
ATOM   186 C  CB  . VAL A 1 23 ? 6.168   3.185   -5.751  1.00 12.13 ? 22   VAL A CB  1 
ATOM   187 C  CG1 . VAL A 1 23 ? 4.844   2.702   -5.198  1.00 13.75 ? 22   VAL A CG1 1 
ATOM   188 C  CG2 . VAL A 1 23 ? 7.213   3.316   -4.641  1.00 11.82 ? 22   VAL A CG2 1 
ATOM   189 N  N   . THR A 1 24 ? 6.200   1.154   -8.865  1.00 13.34 ? 23   THR A N   1 
ATOM   190 C  CA  . THR A 1 24 ? 5.406   0.917   -10.073 1.00 13.28 ? 23   THR A CA  1 
ATOM   191 C  C   . THR A 1 24 ? 4.112   0.236   -9.682  1.00 11.72 ? 23   THR A C   1 
ATOM   192 O  O   . THR A 1 24 ? 3.981   -0.396  -8.622  1.00 12.33 ? 23   THR A O   1 
ATOM   193 C  CB  . THR A 1 24 ? 6.233   0.077   -11.067 1.00 15.24 ? 23   THR A CB  1 
ATOM   194 O  OG1 . THR A 1 24 ? 6.595   -1.122  -10.403 1.00 17.95 ? 23   THR A OG1 1 
ATOM   195 C  CG2 . THR A 1 24 ? 7.505   0.796   -11.489 1.00 18.28 ? 23   THR A CG2 1 
ATOM   196 N  N   . ASN A 1 25 ? 3.113   0.314   -10.523 1.00 12.78 ? 24   ASN A N   1 
ATOM   197 C  CA  . ASN A 1 25 ? 1.812   -0.238  -10.154 1.00 11.19 ? 24   ASN A CA  1 
ATOM   198 C  C   . ASN A 1 25 ? 1.843   -1.743  -9.984  1.00 10.59 ? 24   ASN A C   1 
ATOM   199 O  O   . ASN A 1 25 ? 1.111   -2.273  -9.151  1.00 11.39 ? 24   ASN A O   1 
ATOM   200 C  CB  . ASN A 1 25 ? 0.758   0.074   -11.202 1.00 14.19 ? 24   ASN A CB  1 
ATOM   201 C  CG  . ASN A 1 25 ? 0.361   1.549   -11.147 1.00 16.01 ? 24   ASN A CG  1 
ATOM   202 O  OD1 . ASN A 1 25 ? 1.176   2.441   -11.168 1.00 25.18 ? 24   ASN A OD1 1 
ATOM   203 N  ND2 . ASN A 1 25 ? -0.915  1.853   -11.055 1.00 13.41 ? 24   ASN A ND2 1 
ATOM   204 N  N   . ASN A 1 26 ? 2.707   -2.444  -10.714 1.00 11.62 ? 25   ASN A N   1 
ATOM   205 C  CA  . ASN A 1 26 ? 2.753   -3.891  -10.605 1.00 13.83 ? 25   ASN A CA  1 
ATOM   206 C  C   . ASN A 1 26 ? 3.813   -4.340  -9.602  1.00 10.73 ? 25   ASN A C   1 
ATOM   207 O  O   . ASN A 1 26 ? 4.061   -5.555  -9.463  1.00 12.60 ? 25   ASN A O   1 
ATOM   208 C  CB  . ASN A 1 26 ? 2.999   -4.521  -11.982 1.00 19.05 ? 25   ASN A CB  1 
ATOM   209 C  CG  . ASN A 1 26 ? 4.349   -4.199  -12.553 1.00 20.43 ? 25   ASN A CG  1 
ATOM   210 O  OD1 . ASN A 1 26 ? 5.214   -3.605  -11.912 1.00 29.63 ? 25   ASN A OD1 1 
ATOM   211 N  ND2 . ASN A 1 26 ? 4.590   -4.597  -13.805 1.00 35.09 ? 25   ASN A ND2 1 
ATOM   212 N  N   . ALA A 1 27 ? 4.440   -3.421  -8.884  1.00 9.33  ? 26   ALA A N   1 
ATOM   213 C  CA  . ALA A 1 27 ? 5.474   -3.816  -7.927  1.00 8.69  ? 26   ALA A CA  1 
ATOM   214 C  C   . ALA A 1 27 ? 4.930   -4.629  -6.750  1.00 8.77  ? 26   ALA A C   1 
ATOM   215 O  O   . ALA A 1 27 ? 3.908   -4.284  -6.144  1.00 8.96  ? 26   ALA A O   1 
ATOM   216 C  CB  . ALA A 1 27 ? 6.195   -2.601  -7.344  1.00 9.40  ? 26   ALA A CB  1 
ATOM   217 N  N   . SER A 1 28 ? 5.619   -5.714  -6.421  1.00 9.32  ? 27   SER A N   1 
ATOM   218 C  CA  . SER A 1 28 ? 5.385   -6.460  -5.176  1.00 9.28  ? 27   SER A CA  1 
ATOM   219 C  C   . SER A 1 28 ? 6.006   -5.764  -3.970  1.00 9.42  ? 27   SER A C   1 
ATOM   220 O  O   . SER A 1 28 ? 7.156   -5.398  -3.986  1.00 9.76  ? 27   SER A O   1 
ATOM   221 C  CB  . SER A 1 28 ? 5.955   -7.837  -5.371  1.00 9.24  ? 27   SER A CB  1 
ATOM   222 O  OG  . SER A 1 28 ? 5.998   -8.529  -4.142  1.00 9.73  ? 27   SER A OG  1 
ATOM   223 N  N   . PHE A 1 29 ? 5.213   -5.624  -2.900  1.00 8.57  ? 28   PHE A N   1 
ATOM   224 C  CA  . PHE A 1 29 ? 5.775   -5.012  -1.713  1.00 7.90  ? 28   PHE A CA  1 
ATOM   225 C  C   . PHE A 1 29 ? 6.997   -5.774  -1.225  1.00 8.73  ? 28   PHE A C   1 
ATOM   226 O  O   . PHE A 1 29 ? 8.041   -5.157  -0.936  1.00 10.29 ? 28   PHE A O   1 
ATOM   227 C  CB  . PHE A 1 29 ? 4.714   -5.002  -0.560  1.00 9.29  ? 28   PHE A CB  1 
ATOM   228 C  CG  . PHE A 1 29 ? 3.555   -4.089  -0.923  1.00 9.63  ? 28   PHE A CG  1 
ATOM   229 C  CD1 . PHE A 1 29 ? 2.255   -4.608  -0.988  1.00 9.67  ? 28   PHE A CD1 1 
ATOM   230 C  CD2 . PHE A 1 29 ? 3.777   -2.738  -1.187  1.00 11.37 ? 28   PHE A CD2 1 
ATOM   231 C  CE1 . PHE A 1 29 ? 1.206   -3.815  -1.384  1.00 9.01  ? 28   PHE A CE1 1 
ATOM   232 C  CE2 . PHE A 1 29 ? 2.704   -1.948  -1.580  1.00 10.47 ? 28   PHE A CE2 1 
ATOM   233 C  CZ  . PHE A 1 29 ? 1.412   -2.475  -1.632  1.00 10.78 ? 28   PHE A CZ  1 
ATOM   234 N  N   . VAL A 1 30 ? 6.852   -7.095  -1.110  1.00 9.73  ? 29   VAL A N   1 
ATOM   235 C  CA  . VAL A 1 30 ? 7.956   -7.888  -0.590  1.00 10.29 ? 29   VAL A CA  1 
ATOM   236 C  C   . VAL A 1 30 ? 9.013   -8.163  -1.647  1.00 10.11 ? 29   VAL A C   1 
ATOM   237 O  O   . VAL A 1 30 ? 10.223  -8.086  -1.386  1.00 13.69 ? 29   VAL A O   1 
ATOM   238 C  CB  . VAL A 1 30 ? 7.405   -9.206  0.004   1.00 11.90 ? 29   VAL A CB  1 
ATOM   239 C  CG1 . VAL A 1 30 ? 8.542   -10.118 0.438   1.00 13.34 ? 29   VAL A CG1 1 
ATOM   240 C  CG2 . VAL A 1 30 ? 6.517   -8.875  1.205   1.00 11.68 ? 29   VAL A CG2 1 
ATOM   241 N  N   . GLU A 1 31 ? 8.626   -8.465  -2.887  1.00 10.63 ? 30   GLU A N   1 
ATOM   242 C  CA  . GLU A 1 31 ? 9.555   -8.951  -3.911  1.00 11.34 ? 30   GLU A CA  1 
ATOM   243 C  C   . GLU A 1 31 ? 10.174  -7.838  -4.743  1.00 14.46 ? 30   GLU A C   1 
ATOM   244 O  O   . GLU A 1 31 ? 11.176  -8.041  -5.453  1.00 25.05 ? 30   GLU A O   1 
ATOM   245 C  CB  . GLU A 1 31 ? 8.919   -10.021 -4.835  1.00 13.14 ? 30   GLU A CB  1 
ATOM   246 C  CG  . GLU A 1 31 ? 8.402   -11.202 -3.987  1.00 13.37 ? 30   GLU A CG  1 
ATOM   247 C  CD  . GLU A 1 31 ? 9.490   -11.926 -3.216  1.00 13.74 ? 30   GLU A CD  1 
ATOM   248 O  OE1 . GLU A 1 31 ? 10.616  -12.079 -3.749  1.00 17.73 ? 30   GLU A OE1 1 
ATOM   249 O  OE2 . GLU A 1 31 ? 9.303   -12.381 -2.066  1.00 17.50 ? 30   GLU A OE2 1 
ATOM   250 N  N   . ASP A 1 32 ? 9.632   -6.625  -4.698  1.00 11.97 ? 31   ASP A N   1 
ATOM   251 C  CA  . ASP A 1 32 ? 10.244  -5.525  -5.418  1.00 10.55 ? 31   ASP A CA  1 
ATOM   252 C  C   . ASP A 1 32 ? 10.606  -4.346  -4.503  1.00 9.61  ? 31   ASP A C   1 
ATOM   253 O  O   . ASP A 1 32 ? 11.596  -3.698  -4.784  1.00 12.73 ? 31   ASP A O   1 
ATOM   254 C  CB  . ASP A 1 32 ? 9.326   -5.002  -6.543  1.00 12.11 ? 31   ASP A CB  1 
ATOM   255 C  CG  . ASP A 1 32 ? 9.133   -6.031  -7.625  1.00 12.82 ? 31   ASP A CG  1 
ATOM   256 O  OD1 . ASP A 1 32 ? 10.135  -6.436  -8.265  1.00 23.24 ? 31   ASP A OD1 1 
ATOM   257 O  OD2 . ASP A 1 32 ? 7.986   -6.491  -7.857  1.00 10.39 ? 31   ASP A OD2 1 
ATOM   258 N  N   . LEU A 1 33 ? 9.767   -4.079  -3.493  1.00 9.50  ? 32   LEU A N   1 
ATOM   259 C  CA  . LEU A 1 33 ? 9.940   -2.870  -2.700  1.00 9.71  ? 32   LEU A CA  1 
ATOM   260 C  C   . LEU A 1 33 ? 10.552  -3.152  -1.342  1.00 8.95  ? 32   LEU A C   1 
ATOM   261 O  O   . LEU A 1 33 ? 10.531  -2.288  -0.449  1.00 10.62 ? 32   LEU A O   1 
ATOM   262 C  CB  . LEU A 1 33 ? 8.604   -2.145  -2.532  1.00 10.24 ? 32   LEU A CB  1 
ATOM   263 C  CG  . LEU A 1 33 ? 7.884   -1.845  -3.852  1.00 9.09  ? 32   LEU A CG  1 
ATOM   264 C  CD1 . LEU A 1 33 ? 6.619   -1.030  -3.577  1.00 9.83  ? 32   LEU A CD1 1 
ATOM   265 C  CD2 . LEU A 1 33 ? 8.766   -1.073  -4.811  1.00 10.42 ? 32   LEU A CD2 1 
ATOM   266 N  N   . GLY A 1 34 ? 11.150  -4.344  -1.116  1.00 10.93 ? 33   GLY A N   1 
ATOM   267 C  CA  . GLY A 1 34 ? 11.965  -4.635  0.039   1.00 11.64 ? 33   GLY A CA  1 
ATOM   268 C  C   . GLY A 1 34 ? 11.203  -4.680  1.345   1.00 10.68 ? 33   GLY A C   1 
ATOM   269 O  O   . GLY A 1 34 ? 11.847  -4.553  2.390   1.00 15.35 ? 33   GLY A O   1 
ATOM   270 N  N   . ALA A 1 35 ? 9.883   -4.851  1.338   1.00 11.15 ? 34   ALA A N   1 
ATOM   271 C  CA  . ALA A 1 35 ? 9.146   -4.822  2.588   1.00 10.26 ? 34   ALA A CA  1 
ATOM   272 C  C   . ALA A 1 35 ? 9.516   -6.019  3.469   1.00 11.99 ? 34   ALA A C   1 
ATOM   273 O  O   . ALA A 1 35 ? 9.501   -7.168  3.028   1.00 16.26 ? 34   ALA A O   1 
ATOM   274 C  CB  . ALA A 1 35 ? 7.655   -4.895  2.350   1.00 12.05 ? 34   ALA A CB  1 
ATOM   275 N  N   . ASP A 1 36 ? 9.780   -5.675  4.723   1.00 10.86 ? 35   ASP A N   1 
ATOM   276 C  CA  . ASP A 1 36 ? 10.073  -6.734  5.702   1.00 12.15 ? 35   ASP A CA  1 
ATOM   277 C  C   . ASP A 1 36 ? 8.811   -6.998  6.527   1.00 12.54 ? 35   ASP A C   1 
ATOM   278 O  O   . ASP A 1 36 ? 7.732   -6.419  6.272   1.00 12.05 ? 35   ASP A O   1 
ATOM   279 C  CB  . ASP A 1 36 ? 11.296  -6.366  6.529   1.00 13.56 ? 35   ASP A CB  1 
ATOM   280 C  CG  . ASP A 1 36 ? 11.132  -5.150  7.439   1.00 12.00 ? 35   ASP A CG  1 
ATOM   281 O  OD1 . ASP A 1 36 ? 10.003  -4.723  7.716   1.00 11.98 ? 35   ASP A OD1 1 
ATOM   282 O  OD2 . ASP A 1 36 ? 12.227  -4.639  7.890   1.00 13.87 ? 35   ASP A OD2 1 
ATOM   283 N  N   . SER A 1 37 ? 8.866   -7.869  7.527   1.00 15.67 ? 36   SER A N   1 
ATOM   284 C  CA  . SER A 1 37 ? 7.600   -8.251  8.146   1.00 18.09 ? 36   SER A CA  1 
ATOM   285 C  C   . SER A 1 37 ? 6.983   -7.082  8.906   1.00 13.21 ? 36   SER A C   1 
ATOM   286 O  O   . SER A 1 37 ? 5.765   -6.940  8.867   1.00 13.89 ? 36   SER A O   1 
ATOM   287 C  CB  . SER A 1 37 ? 7.804   -9.466  9.047   1.00 27.67 ? 36   SER A CB  1 
ATOM   288 O  OG  . SER A 1 37 ? 7.989   -10.537 8.112   0.50 33.37 ? 36   SER A OG  1 
ATOM   289 N  N   . LEU A 1 38 ? 7.756   -6.274  9.605   1.00 12.47 ? 37   LEU A N   1 
ATOM   290 C  CA  . LEU A 1 38 ? 7.154   -5.111  10.252  1.00 10.91 ? 37   LEU A CA  1 
ATOM   291 C  C   . LEU A 1 38 ? 6.471   -4.215  9.228   1.00 10.77 ? 37   LEU A C   1 
ATOM   292 O  O   . LEU A 1 38 ? 5.380   -3.671  9.444   1.00 10.52 ? 37   LEU A O   1 
ATOM   293 C  CB  . LEU A 1 38 ? 8.194   -4.327  11.070  1.00 12.71 ? 37   LEU A CB  1 
ATOM   294 C  CG  . LEU A 1 38 ? 7.632   -3.066  11.718  1.00 11.30 ? 37   LEU A CG  1 
ATOM   295 C  CD1 . LEU A 1 38 ? 6.517   -3.334  12.763  1.00 11.78 ? 37   LEU A CD1 1 
ATOM   296 C  CD2 . LEU A 1 38 ? 8.759   -2.245  12.388  1.00 16.09 ? 37   LEU A CD2 1 
ATOM   297 N  N   . ASP A 1 39 ? 7.133   -4.037  8.089   1.00 10.30 ? 38   ASP A N   1 
ATOM   298 C  CA  . ASP A 1 39 ? 6.663   -3.114  7.063   1.00 8.98  ? 38   ASP A CA  1 
ATOM   299 C  C   . ASP A 1 39 ? 5.251   -3.506  6.634   1.00 10.99 ? 38   ASP A C   1 
ATOM   300 O  O   . ASP A 1 39 ? 4.426   -2.624  6.344   1.00 11.75 ? 38   ASP A O   1 
ATOM   301 C  CB  . ASP A 1 39 ? 7.563   -3.141  5.828   1.00 11.63 ? 38   ASP A CB  1 
ATOM   302 C  CG  . ASP A 1 39 ? 8.906   -2.460  6.016   1.00 11.28 ? 38   ASP A CG  1 
ATOM   303 O  OD1 . ASP A 1 39 ? 9.018   -1.536  6.870   1.00 13.28 ? 38   ASP A OD1 1 
ATOM   304 O  OD2 . ASP A 1 39 ? 9.803   -2.821  5.211   1.00 13.97 ? 38   ASP A OD2 1 
ATOM   305 N  N   . THR A 1 40 ? 5.022   -4.818  6.557   1.00 12.13 ? 39   THR A N   1 
ATOM   306 C  CA  . THR A 1 40 ? 3.701   -5.193  6.051   1.00 15.01 ? 39   THR A CA  1 
ATOM   307 C  C   . THR A 1 40 ? 2.614   -4.660  6.983   1.00 14.13 ? 39   THR A C   1 
ATOM   308 O  O   . THR A 1 40 ? 1.611   -4.098  6.493   1.00 17.48 ? 39   THR A O   1 
ATOM   309 C  CB  . THR A 1 40 ? 3.576   -6.708  5.808   1.00 18.66 ? 39   THR A CB  1 
ATOM   310 O  OG1 . THR A 1 40 ? 3.763   -7.467  7.014   1.00 23.24 ? 39   THR A OG1 1 
ATOM   311 C  CG2 . THR A 1 40 ? 4.663   -7.124  4.816   1.00 17.90 ? 39   THR A CG2 1 
ATOM   312 N  N   . VAL A 1 41 ? 2.769   -4.801  8.300   1.00 11.47 ? 40   VAL A N   1 
ATOM   313 C  CA  . VAL A 1 41 ? 1.699   -4.329  9.193   1.00 12.06 ? 40   VAL A CA  1 
ATOM   314 C  C   . VAL A 1 41 ? 1.713   -2.811  9.262   1.00 10.84 ? 40   VAL A C   1 
ATOM   315 O  O   . VAL A 1 41 ? 0.669   -2.162  9.340   1.00 11.61 ? 40   VAL A O   1 
ATOM   316 C  CB  . VAL A 1 41 ? 1.735   -4.967  10.610  1.00 14.67 ? 40   VAL A CB  1 
ATOM   317 C  CG1 . VAL A 1 41 ? 1.489   -6.464  10.453  1.00 15.79 ? 40   VAL A CG1 1 
ATOM   318 C  CG2 . VAL A 1 41 ? 3.003   -4.609  11.354  1.00 15.47 ? 40   VAL A CG2 1 
ATOM   319 N  N   . GLU A 1 42 ? 2.869   -2.162  9.211   1.00 10.10 ? 41   GLU A N   1 
ATOM   320 C  CA  . GLU A 1 42 ? 2.853   -0.703  9.281   1.00 10.09 ? 41   GLU A CA  1 
ATOM   321 C  C   . GLU A 1 42 ? 2.294   -0.102  8.004   1.00 10.66 ? 41   GLU A C   1 
ATOM   322 O  O   . GLU A 1 42 ? 1.672   0.968   8.033   1.00 11.81 ? 41   GLU A O   1 
ATOM   323 C  CB  . GLU A 1 42 ? 4.275   -0.219  9.539   1.00 11.96 ? 41   GLU A CB  1 
ATOM   324 C  CG  . GLU A 1 42 ? 4.696   -0.555  10.965  1.00 18.17 ? 41   GLU A CG  1 
ATOM   325 C  CD  . GLU A 1 42 ? 5.953   0.166   11.379  1.00 20.92 ? 41   GLU A CD  1 
ATOM   326 O  OE1 . GLU A 1 42 ? 6.839   0.372   10.519  1.00 24.47 ? 41   GLU A OE1 1 
ATOM   327 O  OE2 . GLU A 1 42 ? 6.033   0.512   12.575  1.00 31.74 ? 41   GLU A OE2 1 
ATOM   328 N  N   . LEU A 1 43 ? 2.486   -0.726  6.861   1.00 10.80 ? 42   LEU A N   1 
ATOM   329 C  CA  . LEU A 1 43 ? 1.899   -0.219  5.629   1.00 9.80  ? 42   LEU A CA  1 
ATOM   330 C  C   . LEU A 1 43 ? 0.390   -0.280  5.663   1.00 10.13 ? 42   LEU A C   1 
ATOM   331 O  O   . LEU A 1 43 ? -0.295  0.669   5.318   1.00 10.16 ? 42   LEU A O   1 
ATOM   332 C  CB  . LEU A 1 43 ? 2.441   -1.029  4.431   1.00 12.71 ? 42   LEU A CB  1 
ATOM   333 C  CG  . LEU A 1 43 ? 1.960   -0.484  3.091   1.00 13.62 ? 42   LEU A CG  1 
ATOM   334 C  CD1 . LEU A 1 43 ? 2.076   1.034   3.012   1.00 15.56 ? 42   LEU A CD1 1 
ATOM   335 C  CD2 . LEU A 1 43 ? 2.772   -1.124  1.973   1.00 15.12 ? 42   LEU A CD2 1 
ATOM   336 N  N   . VAL A 1 44 ? -0.136  -1.430  6.110   1.00 9.46  ? 43   VAL A N   1 
ATOM   337 C  CA  . VAL A 1 44 ? -1.597  -1.535  6.275   1.00 9.71  ? 43   VAL A CA  1 
ATOM   338 C  C   . VAL A 1 44 ? -2.108  -0.437  7.202   1.00 9.72  ? 43   VAL A C   1 
ATOM   339 O  O   . VAL A 1 44 ? -3.087  0.229   6.903   1.00 10.21 ? 43   VAL A O   1 
ATOM   340 C  CB  . VAL A 1 44 ? -1.965  -2.929  6.823   1.00 10.23 ? 43   VAL A CB  1 
ATOM   341 C  CG1 . VAL A 1 44 ? -3.415  -2.915  7.288   1.00 12.46 ? 43   VAL A CG1 1 
ATOM   342 C  CG2 . VAL A 1 44 ? -1.749  -4.022  5.771   1.00 13.56 ? 43   VAL A CG2 1 
ATOM   343 N  N   . MET A 1 45 ? -1.426  -0.252  8.330   1.00 9.50  ? 44   MET A N   1 
ATOM   344 C  CA  . MET A 1 45 ? -1.845  0.789   9.280   1.00 11.76 ? 44   MET A CA  1 
ATOM   345 C  C   . MET A 1 45 ? -1.836  2.171   8.661   1.00 9.34  ? 44   MET A C   1 
ATOM   346 O  O   . MET A 1 45 ? -2.787  2.958   8.838   1.00 11.28 ? 44   MET A O   1 
ATOM   347 C  CB  . MET A 1 45 ? -0.952  0.697   10.546  1.00 15.96 ? 44   MET A CB  1 
ATOM   348 C  CG  . MET A 1 45 ? -1.199  1.742   11.625  1.00 20.23 ? 44   MET A CG  1 
ATOM   349 S  SD  . MET A 1 45 ? -0.090  1.630   13.079  1.00 42.65 ? 44   MET A SD  1 
ATOM   350 C  CE  . MET A 1 45 ? -0.332  -0.113  13.488  1.00 77.58 ? 44   MET A CE  1 
ATOM   351 N  N   . ALA A 1 46 ? -0.782  2.495   7.877   1.00 9.95  ? 45   ALA A N   1 
ATOM   352 C  CA  . ALA A 1 46 ? -0.672  3.806   7.250   1.00 10.33 ? 45   ALA A CA  1 
ATOM   353 C  C   . ALA A 1 46 ? -1.792  4.029   6.239   1.00 8.84  ? 45   ALA A C   1 
ATOM   354 O  O   . ALA A 1 46 ? -2.287  5.130   6.131   1.00 11.07 ? 45   ALA A O   1 
ATOM   355 C  CB  . ALA A 1 46 ? 0.713   4.013   6.631   1.00 11.31 ? 45   ALA A CB  1 
ATOM   356 N  N   . LEU A 1 47 ? -2.121  3.014   5.464   1.00 8.69  ? 46   LEU A N   1 
ATOM   357 C  CA  . LEU A 1 47 ? -3.200  3.144   4.477   1.00 9.03  ? 46   LEU A CA  1 
ATOM   358 C  C   . LEU A 1 47 ? -4.504  3.325   5.227   1.00 8.38  ? 46   LEU A C   1 
ATOM   359 O  O   . LEU A 1 47 ? -5.374  4.104   4.832   1.00 10.25 ? 46   LEU A O   1 
ATOM   360 C  CB  . LEU A 1 47 ? -3.240  1.930   3.561   1.00 8.67  ? 46   LEU A CB  1 
ATOM   361 C  CG  . LEU A 1 47 ? -2.034  1.793   2.597   1.00 9.33  ? 46   LEU A CG  1 
ATOM   362 C  CD1 . LEU A 1 47 ? -2.066  0.482   1.835   1.00 13.83 ? 46   LEU A CD1 1 
ATOM   363 C  CD2 . LEU A 1 47 ? -2.023  2.964   1.631   1.00 11.25 ? 46   LEU A CD2 1 
ATOM   364 N  N   . GLU A 1 48 ? -4.723  2.528   6.291   1.00 9.43  ? 47   GLU A N   1 
ATOM   365 C  CA  . GLU A 1 48 ? -5.994  2.634   7.033   1.00 8.49  ? 47   GLU A CA  1 
ATOM   366 C  C   . GLU A 1 48 ? -6.192  4.050   7.579   1.00 9.41  ? 47   GLU A C   1 
ATOM   367 O  O   . GLU A 1 48 ? -7.284  4.586   7.513   1.00 12.01 ? 47   GLU A O   1 
ATOM   368 C  CB  . GLU A 1 48 ? -6.064  1.711   8.244   1.00 9.96  ? 47   GLU A CB  1 
ATOM   369 C  CG  . GLU A 1 48 ? -6.206  0.239   7.865   1.00 11.78 ? 47   GLU A CG  1 
ATOM   370 C  CD  . GLU A 1 48 ? -6.633  -0.603  9.050   1.00 12.03 ? 47   GLU A CD  1 
ATOM   371 O  OE1 . GLU A 1 48 ? -6.676  -0.106  10.197  1.00 15.70 ? 47   GLU A OE1 1 
ATOM   372 O  OE2 . GLU A 1 48 ? -6.966  -1.774  8.790   1.00 11.60 ? 47   GLU A OE2 1 
ATOM   373 N  N   . GLU A 1 49 ? -5.124  4.614   8.121   1.00 10.39 ? 48   GLU A N   1 
ATOM   374 C  CA  . GLU A 1 49 ? -5.182  5.933   8.710   1.00 12.11 ? 48   GLU A CA  1 
ATOM   375 C  C   . GLU A 1 49 ? -5.315  6.998   7.623   1.00 14.51 ? 48   GLU A C   1 
ATOM   376 O  O   . GLU A 1 49 ? -6.041  7.980   7.834   1.00 19.86 ? 48   GLU A O   1 
ATOM   377 C  CB  A GLU A 1 49 ? -3.949  6.163   9.598   0.67 14.14 ? 48   GLU A CB  1 
ATOM   378 C  CB  B GLU A 1 49 ? -3.896  6.237   9.498   0.54 12.71 ? 48   GLU A CB  1 
ATOM   379 C  CG  A GLU A 1 49 ? -4.215  7.215   10.651  0.50 12.35 ? 48   GLU A CG  1 
ATOM   380 C  CG  B GLU A 1 49 ? -3.853  5.428   10.781  0.60 11.85 ? 48   GLU A CG  1 
ATOM   381 C  CD  A GLU A 1 49 ? -5.201  6.814   11.729  0.46 15.22 ? 48   GLU A CD  1 
ATOM   382 C  CD  B GLU A 1 49 ? -5.250  5.086   11.261  0.09 12.08 ? 48   GLU A CD  1 
ATOM   383 O  OE1 A GLU A 1 49 ? -5.302  5.608   12.048  0.26 13.13 ? 48   GLU A OE1 1 
ATOM   384 O  OE1 B GLU A 1 49 ? -6.150  4.910   10.417  0.05 18.19 ? 48   GLU A OE1 1 
ATOM   385 O  OE2 A GLU A 1 49 ? -5.886  7.710   12.261  0.29 15.33 ? 48   GLU A OE2 1 
ATOM   386 O  OE2 B GLU A 1 49 ? -5.424  5.010   12.491  0.18 10.47 ? 48   GLU A OE2 1 
ATOM   387 N  N   . GLU A 1 50 ? -4.646  6.868   6.476   1.00 12.09 ? 49   GLU A N   1 
ATOM   388 C  CA  . GLU A 1 50 ? -4.721  7.913   5.459   1.00 15.13 ? 49   GLU A CA  1 
ATOM   389 C  C   . GLU A 1 50 ? -6.120  7.987   4.857   1.00 17.22 ? 49   GLU A C   1 
ATOM   390 O  O   . GLU A 1 50 ? -6.527  9.112   4.526   1.00 20.32 ? 49   GLU A O   1 
ATOM   391 C  CB  . GLU A 1 50 ? -3.682  7.659   4.367   1.00 16.13 ? 49   GLU A CB  1 
ATOM   392 C  CG  . GLU A 1 50 ? -3.833  8.543   3.151   1.00 16.34 ? 49   GLU A CG  1 
ATOM   393 C  CD  . GLU A 1 50 ? -3.239  9.918   3.329   1.00 16.87 ? 49   GLU A CD  1 
ATOM   394 O  OE1 . GLU A 1 50 ? -2.495  10.226  4.274   1.00 17.90 ? 49   GLU A OE1 1 
ATOM   395 O  OE2 . GLU A 1 50 ? -3.492  10.803  2.501   1.00 17.51 ? 49   GLU A OE2 1 
ATOM   396 N  N   . PHE A 1 51 ? -6.787  6.836   4.730   1.00 12.08 ? 50   PHE A N   1 
ATOM   397 C  CA  . PHE A 1 51 ? -8.042  6.754   3.978   1.00 11.26 ? 50   PHE A CA  1 
ATOM   398 C  C   . PHE A 1 51 ? -9.235  6.460   4.851   1.00 12.23 ? 50   PHE A C   1 
ATOM   399 O  O   . PHE A 1 51 ? -10.353 6.286   4.361   1.00 15.49 ? 50   PHE A O   1 
ATOM   400 C  CB  . PHE A 1 51 ? -7.812  5.684   2.900   1.00 11.09 ? 50   PHE A CB  1 
ATOM   401 C  CG  . PHE A 1 51 ? -6.818  6.164   1.857   1.00 10.31 ? 50   PHE A CG  1 
ATOM   402 C  CD1 . PHE A 1 51 ? -5.569  5.583   1.826   1.00 10.97 ? 50   PHE A CD1 1 
ATOM   403 C  CD2 . PHE A 1 51 ? -7.103  7.141   0.919   1.00 12.77 ? 50   PHE A CD2 1 
ATOM   404 C  CE1 . PHE A 1 51 ? -4.609  5.937   0.890   1.00 12.16 ? 50   PHE A CE1 1 
ATOM   405 C  CE2 . PHE A 1 51 ? -6.151  7.495   -0.034  1.00 13.94 ? 50   PHE A CE2 1 
ATOM   406 C  CZ  . PHE A 1 51 ? -4.912  6.884   -0.057  1.00 14.44 ? 50   PHE A CZ  1 
ATOM   407 N  N   . ASP A 1 52 ? -9.060  6.432   6.158   1.00 13.38 ? 51   ASP A N   1 
ATOM   408 C  CA  . ASP A 1 52 ? -10.066 6.172   7.163   1.00 15.79 ? 51   ASP A CA  1 
ATOM   409 C  C   . ASP A 1 52 ? -10.872 4.931   6.813   1.00 14.24 ? 51   ASP A C   1 
ATOM   410 O  O   . ASP A 1 52 ? -12.106 4.932   6.756   1.00 17.66 ? 51   ASP A O   1 
ATOM   411 C  CB  . ASP A 1 52 ? -11.011 7.367   7.326   1.00 18.84 ? 51   ASP A CB  1 
ATOM   412 C  CG  . ASP A 1 52 ? -11.840 7.234   8.587   1.00 22.11 ? 51   ASP A CG  1 
ATOM   413 O  OD1 . ASP A 1 52 ? -11.468 6.577   9.584   1.00 22.16 ? 51   ASP A OD1 1 
ATOM   414 O  OD2 . ASP A 1 52 ? -12.932 7.832   8.622   1.00 24.62 ? 51   ASP A OD2 1 
ATOM   415 N  N   . THR A 1 53 ? -10.140 3.850   6.557   1.00 14.11 ? 52   THR A N   1 
ATOM   416 C  CA  . THR A 1 53 ? -10.820 2.618   6.214   1.00 14.84 ? 52   THR A CA  1 
ATOM   417 C  C   . THR A 1 53 ? -10.148 1.434   6.896   1.00 16.13 ? 52   THR A C   1 
ATOM   418 O  O   . THR A 1 53 ? -8.949  1.470   7.181   1.00 29.44 ? 52   THR A O   1 
ATOM   419 C  CB  . THR A 1 53 ? -10.776 2.329   4.704   1.00 19.68 ? 52   THR A CB  1 
ATOM   420 O  OG1 . THR A 1 53 ? -11.534 1.161   4.380   1.00 27.57 ? 52   THR A OG1 1 
ATOM   421 C  CG2 . THR A 1 53 ? -9.331  2.044   4.298   1.00 23.57 ? 52   THR A CG2 1 
ATOM   422 N  N   . GLU A 1 54 ? -10.893 0.399   7.167   1.00 12.44 ? 53   GLU A N   1 
ATOM   423 C  CA  . GLU A 1 54 ? -10.293 -0.824  7.734   1.00 15.16 ? 53   GLU A CA  1 
ATOM   424 C  C   . GLU A 1 54 ? -9.907  -1.744  6.596   1.00 14.50 ? 53   GLU A C   1 
ATOM   425 O  O   . GLU A 1 54 ? -10.608 -1.792  5.571   1.00 21.00 ? 53   GLU A O   1 
ATOM   426 C  CB  . GLU A 1 54 ? -11.283 -1.495  8.677   1.00 16.85 ? 53   GLU A CB  1 
ATOM   427 C  CG  . GLU A 1 54 ? -11.598 -0.748  9.966   1.00 19.16 ? 53   GLU A CG  1 
ATOM   428 C  CD  . GLU A 1 54 ? -10.394 -0.418  10.827  1.00 19.13 ? 53   GLU A CD  1 
ATOM   429 O  OE1 . GLU A 1 54 ? -10.444 0.613   11.559  1.00 32.50 ? 53   GLU A OE1 1 
ATOM   430 O  OE2 . GLU A 1 54 ? -9.391  -1.149  10.796  1.00 13.72 ? 53   GLU A OE2 1 
ATOM   431 N  N   . ILE A 1 55 ? -8.828  -2.481  6.763   1.00 10.68 ? 54   ILE A N   1 
ATOM   432 C  CA  . ILE A 1 55 ? -8.450  -3.529  5.830   1.00 10.94 ? 54   ILE A CA  1 
ATOM   433 C  C   . ILE A 1 55 ? -8.419  -4.817  6.641   1.00 12.60 ? 54   ILE A C   1 
ATOM   434 O  O   . ILE A 1 55 ? -7.514  -4.967  7.475   1.00 15.84 ? 54   ILE A O   1 
ATOM   435 C  CB  . ILE A 1 55 ? -7.070  -3.257  5.199   1.00 11.51 ? 54   ILE A CB  1 
ATOM   436 C  CG1 . ILE A 1 55 ? -7.065  -1.940  4.425   1.00 12.66 ? 54   ILE A CG1 1 
ATOM   437 C  CG2 . ILE A 1 55 ? -6.615  -4.410  4.322   1.00 12.77 ? 54   ILE A CG2 1 
ATOM   438 C  CD1 . ILE A 1 55 ? -5.683  -1.446  4.046   1.00 15.71 ? 54   ILE A CD1 1 
ATOM   439 N  N   . PRO A 1 56 ? -9.344  -5.751  6.446   1.00 12.74 ? 55   PRO A N   1 
ATOM   440 C  CA  . PRO A 1 56 ? -9.308  -7.031  7.130   1.00 14.59 ? 55   PRO A CA  1 
ATOM   441 C  C   . PRO A 1 56 ? -7.994  -7.739  6.892   1.00 12.26 ? 55   PRO A C   1 
ATOM   442 O  O   . PRO A 1 56 ? -7.510  -7.738  5.770   1.00 12.99 ? 55   PRO A O   1 
ATOM   443 C  CB  . PRO A 1 56 ? -10.445 -7.828  6.483   1.00 19.32 ? 55   PRO A CB  1 
ATOM   444 C  CG  . PRO A 1 56 ? -11.380 -6.799  5.942   1.00 17.26 ? 55   PRO A CG  1 
ATOM   445 C  CD  . PRO A 1 56 ? -10.525 -5.623  5.548   1.00 13.63 ? 55   PRO A CD  1 
ATOM   446 N  N   . ASP A 1 57 ? -7.437  -8.390  7.924   1.00 11.86 ? 56   ASP A N   1 
ATOM   447 C  CA  . ASP A 1 57 ? -6.124  -9.030  7.693   1.00 13.87 ? 56   ASP A CA  1 
ATOM   448 C  C   . ASP A 1 57 ? -6.173  -10.109 6.607   1.00 17.53 ? 56   ASP A C   1 
ATOM   449 O  O   . ASP A 1 57 ? -5.157  -10.254 5.897   1.00 17.01 ? 56   ASP A O   1 
ATOM   450 C  CB  . ASP A 1 57 ? -5.519  -9.506  9.033   1.00 16.59 ? 56   ASP A CB  1 
ATOM   451 C  CG  . ASP A 1 57 ? -5.350  -8.395  10.042  1.00 17.28 ? 56   ASP A CG  1 
ATOM   452 O  OD1 . ASP A 1 57 ? -5.276  -7.208  9.659   1.00 19.59 ? 56   ASP A OD1 1 
ATOM   453 O  OD2 . ASP A 1 57 ? -5.189  -8.646  11.273  1.00 21.67 ? 56   ASP A OD2 1 
ATOM   454 N  N   . GLU A 1 58 ? -7.271  -10.830 6.397   1.00 18.76 ? 57   GLU A N   1 
ATOM   455 C  CA  . GLU A 1 58 ? -7.295  -11.909 5.402   1.00 22.84 ? 57   GLU A CA  1 
ATOM   456 C  C   . GLU A 1 58 ? -7.151  -11.277 4.011   1.00 21.83 ? 57   GLU A C   1 
ATOM   457 O  O   . GLU A 1 58 ? -6.595  -11.918 3.092   1.00 22.60 ? 57   GLU A O   1 
ATOM   458 C  CB  . GLU A 1 58 ? -8.556  -12.782 5.494   1.00 29.88 ? 57   GLU A CB  1 
ATOM   459 C  CG  . GLU A 1 58 ? -9.852  -12.027 5.328   1.00 38.31 ? 57   GLU A CG  1 
ATOM   460 C  CD  . GLU A 1 58 ? -10.988 -12.591 4.519   1.00 48.95 ? 57   GLU A CD  1 
ATOM   461 O  OE1 . GLU A 1 58 ? -11.761 -11.817 3.905   1.00 57.00 ? 57   GLU A OE1 1 
ATOM   462 O  OE2 . GLU A 1 58 ? -11.200 -13.835 4.469   1.00 48.02 ? 57   GLU A OE2 1 
ATOM   463 N  N   . GLU A 1 59 ? -7.659  -10.044 3.870   1.00 15.30 ? 58   GLU A N   1 
ATOM   464 C  CA  . GLU A 1 59 ? -7.405  -9.333  2.613   1.00 15.65 ? 58   GLU A CA  1 
ATOM   465 C  C   . GLU A 1 59 ? -6.050  -8.688  2.516   1.00 13.77 ? 58   GLU A C   1 
ATOM   466 O  O   . GLU A 1 59 ? -5.449  -8.675  1.430   1.00 15.60 ? 58   GLU A O   1 
ATOM   467 C  CB  . GLU A 1 59 ? -8.478  -8.262  2.490   1.00 18.82 ? 58   GLU A CB  1 
ATOM   468 C  CG  . GLU A 1 59 ? -9.824  -9.031  2.445   1.00 16.63 ? 58   GLU A CG  1 
ATOM   469 C  CD  . GLU A 1 59 ? -10.915 -8.090  1.974   1.00 18.65 ? 58   GLU A CD  1 
ATOM   470 O  OE1 . GLU A 1 59 ? -11.958 -8.140  2.645   1.00 23.57 ? 58   GLU A OE1 1 
ATOM   471 O  OE2 . GLU A 1 59 ? -10.761 -7.351  0.995   1.00 19.75 ? 58   GLU A OE2 1 
ATOM   472 N  N   . ALA A 1 60 ? -5.531  -8.177  3.632   1.00 14.06 ? 59   ALA A N   1 
ATOM   473 C  CA  . ALA A 1 60 ? -4.148  -7.715  3.552   1.00 11.93 ? 59   ALA A CA  1 
ATOM   474 C  C   . ALA A 1 60 ? -3.203  -8.826  3.120   1.00 12.14 ? 59   ALA A C   1 
ATOM   475 O  O   . ALA A 1 60 ? -2.255  -8.546  2.393   1.00 13.67 ? 59   ALA A O   1 
ATOM   476 C  CB  . ALA A 1 60 ? -3.738  -7.093  4.859   1.00 13.63 ? 59   ALA A CB  1 
ATOM   477 N  N   . GLU A 1 61 ? -3.384  -10.061 3.506   1.00 14.21 ? 60   GLU A N   1 
ATOM   478 C  CA  . GLU A 1 61 ? -2.497  -11.179 3.211   1.00 13.34 ? 60   GLU A CA  1 
ATOM   479 C  C   . GLU A 1 61 ? -2.351  -11.384 1.713   1.00 16.05 ? 60   GLU A C   1 
ATOM   480 O  O   . GLU A 1 61 ? -1.267  -11.845 1.256   1.00 17.45 ? 60   GLU A O   1 
ATOM   481 C  CB  . GLU A 1 61 ? -3.055  -12.437 3.873   1.00 17.81 ? 60   GLU A CB  1 
ATOM   482 C  CG  . GLU A 1 61 ? -2.556  -13.793 3.383   1.00 32.86 ? 60   GLU A CG  1 
ATOM   483 C  CD  . GLU A 1 61 ? -2.749  -14.805 4.515   1.00 40.53 ? 60   GLU A CD  1 
ATOM   484 O  OE1 . GLU A 1 61 ? -3.716  -14.566 5.278   1.00 55.68 ? 60   GLU A OE1 1 
ATOM   485 O  OE2 . GLU A 1 61 ? -1.965  -15.768 4.616   1.00 49.68 ? 60   GLU A OE2 1 
ATOM   486 N  N   . LYS A 1 62 ? -3.407  -11.045 0.980   1.00 13.34 ? 61   LYS A N   1 
ATOM   487 C  CA  . LYS A 1 62 ? -3.429  -11.174 -0.469  1.00 16.90 ? 61   LYS A CA  1 
ATOM   488 C  C   . LYS A 1 62 ? -3.114  -9.887  -1.203  1.00 14.52 ? 61   LYS A C   1 
ATOM   489 O  O   . LYS A 1 62 ? -3.108  -9.805  -2.433  1.00 17.48 ? 61   LYS A O   1 
ATOM   490 C  CB  . LYS A 1 62 ? -4.835  -11.713 -0.863  1.00 19.86 ? 61   LYS A CB  1 
ATOM   491 C  CG  . LYS A 1 62 ? -4.866  -13.216 -0.589  1.00 24.29 ? 61   LYS A CG  1 
ATOM   492 C  CD  . LYS A 1 62 ? -6.110  -13.925 -1.104  1.00 33.57 ? 61   LYS A CD  1 
ATOM   493 C  CE  . LYS A 1 62 ? -6.010  -15.405 -0.728  1.00 39.02 ? 61   LYS A CE  1 
ATOM   494 N  NZ  . LYS A 1 62 ? -7.302  -16.109 -0.658  1.00 40.60 ? 61   LYS A NZ  1 
ATOM   495 N  N   . MET A 1 63 ? -2.838  -8.813  -0.448  1.00 13.01 ? 62   MET A N   1 
ATOM   496 C  CA  . MET A 1 63 ? -2.675  -7.458  -1.030  1.00 12.26 ? 62   MET A CA  1 
ATOM   497 C  C   . MET A 1 63 ? -1.194  -7.242  -1.300  1.00 9.56  ? 62   MET A C   1 
ATOM   498 O  O   . MET A 1 63 ? -0.511  -6.491  -0.622  1.00 10.73 ? 62   MET A O   1 
ATOM   499 C  CB  . MET A 1 63 ? -3.253  -6.411  -0.098  1.00 14.46 ? 62   MET A CB  1 
ATOM   500 C  CG  . MET A 1 63 ? -3.428  -4.974  -0.574  1.00 15.36 ? 62   MET A CG  1 
ATOM   501 S  SD  . MET A 1 63 ? -4.291  -3.886  0.610   1.00 21.85 ? 62   MET A SD  1 
ATOM   502 C  CE  . MET A 1 63 ? -5.909  -4.687  0.695   1.00 37.48 ? 62   MET A CE  1 
ATOM   503 N  N   . THR A 1 64 ? -0.658  -7.954  -2.303  1.00 10.68 ? 63   THR A N   1 
ATOM   504 C  CA  . THR A 1 64 ? 0.782   -8.135  -2.320  1.00 10.32 ? 63   THR A CA  1 
ATOM   505 C  C   . THR A 1 64 ? 1.444   -7.164  -3.295  1.00 9.02  ? 63   THR A C   1 
ATOM   506 O  O   . THR A 1 64 ? 2.692   -7.095  -3.287  1.00 8.77  ? 63   THR A O   1 
ATOM   507 C  CB  . THR A 1 64 ? 1.218   -9.572  -2.660  1.00 15.51 ? 63   THR A CB  1 
ATOM   508 O  OG1 . THR A 1 64 ? 0.685   -9.930  -3.923  1.00 20.29 ? 63   THR A OG1 1 
ATOM   509 C  CG2 . THR A 1 64 ? 0.676   -10.522 -1.603  1.00 27.22 ? 63   THR A CG2 1 
ATOM   510 N  N   . THR A 1 65 ? 0.685   -6.393  -4.058  1.00 9.19  ? 64   THR A N   1 
ATOM   511 C  CA  . THR A 1 65 ? 1.224   -5.466  -5.042  1.00 10.18 ? 64   THR A CA  1 
ATOM   512 C  C   . THR A 1 65 ? 0.635   -4.088  -4.814  1.00 8.56  ? 64   THR A C   1 
ATOM   513 O  O   . THR A 1 65 ? -0.427  -3.910  -4.218  1.00 8.97  ? 64   THR A O   1 
ATOM   514 C  CB  . THR A 1 65 ? 0.979   -5.892  -6.500  1.00 9.53  ? 64   THR A CB  1 
ATOM   515 O  OG1 . THR A 1 65 ? -0.442  -5.895  -6.737  1.00 12.46 ? 64   THR A OG1 1 
ATOM   516 C  CG2 . THR A 1 65 ? 1.514   -7.270  -6.806  1.00 11.75 ? 64   THR A CG2 1 
ATOM   517 N  N   . VAL A 1 66 ? 1.351   -3.104  -5.365  1.00 8.79  ? 65   VAL A N   1 
ATOM   518 C  CA  . VAL A 1 66 ? 0.892   -1.731  -5.322  1.00 8.74  ? 65   VAL A CA  1 
ATOM   519 C  C   . VAL A 1 66 ? -0.517  -1.620  -5.901  1.00 8.42  ? 65   VAL A C   1 
ATOM   520 O  O   . VAL A 1 66 ? -1.407  -0.998  -5.284  1.00 9.19  ? 65   VAL A O   1 
ATOM   521 C  CB  . VAL A 1 66 ? 1.897   -0.846  -6.105  1.00 9.03  ? 65   VAL A CB  1 
ATOM   522 C  CG1 . VAL A 1 66 ? 1.372   0.564   -6.271  1.00 9.48  ? 65   VAL A CG1 1 
ATOM   523 C  CG2 . VAL A 1 66 ? 3.234   -0.821  -5.363  1.00 9.95  ? 65   VAL A CG2 1 
ATOM   524 N  N   . GLN A 1 67 ? -0.770  -2.238  -7.082  1.00 9.43  ? 66   GLN A N   1 
ATOM   525 C  CA  . GLN A 1 67 ? -2.101  -2.138  -7.659  1.00 9.65  ? 66   GLN A CA  1 
ATOM   526 C  C   . GLN A 1 67 ? -3.186  -2.735  -6.785  1.00 8.76  ? 66   GLN A C   1 
ATOM   527 O  O   . GLN A 1 67 ? -4.282  -2.174  -6.729  1.00 9.91  ? 66   GLN A O   1 
ATOM   528 C  CB  . GLN A 1 67 ? -2.107  -2.876  -9.027  1.00 10.01 ? 66   GLN A CB  1 
ATOM   529 C  CG  . GLN A 1 67 ? -3.352  -2.495  -9.816  1.00 10.57 ? 66   GLN A CG  1 
ATOM   530 C  CD  . GLN A 1 67 ? -3.372  -1.034  -10.201 1.00 10.69 ? 66   GLN A CD  1 
ATOM   531 O  OE1 . GLN A 1 67 ? -2.505  -0.548  -10.912 1.00 13.28 ? 66   GLN A OE1 1 
ATOM   532 N  NE2 . GLN A 1 67 ? -4.371  -0.286  -9.733  1.00 13.62 ? 66   GLN A NE2 1 
ATOM   533 N  N   . ALA A 1 68 ? -2.910  -3.825  -6.075  1.00 8.94  ? 67   ALA A N   1 
ATOM   534 C  CA  . ALA A 1 68 ? -3.847  -4.395  -5.161  1.00 8.91  ? 67   ALA A CA  1 
ATOM   535 C  C   . ALA A 1 68 ? -4.236  -3.365  -4.089  1.00 9.24  ? 67   ALA A C   1 
ATOM   536 O  O   . ALA A 1 68 ? -5.419  -3.297  -3.725  1.00 10.39 ? 67   ALA A O   1 
ATOM   537 C  CB  . ALA A 1 68 ? -3.302  -5.667  -4.526  1.00 9.84  ? 67   ALA A CB  1 
ATOM   538 N  N   . ALA A 1 69 ? -3.271  -2.620  -3.565  1.00 8.54  ? 68   ALA A N   1 
ATOM   539 C  CA  . ALA A 1 69 ? -3.590  -1.619  -2.544  1.00 8.57  ? 68   ALA A CA  1 
ATOM   540 C  C   . ALA A 1 69 ? -4.374  -0.461  -3.123  1.00 7.72  ? 68   ALA A C   1 
ATOM   541 O  O   . ALA A 1 69 ? -5.366  -0.051  -2.506  1.00 9.64  ? 68   ALA A O   1 
ATOM   542 C  CB  . ALA A 1 69 ? -2.304  -1.155  -1.855  1.00 9.68  ? 68   ALA A CB  1 
ATOM   543 N  N   . ILE A 1 70 ? -3.986  -0.010  -4.296  1.00 9.02  ? 69   ILE A N   1 
ATOM   544 C  CA  . ILE A 1 70 ? -4.766  1.054   -4.971  1.00 8.42  ? 69   ILE A CA  1 
ATOM   545 C  C   . ILE A 1 70 ? -6.198  0.623   -5.193  1.00 8.73  ? 69   ILE A C   1 
ATOM   546 O  O   . ILE A 1 70 ? -7.157  1.362   -4.896  1.00 9.79  ? 69   ILE A O   1 
ATOM   547 C  CB  . ILE A 1 70 ? -4.103  1.455   -6.304  1.00 8.47  ? 69   ILE A CB  1 
ATOM   548 C  CG1 . ILE A 1 70 ? -2.736  2.082   -6.141  1.00 9.60  ? 69   ILE A CG1 1 
ATOM   549 C  CG2 . ILE A 1 70 ? -5.029  2.416   -7.054  1.00 12.06 ? 69   ILE A CG2 1 
ATOM   550 C  CD1 . ILE A 1 70 ? -1.912  2.242   -7.406  1.00 12.49 ? 69   ILE A CD1 1 
ATOM   551 N  N   . ASP A 1 71 ? -6.363  -0.605  -5.712  1.00 8.53  ? 70   ASP A N   1 
ATOM   552 C  CA  . ASP A 1 71 ? -7.721  -1.070  -6.007  1.00 8.63  ? 70   ASP A CA  1 
ATOM   553 C  C   . ASP A 1 71 ? -8.547  -1.227  -4.740  1.00 8.89  ? 70   ASP A C   1 
ATOM   554 O  O   . ASP A 1 71 ? -9.752  -0.895  -4.752  1.00 9.95  ? 70   ASP A O   1 
ATOM   555 C  CB  . ASP A 1 71 ? -7.694  -2.422  -6.753  1.00 10.61 ? 70   ASP A CB  1 
ATOM   556 C  CG  . ASP A 1 71 ? -7.094  -2.379  -8.136  1.00 10.87 ? 70   ASP A CG  1 
ATOM   557 O  OD1 . ASP A 1 71 ? -6.838  -1.270  -8.676  1.00 15.38 ? 70   ASP A OD1 1 
ATOM   558 O  OD2 . ASP A 1 71 ? -6.897  -3.462  -8.699  1.00 17.12 ? 70   ASP A OD2 1 
ATOM   559 N  N   . TYR A 1 72 ? -7.951  -1.691  -3.652  1.00 8.38  ? 71   TYR A N   1 
ATOM   560 C  CA  . TYR A 1 72 ? -8.701  -1.810  -2.413  1.00 9.14  ? 71   TYR A CA  1 
ATOM   561 C  C   . TYR A 1 72 ? -9.154  -0.393  -2.037  1.00 9.63  ? 71   TYR A C   1 
ATOM   562 O  O   . TYR A 1 72 ? -10.327 -0.238  -1.660  1.00 9.49  ? 71   TYR A O   1 
ATOM   563 C  CB  . TYR A 1 72 ? -7.836  -2.481  -1.298  1.00 10.02 ? 71   TYR A CB  1 
ATOM   564 C  CG  . TYR A 1 72 ? -8.681  -2.624  -0.036  1.00 10.18 ? 71   TYR A CG  1 
ATOM   565 C  CD1 . TYR A 1 72 ? -9.322  -3.817  0.225   1.00 10.39 ? 71   TYR A CD1 1 
ATOM   566 C  CD2 . TYR A 1 72 ? -8.885  -1.616  0.920   1.00 10.88 ? 71   TYR A CD2 1 
ATOM   567 C  CE1 . TYR A 1 72 ? -10.092 -4.050  1.322   1.00 12.90 ? 71   TYR A CE1 1 
ATOM   568 C  CE2 . TYR A 1 72 ? -9.691  -1.798  2.014   1.00 12.50 ? 71   TYR A CE2 1 
ATOM   569 C  CZ  . TYR A 1 72 ? -10.288 -3.010  2.197   1.00 12.58 ? 71   TYR A CZ  1 
ATOM   570 O  OH  . TYR A 1 72 ? -11.084 -3.256  3.289   1.00 15.42 ? 71   TYR A OH  1 
ATOM   571 N  N   . ILE A 1 73 ? -8.247  0.567   -1.951  1.00 9.66  ? 72   ILE A N   1 
ATOM   572 C  CA  . ILE A 1 73 ? -8.606  1.884   -1.430  1.00 9.10  ? 72   ILE A CA  1 
ATOM   573 C  C   . ILE A 1 73 ? -9.656  2.515   -2.336  1.00 10.30 ? 72   ILE A C   1 
ATOM   574 O  O   . ILE A 1 73 ? -10.662 3.092   -1.871  1.00 9.95  ? 72   ILE A O   1 
ATOM   575 C  CB  . ILE A 1 73 ? -7.341  2.747   -1.250  1.00 9.72  ? 72   ILE A CB  1 
ATOM   576 C  CG1 . ILE A 1 73 ? -6.375  2.133   -0.215  1.00 10.26 ? 72   ILE A CG1 1 
ATOM   577 C  CG2 . ILE A 1 73 ? -7.712  4.201   -0.948  1.00 11.44 ? 72   ILE A CG2 1 
ATOM   578 C  CD1 . ILE A 1 73 ? -7.016  2.111   1.182   1.00 12.56 ? 72   ILE A CD1 1 
ATOM   579 N  N   . ASN A 1 74 ? -9.446  2.425   -3.672  1.00 10.15 ? 73   ASN A N   1 
ATOM   580 C  CA  . ASN A 1 74 ? -10.449 3.002   -4.582  1.00 12.39 ? 73   ASN A CA  1 
ATOM   581 C  C   . ASN A 1 74 ? -11.816 2.373   -4.396  1.00 11.89 ? 73   ASN A C   1 
ATOM   582 O  O   . ASN A 1 74 ? -12.841 3.028   -4.548  1.00 14.15 ? 73   ASN A O   1 
ATOM   583 C  CB  . ASN A 1 74 ? -10.124 2.766   -6.033  1.00 15.04 ? 73   ASN A CB  1 
ATOM   584 C  CG  . ASN A 1 74 ? -9.519  3.960   -6.728  1.00 21.26 ? 73   ASN A CG  1 
ATOM   585 O  OD1 . ASN A 1 74 ? -9.797  5.085   -6.343  1.00 25.40 ? 73   ASN A OD1 1 
ATOM   586 N  ND2 . ASN A 1 74 ? -8.712  3.589   -7.734  1.00 27.89 ? 73   ASN A ND2 1 
ATOM   587 N  N   . GLY A 1 75 ? -11.822 1.097   -4.066  1.00 9.66  ? 74   GLY A N   1 
ATOM   588 C  CA  . GLY A 1 75 ? -13.036 0.315   -3.972  1.00 10.68 ? 74   GLY A CA  1 
ATOM   589 C  C   . GLY A 1 75 ? -13.746 0.433   -2.656  1.00 9.33  ? 74   GLY A C   1 
ATOM   590 O  O   . GLY A 1 75 ? -14.868 -0.039  -2.495  1.00 11.39 ? 74   GLY A O   1 
ATOM   591 N  N   . HIS A 1 76 ? -13.171 1.105   -1.647  1.00 10.12 ? 75   HIS A N   1 
ATOM   592 C  CA  . HIS A 1 76 ? -13.757 1.183   -0.300  1.00 10.11 ? 75   HIS A CA  1 
ATOM   593 C  C   . HIS A 1 76 ? -13.785 2.635   0.170   1.00 13.76 ? 75   HIS A C   1 
ATOM   594 O  O   . HIS A 1 76 ? -13.469 2.970   1.311   1.00 18.82 ? 75   HIS A O   1 
ATOM   595 C  CB  . HIS A 1 76 ? -12.989 0.328   0.711   1.00 10.75 ? 75   HIS A CB  1 
ATOM   596 C  CG  . HIS A 1 76 ? -13.079 -1.150  0.459   1.00 10.36 ? 75   HIS A CG  1 
ATOM   597 N  ND1 . HIS A 1 76 ? -12.322 -1.814  -0.502  1.00 9.39  ? 75   HIS A ND1 1 
ATOM   598 C  CD2 . HIS A 1 76 ? -13.842 -2.097  1.034   1.00 11.91 ? 75   HIS A CD2 1 
ATOM   599 C  CE1 . HIS A 1 76 ? -12.641 -3.090  -0.473  1.00 10.59 ? 75   HIS A CE1 1 
ATOM   600 N  NE2 . HIS A 1 76 ? -13.539 -3.287  0.452   1.00 10.89 ? 75   HIS A NE2 1 
ATOM   601 N  N   . GLN A 1 77 ? -14.217 3.548   -0.701  1.00 17.57 ? 76   GLN A N   1 
ATOM   602 C  CA  . GLN A 1 77 ? -14.113 4.960   -0.290  1.00 21.65 ? 76   GLN A CA  1 
ATOM   603 C  C   . GLN A 1 77 ? -14.965 5.396   0.890   1.00 19.04 ? 76   GLN A C   1 
ATOM   604 O  O   . GLN A 1 77 ? -16.172 5.051   0.933   1.00 25.54 ? 76   GLN A O   1 
ATOM   605 C  CB  . GLN A 1 77 ? -14.411 5.823   -1.529  1.00 19.77 ? 76   GLN A CB  1 
ATOM   606 C  CG  . GLN A 1 77 ? -13.116 5.788   -2.365  1.00 20.22 ? 76   GLN A CG  1 
ATOM   607 C  CD  . GLN A 1 77 ? -13.292 6.607   -3.627  1.00 20.77 ? 76   GLN A CD  1 
ATOM   608 O  OE1 . GLN A 1 77 ? -13.577 7.794   -3.521  1.00 24.48 ? 76   GLN A OE1 1 
ATOM   609 N  NE2 . GLN A 1 77 ? -13.118 5.962   -4.768  1.00 16.83 ? 76   GLN A NE2 1 
ATOM   610 N  N   . ALA A 1 78 ? -14.290 6.131   1.764   1.00 26.53 ? 77   ALA A N   1 
ATOM   611 C  CA  . ALA A 1 78 ? -14.788 6.827   2.929   1.00 35.94 ? 77   ALA A CA  1 
ATOM   612 C  C   . ALA A 1 78 ? -15.009 8.309   2.616   1.00 46.41 ? 77   ALA A C   1 
ATOM   613 O  O   . ALA A 1 78 ? -15.337 8.565   1.431   1.00 55.66 ? 77   ALA A O   1 
ATOM   614 C  CB  . ALA A 1 78 ? -13.820 6.632   4.098   1.00 36.87 ? 77   ALA A CB  1 
ATOM   615 O  OXT . ALA A 1 78 ? -14.874 9.219   3.475   1.00 54.08 ? 77   ALA A OXT 1 
HETATM 616 NA NA  . NA  B 2 .  ? 1.489   9.440   -11.251 1.00 6.60  ? 1001 NA  A NA  1 
HETATM 617 ZN ZN  . ZN  C 3 .  ? 3.682   12.310  2.917   0.48 13.24 ? 1002 ZN  A ZN  1 
HETATM 618 AS AS  . CAC D 4 .  ? 3.936   13.800  5.786   0.70 27.56 ? 1003 CAC A AS  1 
HETATM 619 O  O1  . CAC D 4 .  ? 3.426   12.537  4.707   0.70 35.13 ? 1003 CAC A O1  1 
HETATM 620 O  O2  . CAC D 4 .  ? 2.678   15.000  5.468   0.70 24.39 ? 1003 CAC A O2  1 
HETATM 621 C  C1  . CAC D 4 .  ? 5.669   14.569  5.108   0.70 42.56 ? 1003 CAC A C1  1 
HETATM 622 C  C2  . CAC D 4 .  ? 4.251   13.615  7.729   0.70 74.83 ? 1003 CAC A C2  1 
HETATM 623 ZN ZN  . ZN  E 3 .  ? 7.832   -7.878  -9.241  1.00 12.79 ? 1004 ZN  A ZN  1 
HETATM 624 ZN ZN  . ZN  F 3 .  ? -9.016  7.038   12.479  0.47 12.71 ? 1005 ZN  A ZN  1 
HETATM 625 ZN ZN  . ZN  G 3 .  ? -6.733  5.093   13.671  0.56 11.39 ? 1006 ZN  A ZN  1 
HETATM 626 ZN ZN  . ZN  H 3 .  ? -6.755  2.169   12.444  0.60 12.17 ? 1007 ZN  A ZN  1 
HETATM 627 ZN ZN  . ZN  I 3 .  ? -7.793  -0.742  11.638  1.00 14.12 ? 1008 ZN  A ZN  1 
HETATM 628 ZN ZN  . ZN  J 3 .  ? 14.955  1.565   -3.789  1.00 13.62 ? 1009 ZN  A ZN  1 
HETATM 629 O  O23 . PSR K 5 .  ? 6.948   -12.114 9.684   0.60 43.33 ? 78   PSR A O23 1 
HETATM 630 P  P24 . PSR K 5 .  ? 7.244   -11.893 8.216   0.60 38.71 ? 78   PSR A P24 1 
HETATM 631 O  O26 . PSR K 5 .  ? 8.055   -12.980 7.556   0.60 51.71 ? 78   PSR A O26 1 
HETATM 632 O  O27 . PSR K 5 .  ? 5.880   -11.689 7.433   0.60 44.22 ? 78   PSR A O27 1 
HETATM 633 C  C28 . PSR K 5 .  ? 5.875   -13.161 6.645   0.00 -1.00 ? 78   PSR A C28 1 
HETATM 634 C  C29 . PSR K 5 .  ? 4.962   -14.068 5.760   0.00 -1.00 ? 78   PSR A C29 1 
HETATM 635 C  C30 . PSR K 5 .  ? 5.812   -15.208 5.114   0.00 -1.00 ? 78   PSR A C30 1 
HETATM 636 C  C31 . PSR K 5 .  ? 3.903   -14.791 6.650   0.00 -1.00 ? 78   PSR A C31 1 
HETATM 637 C  C32 . PSR K 5 .  ? 4.248   -13.164 4.723   0.00 -1.00 ? 78   PSR A C32 1 
HETATM 638 O  O33 . PSR K 5 .  ? 3.032   -12.618 5.272   0.00 -1.00 ? 78   PSR A O33 1 
HETATM 639 C  C34 . PSR K 5 .  ? 3.982   -13.775 3.371   0.00 -1.00 ? 78   PSR A C34 1 
HETATM 640 O  O35 . PSR K 5 .  ? 4.910   -14.193 2.685   0.00 -1.00 ? 78   PSR A O35 1 
HETATM 641 N  N36 . PSR K 5 .  ? 2.703   -13.806 3.027   0.00 -1.00 ? 78   PSR A N36 1 
HETATM 642 C  C37 . PSR K 5 .  ? 2.111   -14.287 1.713   0.00 -1.00 ? 78   PSR A C37 1 
HETATM 643 C  C38 . PSR K 5 .  ? 1.453   -13.037 1.049   0.00 -1.00 ? 78   PSR A C38 1 
HETATM 644 C  C39 . PSR K 5 .  ? 2.148   -11.741 1.455   0.00 -1.00 ? 78   PSR A C39 1 
HETATM 645 O  O40 . PSR K 5 .  ? 3.363   -11.623 1.238   0.00 -1.00 ? 78   PSR A O40 1 
HETATM 646 N  N41 . PSR K 5 .  ? 1.136   -10.883 1.883   0.60 35.90 ? 78   PSR A N41 1 
HETATM 647 C  C42 . PSR K 5 .  ? 1.557   -9.514  2.396   0.60 42.81 ? 78   PSR A C42 1 
HETATM 648 C  C43 . PSR K 5 .  ? 1.811   -8.611  1.200   0.60 42.89 ? 78   PSR A C43 1 
HETATM 649 S  S1  . PSR K 5 .  ? 2.216   -7.124  1.984   0.60 18.31 ? 78   PSR A S1  1 
HETATM 650 C  C1  . PSR K 5 .  ? 0.961   -6.289  2.974   0.60 12.76 ? 78   PSR A C1  1 
HETATM 651 O  O1  . PSR K 5 .  ? 0.381   -6.954  3.843   0.60 13.53 ? 78   PSR A O1  1 
HETATM 652 C  C2  . PSR K 5 .  ? 0.796   -4.786  2.862   0.60 11.55 ? 78   PSR A C2  1 
HETATM 653 C  C3  . PSR K 5 .  ? -0.554  -4.493  2.116   0.60 11.69 ? 78   PSR A C3  1 
HETATM 654 C  C4  . PSR K 5 .  ? -0.718  -2.952  2.041   0.60 14.09 ? 78   PSR A C4  1 
HETATM 655 O  O   . HOH L 6 .  ? -2.986  4.056   -13.690 1.00 16.68 ? 2001 HOH A O   1 
HETATM 656 O  O   . HOH L 6 .  ? 0.491   10.864  -12.442 1.00 25.99 ? 2002 HOH A O   1 
HETATM 657 O  O   . HOH L 6 .  ? 11.434  -8.101  1.136   1.00 17.76 ? 2003 HOH A O   1 
HETATM 658 O  O   . HOH L 6 .  ? 4.350   -8.404  -1.367  1.00 13.01 ? 2004 HOH A O   1 
HETATM 659 O  O   . HOH L 6 .  ? 12.591  -12.648 -2.812  1.00 13.53 ? 2005 HOH A O   1 
HETATM 660 O  O   . HOH L 6 .  ? 9.409   -8.906  -8.540  1.00 15.50 ? 2006 HOH A O   1 
HETATM 661 O  O   . HOH L 6 .  ? -4.399  2.707   -10.615 1.00 17.26 ? 2007 HOH A O   1 
HETATM 662 O  O   . HOH L 6 .  ? -6.501  7.073   -8.819  1.00 20.82 ? 2008 HOH A O   1 
HETATM 663 O  O   . HOH L 6 .  ? 2.715   9.558   -5.607  1.00 17.27 ? 2009 HOH A O   1 
HETATM 664 O  O   . HOH L 6 .  ? 2.078   2.607   10.207  1.00 23.65 ? 2011 HOH A O   1 
HETATM 665 O  O   . HOH L 6 .  ? 2.398   -7.705  -10.352 1.00 25.15 ? 2012 HOH A O   1 
HETATM 666 O  O   . HOH L 6 .  ? 6.824   -7.335  -13.006 1.00 32.96 ? 2013 HOH A O   1 
HETATM 667 O  O   . HOH L 6 .  ? 6.680   -12.951 -1.637  1.00 14.86 ? 2015 HOH A O   1 
HETATM 668 O  O   . HOH L 6 .  ? -10.544 7.340   -10.548 1.00 38.50 ? 2016 HOH A O   1 
HETATM 669 O  O   . HOH L 6 .  ? 11.961  -1.194  1.606   1.00 13.68 ? 2017 HOH A O   1 
HETATM 670 O  O   . HOH L 6 .  ? -8.406  0.800   -8.931  1.00 26.08 ? 2018 HOH A O   1 
HETATM 671 O  O   . HOH L 6 .  ? -4.543  18.824  -3.160  1.00 18.94 ? 2019 HOH A O   1 
HETATM 672 O  O   . HOH L 6 .  ? -8.736  9.616   -7.080  1.00 22.69 ? 2020 HOH A O   1 
HETATM 673 O  O   . HOH L 6 .  ? -9.678  7.095   -7.852  1.00 25.73 ? 2021 HOH A O   1 
HETATM 674 O  O   . HOH L 6 .  ? -0.527  9.095   -10.700 1.00 19.04 ? 2022 HOH A O   1 
HETATM 675 O  O   . HOH L 6 .  ? 1.916   8.423   -9.411  1.00 17.56 ? 2023 HOH A O   1 
HETATM 676 O  O   . HOH L 6 .  ? -1.949  9.803   6.782   1.00 26.32 ? 2024 HOH A O   1 
HETATM 677 O  O   . HOH L 6 .  ? 5.380   5.922   -9.812  1.00 28.44 ? 2025 HOH A O   1 
HETATM 678 O  O   . HOH L 6 .  ? 7.539   4.670   -11.696 1.00 29.24 ? 2026 HOH A O   1 
HETATM 679 O  O   . HOH L 6 .  ? 8.528   7.619   -2.312  1.00 18.15 ? 2028 HOH A O   1 
HETATM 680 O  O   . HOH L 6 .  ? 2.669   8.331   5.412   1.00 43.87 ? 2029 HOH A O   1 
HETATM 681 O  O   . HOH L 6 .  ? 12.548  3.719   5.763   1.00 31.80 ? 2031 HOH A O   1 
HETATM 682 O  O   . HOH L 6 .  ? 7.756   0.386   8.202   1.00 23.52 ? 2032 HOH A O   1 
HETATM 683 O  O   . HOH L 6 .  ? 15.063  5.536   2.084   1.00 27.70 ? 2033 HOH A O   1 
HETATM 684 O  O   . HOH L 6 .  ? 10.762  9.640   -4.289  1.00 21.56 ? 2035 HOH A O   1 
HETATM 685 O  O   . HOH L 6 .  ? 7.561   11.618  -7.425  1.00 33.41 ? 2036 HOH A O   1 
HETATM 686 O  O   . HOH L 6 .  ? 10.007  -1.547  -8.649  1.00 26.32 ? 2037 HOH A O   1 
HETATM 687 O  O   . HOH L 6 .  ? 14.483  0.385   -2.433  1.00 17.10 ? 2038 HOH A O   1 
HETATM 688 O  O   . HOH L 6 .  ? 16.599  0.944   -4.654  1.00 18.55 ? 2040 HOH A O   1 
HETATM 689 O  O   . HOH L 6 .  ? 3.767   1.361   -13.127 1.00 22.02 ? 2041 HOH A O   1 
HETATM 690 O  O   . HOH L 6 .  ? -1.408  -2.401  -12.708 1.00 25.85 ? 2042 HOH A O   1 
HETATM 691 O  O   . HOH L 6 .  ? 6.425   -6.707  -10.264 1.00 13.11 ? 2043 HOH A O   1 
HETATM 692 O  O   . HOH L 6 .  ? 8.431   -8.145  -11.106 1.00 24.65 ? 2044 HOH A O   1 
HETATM 693 O  O   . HOH L 6 .  ? 0.465   -8.957  -9.733  1.00 36.81 ? 2045 HOH A O   1 
HETATM 694 O  O   . HOH L 6 .  ? 10.433  -12.725 -6.357  1.00 14.79 ? 2046 HOH A O   1 
HETATM 695 O  O   . HOH L 6 .  ? 11.749  -14.972 -6.093  1.00 18.51 ? 2047 HOH A O   1 
HETATM 696 O  O   . HOH L 6 .  ? 12.522  -2.278  -6.947  1.00 23.26 ? 2048 HOH A O   1 
HETATM 697 O  O   . HOH L 6 .  ? 13.190  -3.462  -8.779  1.00 24.66 ? 2049 HOH A O   1 
HETATM 698 O  O   . HOH L 6 .  ? -3.074  -5.266  10.238  1.00 18.21 ? 2051 HOH A O   1 
HETATM 699 O  O   . HOH L 6 .  ? -1.886  -7.094  8.637   1.00 30.49 ? 2052 HOH A O   1 
HETATM 700 O  O   . HOH L 6 .  ? -1.603  -3.172  10.668  1.00 20.78 ? 2053 HOH A O   1 
HETATM 701 O  O   . HOH L 6 .  ? -6.806  3.196   13.708  1.00 19.49 ? 2055 HOH A O   1 
HETATM 702 O  O   . HOH L 6 .  ? -13.998 2.989   3.958   1.00 34.50 ? 2056 HOH A O   1 
HETATM 703 O  O   . HOH L 6 .  ? -9.107  -3.842  10.090  1.00 21.67 ? 2057 HOH A O   1 
HETATM 704 O  O   . HOH L 6 .  ? -6.960  -8.823  -0.949  1.00 22.13 ? 2058 HOH A O   1 
HETATM 705 O  O   . HOH L 6 .  ? -5.713  -7.763  -2.889  1.00 20.45 ? 2059 HOH A O   1 
HETATM 706 O  O   . HOH L 6 .  ? -7.624  11.654  -3.470  1.00 23.62 ? 2060 HOH A O   1 
HETATM 707 O  O   . HOH L 6 .  ? -6.213  15.452  -8.316  1.00 35.74 ? 2061 HOH A O   1 
HETATM 708 O  O   . HOH L 6 .  ? -6.995  17.559  -7.872  1.00 24.17 ? 2062 HOH A O   1 
HETATM 709 O  O   . HOH L 6 .  ? -3.697  8.866   -10.806 1.00 23.24 ? 2063 HOH A O   1 
HETATM 710 O  O   . HOH L 6 .  ? -4.632  9.891   -12.833 1.00 24.64 ? 2064 HOH A O   1 
HETATM 711 O  O   . HOH L 6 .  ? -6.592  5.900   -13.098 1.00 31.92 ? 2065 HOH A O   1 
HETATM 712 O  O   . HOH L 6 .  ? -8.641  4.727   -11.660 1.00 28.11 ? 2066 HOH A O   1 
HETATM 713 O  O   . HOH L 6 .  ? 2.897   11.218  -7.688  1.00 21.21 ? 2068 HOH A O   1 
HETATM 714 O  O   . HOH L 6 .  ? 5.573   10.674  -8.811  1.00 23.94 ? 2069 HOH A O   1 
HETATM 715 O  O   . HOH L 6 .  ? 4.592   8.223   -8.488  1.00 18.42 ? 2070 HOH A O   1 
HETATM 716 O  O   . HOH L 6 .  ? 1.611   11.165  -10.234 1.00 21.43 ? 2071 HOH A O   1 
HETATM 717 O  O   . HOH L 6 .  ? 1.739   16.809  -10.271 1.00 26.02 ? 2072 HOH A O   1 
HETATM 718 O  O   . HOH L 6 .  ? -1.113  15.495  -9.137  1.00 20.09 ? 2073 HOH A O   1 
HETATM 719 O  O   . HOH L 6 .  ? 4.702   3.430   -12.614 1.00 31.80 ? 2076 HOH A O   1 
HETATM 720 O  O   . HOH L 6 .  ? 10.882  7.348   0.968   1.00 29.91 ? 2077 HOH A O   1 
HETATM 721 O  O   . HOH L 6 .  ? 7.493   12.417  2.634   1.00 30.20 ? 2078 HOH A O   1 
HETATM 722 O  O   . HOH L 6 .  ? 10.722  0.892   5.914   1.00 25.33 ? 2080 HOH A O   1 
HETATM 723 O  O   . HOH L 6 .  ? 14.891  1.348   0.088   1.00 19.43 ? 2081 HOH A O   1 
HETATM 724 O  O   . HOH L 6 .  ? 14.393  -0.339  2.069   1.00 20.08 ? 2082 HOH A O   1 
HETATM 725 O  O   . HOH L 6 .  ? 13.499  -1.915  -2.715  1.00 37.69 ? 2083 HOH A O   1 
HETATM 726 O  O   . HOH L 6 .  ? 12.760  -5.735  -7.679  1.00 37.58 ? 2084 HOH A O   1 
HETATM 727 O  O   . HOH L 6 .  ? -0.832  -4.940  -11.729 1.00 38.68 ? 2085 HOH A O   1 
HETATM 728 O  O   . HOH L 6 .  ? -0.809  -6.115  -9.483  1.00 29.75 ? 2086 HOH A O   1 
HETATM 729 O  O   . HOH L 6 .  ? 12.110  -11.661 -8.565  1.00 24.47 ? 2087 HOH A O   1 
HETATM 730 O  O   . HOH L 6 .  ? 0.104   -7.555  6.982   1.00 36.26 ? 2088 HOH A O   1 
HETATM 731 O  O   . HOH L 6 .  ? -3.425  -1.108  11.322  1.00 26.63 ? 2090 HOH A O   1 
HETATM 732 O  O   . HOH L 6 .  ? -10.660 3.964   0.851   1.00 22.32 ? 2091 HOH A O   1 
HETATM 733 O  O   . HOH L 6 .  ? -13.605 -1.449  4.595   1.00 38.64 ? 2092 HOH A O   1 
HETATM 734 O  O   . HOH L 6 .  ? -17.583 4.040   -0.625  1.00 23.70 ? 2093 HOH A O   1 
HETATM 735 O  O   . HOH L 6 .  ? -10.167 11.048  -4.976  1.00 24.71 ? 2094 HOH A O   1 
HETATM 736 O  O   . HOH L 6 .  ? -0.047  14.735  -6.612  1.00 36.14 ? 2095 HOH A O   1 
HETATM 737 O  O   . HOH L 6 .  ? -9.049  11.294  -9.343  1.00 28.77 ? 2096 HOH A O   1 
HETATM 738 O  O   . HOH L 6 .  ? -6.824  4.224   -9.688  1.00 30.67 ? 2097 HOH A O   1 
HETATM 739 O  O   . HOH L 6 .  ? 11.578  10.548  -6.438  1.00 30.38 ? 2099 HOH A O   1 
HETATM 740 O  O   . HOH L 6 .  ? 10.280  -1.444  -12.700 1.00 40.05 ? 2100 HOH A O   1 
HETATM 741 O  O   . HOH L 6 .  ? 12.352  -6.354  -2.782  1.00 18.71 ? 2102 HOH A O   1 
HETATM 742 O  O   . HOH L 6 .  ? 8.426   -12.172 3.534   1.00 34.88 ? 2103 HOH A O   1 
HETATM 743 O  O   . HOH L 6 .  ? -11.179 6.442   1.784   1.00 22.05 ? 2105 HOH A O   1 
HETATM 744 O  O   . HOH L 6 .  ? -13.838 0.663   7.233   1.00 33.38 ? 2107 HOH A O   1 
HETATM 745 O  O   . HOH L 6 .  ? -1.178  -14.344 0.483   1.00 33.93 ? 2109 HOH A O   1 
HETATM 746 O  O   . HOH L 6 .  ? -4.804  -9.855  -4.673  1.00 27.17 ? 2110 HOH A O   1 
HETATM 747 O  O   . HOH L 6 .  ? 9.045   -9.548  4.217   1.00 33.44 ? 2112 HOH A O   1 
HETATM 748 O  O   . HOH L 6 .  ? 0.935   -1.580  -14.032 1.00 29.19 ? 2115 HOH A O   1 
HETATM 749 O  O   . HOH L 6 .  ? 8.332   5.835   -14.318 1.00 29.76 ? 2116 HOH A O   1 
HETATM 750 O  O   . HOH L 6 .  ? 10.710  -12.742 -0.183  1.00 36.78 ? 2118 HOH A O   1 
HETATM 751 O  O   . HOH L 6 .  ? -6.756  -13.731 7.582   1.00 50.51 ? 2119 HOH A O   1 
HETATM 752 O  O   . HOH L 6 .  ? -3.846  -15.746 1.233   1.00 32.74 ? 2120 HOH A O   1 
HETATM 753 O  O   . HOH L 6 .  ? -5.100  -7.606  -7.221  1.00 33.84 ? 2121 HOH A O   1 
HETATM 754 O  O   . HOH L 6 .  ? 7.588   1.611   13.858  1.00 47.85 ? 2123 HOH A O   1 
HETATM 755 O  O   . HOH L 6 .  ? -3.710  -5.656  -11.047 1.00 36.45 ? 2124 HOH A O   1 
HETATM 756 O  O   . HOH L 6 .  ? 8.675   9.493   -0.161  1.00 35.58 ? 2125 HOH A O   1 
HETATM 757 O  O   . HOH L 6 .  ? -8.585  13.528  -7.963  1.00 32.20 ? 2126 HOH A O   1 
HETATM 758 O  O   . HOH L 6 .  ? -6.806  10.762  -13.638 1.00 47.36 ? 2127 HOH A O   1 
HETATM 759 O  O   . HOH L 6 .  ? -5.398  16.218  -2.811  1.00 42.65 ? 2129 HOH A O   1 
HETATM 760 O  O   . HOH L 6 .  ? 14.196  -7.762  0.441   1.00 35.48 ? 2131 HOH A O   1 
HETATM 761 O  O   . HOH L 6 .  ? -3.494  -3.145  -14.464 1.00 35.78 ? 2135 HOH A O   1 
HETATM 762 O  O   . HOH L 6 .  ? -4.688  1.848   -13.000 1.00 47.53 ? 2139 HOH A O   1 
HETATM 763 O  O   . HOH L 6 .  ? -18.887 10.376  1.103   1.00 58.11 ? 2140 HOH A O   1 
HETATM 764 O  O   . HOH L 6 .  ? -6.060  -14.644 3.050   1.00 33.60 ? 2141 HOH A O   1 
HETATM 765 O  O   . HOH L 6 .  ? 1.871   2.245   -14.077 1.00 40.80 ? 2144 HOH A O   1 
HETATM 766 O  O   . HOH L 6 .  ? -9.052  10.077  5.308   1.00 42.50 ? 2145 HOH A O   1 
HETATM 767 O  O   . HOH L 6 .  ? 11.741  -13.111 4.836   1.00 38.83 ? 2146 HOH A O   1 
HETATM 768 O  O   . HOH L 6 .  ? -13.141 -9.983  4.369   1.00 38.86 ? 2147 HOH A O   1 
HETATM 769 O  O   . HOH L 6 .  ? 12.686  13.007  -5.821  1.00 33.64 ? 2149 HOH A O   1 
HETATM 770 O  O   . HOH L 6 .  ? 3.086   7.751   9.431   1.00 61.68 ? 2154 HOH A O   1 
HETATM 771 O  O   . HOH L 6 .  ? -0.536  12.401  2.898   1.00 23.62 ? 2158 HOH A O   1 
HETATM 772 O  O   . HOH L 6 .  ? 0.805   13.868  1.070   1.00 28.50 ? 2159 HOH A O   1 
HETATM 773 O  O   . HOH L 6 .  ? 15.532  9.279   -7.266  1.00 29.42 ? 2163 HOH A O   1 
HETATM 774 O  O   . HOH L 6 .  ? 13.716  -4.800  -10.560 1.00 35.67 ? 2165 HOH A O   1 
HETATM 775 O  O   . HOH L 6 .  ? 12.972  -14.698 -3.732  1.00 35.30 ? 2167 HOH A O   1 
HETATM 776 O  O   . HOH L 6 .  ? 3.072   2.157   13.965  1.00 37.77 ? 2168 HOH A O   1 
HETATM 777 O  O   . HOH L 6 .  ? 4.031   -0.217  13.717  1.00 38.49 ? 2169 HOH A O   1 
HETATM 778 O  O   . HOH L 6 .  ? -9.122  2.458   12.280  0.75 22.76 ? 2170 HOH A O   1 
HETATM 779 O  O   . HOH L 6 .  ? -7.622  3.174   10.737  0.61 20.07 ? 2171 HOH A O   1 
HETATM 780 O  O   . HOH L 6 .  ? -2.580  1.476   -13.822 1.00 40.73 ? 2174 HOH A O   1 
HETATM 781 O  O   . HOH L 6 .  ? 14.917  -8.991  -3.211  1.00 37.61 ? 2181 HOH A O   1 
HETATM 782 O  O   . HOH L 6 .  ? 9.110   -14.200 2.148   1.00 39.06 ? 2183 HOH A O   1 
HETATM 783 O  O   . HOH L 6 .  ? 11.054  -0.669  14.104  1.00 37.39 ? 2185 HOH A O   1 
HETATM 784 O  O   . HOH L 6 .  ? 14.089  1.344   4.221   1.00 35.45 ? 2189 HOH A O   1 
HETATM 785 O  O   . HOH L 6 .  ? -9.792  1.727   14.345  1.00 34.68 ? 2191 HOH A O   1 
HETATM 786 O  O   . HOH L 6 .  ? 0.485   11.326  5.107   1.00 34.61 ? 2195 HOH A O   1 
HETATM 787 O  O   . HOH L 6 .  ? 15.687  -1.585  -5.843  1.00 44.08 ? 2197 HOH A O   1 
HETATM 788 O  O   . HOH L 6 .  ? -0.974  -16.166 7.372   1.00 38.89 ? 2198 HOH A O   1 
HETATM 789 O  O   . HOH L 6 .  ? -0.293  10.436  0.661   1.00 32.93 ? 2204 HOH A O   1 
HETATM 790 O  O   . HOH L 6 .  ? 15.196  9.531   -4.874  1.00 41.37 ? 2205 HOH A O   1 
HETATM 791 O  O   . HOH L 6 .  ? 14.692  11.627  -5.918  1.00 37.86 ? 2206 HOH A O   1 
HETATM 792 O  O   . HOH L 6 .  ? -5.000  -2.269  -12.982 1.00 35.72 ? 2207 HOH A O   1 
HETATM 793 O  O   . HOH L 6 .  ? -2.974  -16.121 8.540   1.00 28.11 ? 2299 HOH A O   1 
HETATM 794 O  O   . HOH L 6 .  ? 13.016  -9.555  -5.882  1.00 30.16 ? 2301 HOH A O   1 
HETATM 795 O  O   . HOH L 6 .  ? -2.495  -9.554  7.061   1.00 25.27 ? 2302 HOH A O   1 
HETATM 796 O  O   . HOH L 6 .  ? -9.074  10.606  2.669   1.00 46.78 ? 2303 HOH A O   1 
HETATM 797 O  O   . HOH L 6 .  ? 12.233  13.309  -3.257  1.00 44.39 ? 2304 HOH A O   1 
HETATM 798 O  O   . HOH L 6 .  ? -8.394  -11.416 -0.726  1.00 38.87 ? 2305 HOH A O   1 
HETATM 799 O  O   . HOH L 6 .  ? 1.212   -16.191 6.647   1.00 40.03 ? 2306 HOH A O   1 
HETATM 800 O  O   . HOH L 6 .  ? 5.507   0.360   6.855   1.00 49.46 ? 2307 HOH A O   1 
HETATM 801 O  O   . HOH L 6 .  ? -7.894  10.033  7.602   1.00 39.95 ? 2308 HOH A O   1 
HETATM 802 O  O   . HOH L 6 .  ? 12.201  -3.313  -11.433 1.00 45.84 ? 2311 HOH A O   1 
HETATM 803 O  O   . HOH L 6 .  ? 15.473  -9.444  -6.247  1.00 48.18 ? 2316 HOH A O   1 
HETATM 804 O  O   . HOH L 6 .  ? 1.603   11.686  2.567   1.00 29.10 ? 2319 HOH A O   1 
HETATM 805 O  O   . HOH L 6 .  ? 12.041  -10.783 1.486   1.00 32.25 ? 2321 HOH A O   1 
HETATM 806 O  O   . HOH L 6 .  ? 6.141   8.899   -0.702  1.00 42.27 ? 2327 HOH A O   1 
HETATM 807 O  O   . HOH L 6 .  ? 15.676  1.065   6.520   1.00 30.93 ? 2331 HOH A O   1 
HETATM 808 O  O   . HOH L 6 .  ? 11.412  -0.146  -11.182 1.00 44.89 ? 2334 HOH A O   1 
HETATM 809 O  O   . HOH L 6 .  ? -14.951 3.438   5.998   1.00 39.91 ? 2444 HOH A O   1 
HETATM 810 O  O   . HOH L 6 .  ? 17.017  12.247  -6.866  1.00 44.66 ? 3160 HOH A O   1 
HETATM 811 O  O   . HOH L 6 .  ? 10.622  -11.733 3.023   1.00 51.23 ? 3161 HOH A O   1 
HETATM 812 O  O   . HOH L 6 .  ? 15.098  7.697   1.121   1.00 46.60 ? 3162 HOH A O   1 
HETATM 813 O  O   . HOH L 6 .  ? 2.913   13.914  -7.369  1.00 61.46 ? 3163 HOH A O   1 
HETATM 814 O  O   . HOH L 6 .  ? -7.149  -1.834  -11.710 1.00 61.41 ? 3164 HOH A O   1 
HETATM 815 O  O   . HOH L 6 .  ? 13.349  6.035   5.441   1.00 61.02 ? 3165 HOH A O   1 
HETATM 816 O  O   . HOH L 6 .  ? -18.281 4.864   1.815   1.00 50.86 ? 3166 HOH A O   1 
# 
loop_
_atom_site_anisotrop.id 
_atom_site_anisotrop.type_symbol 
_atom_site_anisotrop.pdbx_label_atom_id 
_atom_site_anisotrop.pdbx_label_alt_id 
_atom_site_anisotrop.pdbx_label_comp_id 
_atom_site_anisotrop.pdbx_label_asym_id 
_atom_site_anisotrop.pdbx_label_seq_id 
_atom_site_anisotrop.pdbx_PDB_ins_code 
_atom_site_anisotrop.U[1][1] 
_atom_site_anisotrop.U[2][2] 
_atom_site_anisotrop.U[3][3] 
_atom_site_anisotrop.U[1][2] 
_atom_site_anisotrop.U[1][3] 
_atom_site_anisotrop.U[2][3] 
_atom_site_anisotrop.pdbx_auth_seq_id 
_atom_site_anisotrop.pdbx_auth_comp_id 
_atom_site_anisotrop.pdbx_auth_asym_id 
_atom_site_anisotrop.pdbx_auth_atom_id 
1   N  N   . SER A 2  ? 0.3088 0.1551 0.6181 -0.0076 -0.0166 -0.0254 1    SER A N   
2   C  CA  . SER A 2  ? 0.1834 0.1862 0.3456 -0.0294 -0.0002 -0.0532 1    SER A CA  
3   C  C   . SER A 2  ? 0.1670 0.1565 0.2142 -0.0066 0.0260  -0.0226 1    SER A C   
4   O  O   . SER A 2  ? 0.1695 0.1838 0.2931 0.0351  0.0600  -0.0335 1    SER A O   
5   C  CB  A SER A 2  ? 0.1913 0.2907 0.3575 -0.0447 -0.0169 -0.0492 1    SER A CB  
6   C  CB  B SER A 2  ? 0.1841 0.2900 0.3545 -0.0389 -0.0141 -0.0530 1    SER A CB  
7   C  CB  C SER A 2  ? 0.1872 0.2872 0.3551 -0.0404 -0.0154 -0.0537 1    SER A CB  
8   O  OG  A SER A 2  ? 0.1809 0.3638 0.3821 0.0026  -0.0009 0.0100  1    SER A OG  
9   O  OG  B SER A 2  ? 0.1961 0.3602 0.3452 -0.0349 -0.0201 -0.0429 1    SER A OG  
10  O  OG  C SER A 2  ? 0.2260 0.2527 0.3356 -0.0467 -0.0226 -0.0792 1    SER A OG  
11  N  N   . THR A 3  ? 0.1953 0.1386 0.1598 -0.0055 0.0201  0.0109  2    THR A N   
12  C  CA  . THR A 3  ? 0.1647 0.1544 0.1205 -0.0100 -0.0110 0.0279  2    THR A CA  
13  C  C   . THR A 3  ? 0.0801 0.1492 0.1073 0.0243  0.0220  0.0153  2    THR A C   
14  O  O   . THR A 3  ? 0.0978 0.1862 0.1297 -0.0041 0.0119  0.0428  2    THR A O   
15  C  CB  . THR A 3  ? 0.1408 0.1652 0.1171 0.0275  -0.0321 0.0316  2    THR A CB  
16  O  OG1 . THR A 3  ? 0.1290 0.2359 0.1421 0.0323  0.0015  0.0678  2    THR A OG1 
17  C  CG2 . THR A 3  ? 0.1564 0.2267 0.1264 0.0177  -0.0195 0.0714  2    THR A CG2 
18  N  N   . ILE A 4  ? 0.1093 0.1960 0.1447 -0.0119 -0.0005 0.0592  3    ILE A N   
19  C  CA  . ILE A 4  ? 0.1118 0.1641 0.1151 -0.0004 0.0054  0.0177  3    ILE A CA  
20  C  C   . ILE A 4  ? 0.1018 0.1575 0.1262 -0.0139 0.0014  0.0014  3    ILE A C   
21  O  O   . ILE A 4  ? 0.1137 0.1586 0.1398 -0.0004 0.0082  0.0352  3    ILE A O   
22  C  CB  A ILE A 4  ? 0.1172 0.1471 0.2510 0.0116  0.0518  0.0404  3    ILE A CB  
23  C  CB  B ILE A 4  ? 0.1123 0.1662 0.2496 0.0004  0.0313  0.0545  3    ILE A CB  
24  C  CG1 A ILE A 4  ? 0.1315 0.1769 0.2132 0.0102  0.0635  0.0201  3    ILE A CG1 
25  C  CG1 B ILE A 4  ? 0.1139 0.1926 0.2211 -0.0108 0.0303  0.0406  3    ILE A CG1 
26  C  CG2 A ILE A 4  ? 0.1409 0.2429 0.4089 0.0174  0.0544  0.1652  3    ILE A CG2 
27  C  CG2 B ILE A 4  ? 0.1184 0.1727 0.1776 -0.0167 -0.0548 0.0438  3    ILE A CG2 
28  C  CD1 A ILE A 4  ? 0.0468 0.3224 0.1785 0.0225  0.0169  0.0276  3    ILE A CD1 
29  C  CD1 B ILE A 4  ? 0.0894 0.1400 0.2108 0.0147  -0.0084 0.0349  3    ILE A CD1 
30  N  N   . GLU A 5  ? 0.1379 0.1753 0.1308 0.0111  0.0271  0.0201  4    GLU A N   
31  C  CA  . GLU A 5  ? 0.1432 0.1803 0.1153 0.0182  0.0155  0.0188  4    GLU A CA  
32  C  C   . GLU A 5  ? 0.1282 0.1717 0.1104 0.0197  0.0266  0.0437  4    GLU A C   
33  O  O   . GLU A 5  ? 0.1475 0.1730 0.0957 0.0042  0.0102  0.0534  4    GLU A O   
34  C  CB  . GLU A 5  ? 0.1694 0.1726 0.1076 0.0469  0.0193  0.0391  4    GLU A CB  
35  C  CG  . GLU A 5  ? 0.1699 0.1743 0.1003 0.0336  0.0216  0.0317  4    GLU A CG  
36  C  CD  . GLU A 5  ? 0.1966 0.1291 0.1076 0.0512  0.0145  0.0203  4    GLU A CD  
37  O  OE1 . GLU A 5  ? 0.2341 0.1400 0.1257 0.0388  0.0176  0.0135  4    GLU A OE1 
38  O  OE2 . GLU A 5  ? 0.2158 0.1564 0.1031 0.0143  0.0210  0.0327  4    GLU A OE2 
39  N  N   . GLU A 6  ? 0.1189 0.1797 0.1172 0.0124  0.0087  0.0428  5    GLU A N   
40  C  CA  . GLU A 6  ? 0.0997 0.1932 0.1242 0.0024  0.0077  0.0823  5    GLU A CA  
41  C  C   . GLU A 6  ? 0.0961 0.1247 0.1206 0.0093  0.0108  0.0443  5    GLU A C   
42  O  O   . GLU A 6  ? 0.1056 0.1738 0.1460 0.0119  -0.0132 0.0613  5    GLU A O   
43  C  CB  . GLU A 6  ? 0.1007 0.1958 0.1327 0.0000  0.0150  0.0861  5    GLU A CB  
44  C  CG  . GLU A 6  ? 0.1383 0.1886 0.1370 0.0294  0.0167  0.0959  5    GLU A CG  
45  C  CD  . GLU A 6  ? 0.1238 0.1622 0.1306 0.0121  -0.0154 0.0664  5    GLU A CD  
46  O  OE1 . GLU A 6  ? 0.1519 0.2113 0.2343 0.0524  0.0335  0.1093  5    GLU A OE1 
47  O  OE2 . GLU A 6  ? 0.1729 0.1544 0.1251 0.0093  -0.0045 0.0721  5    GLU A OE2 
48  N  N   . ARG A 7  ? 0.1117 0.1674 0.1188 -0.0039 0.0167  0.0649  6    ARG A N   
49  C  CA  . ARG A 7  ? 0.1288 0.1084 0.1150 0.0097  0.0268  0.0486  6    ARG A CA  
50  C  C   . ARG A 7  ? 0.1178 0.1092 0.0984 0.0082  0.0034  0.0293  6    ARG A C   
51  O  O   . ARG A 7  ? 0.1185 0.1223 0.1180 0.0253  -0.0108 0.0116  6    ARG A O   
52  C  CB  . ARG A 7  ? 0.1722 0.0988 0.1939 0.0300  0.0542  0.0006  6    ARG A CB  
53  C  CG  . ARG A 7  ? 0.1692 0.1343 0.1750 0.0519  0.0222  0.0398  6    ARG A CG  
54  C  CD  . ARG A 7  ? 0.1727 0.1846 0.1690 0.0648  0.0382  0.0373  6    ARG A CD  
55  N  NE  . ARG A 7  ? 0.1956 0.1565 0.1750 0.0350  0.0381  0.0492  6    ARG A NE  
56  C  CZ  . ARG A 7  ? 0.2024 0.1206 0.1833 0.0349  0.0559  0.0196  6    ARG A CZ  
57  N  NH1 . ARG A 7  ? 0.1869 0.2125 0.2191 0.0764  0.0525  0.0361  6    ARG A NH1 
58  N  NH2 . ARG A 7  ? 0.2494 0.1829 0.1768 0.0113  0.0710  -0.0218 6    ARG A NH2 
59  N  N   . VAL A 8  ? 0.1170 0.1151 0.0915 -0.0013 0.0170  0.0191  7    VAL A N   
60  C  CA  . VAL A 8  ? 0.1219 0.1145 0.0912 -0.0019 0.0134  0.0324  7    VAL A CA  
61  C  C   . VAL A 8  ? 0.1249 0.1190 0.0909 0.0043  0.0059  0.0355  7    VAL A C   
62  O  O   . VAL A 8  ? 0.1270 0.1263 0.0995 0.0173  0.0085  0.0326  7    VAL A O   
63  C  CB  . VAL A 8  ? 0.1225 0.1091 0.1166 -0.0058 0.0206  0.0412  7    VAL A CB  
64  C  CG1 . VAL A 8  ? 0.1335 0.1100 0.1179 0.0010  0.0105  0.0154  7    VAL A CG1 
65  C  CG2 . VAL A 8  ? 0.1092 0.1473 0.1110 0.0064  0.0020  0.0376  7    VAL A CG2 
66  N  N   . LYS A 9  ? 0.1017 0.1520 0.0993 -0.0107 0.0075  0.0367  8    LYS A N   
67  C  CA  . LYS A 9  ? 0.1025 0.1361 0.1317 -0.0103 0.0093  0.0630  8    LYS A CA  
68  C  C   . LYS A 9  ? 0.0873 0.1496 0.1194 0.0035  0.0133  0.0519  8    LYS A C   
69  O  O   . LYS A 9  ? 0.1071 0.1559 0.0997 0.0235  0.0063  0.0499  8    LYS A O   
70  C  CB  . LYS A 9  ? 0.1044 0.1309 0.1287 -0.0280 0.0234  0.0401  8    LYS A CB  
71  C  CG  . LYS A 9  ? 0.1876 0.1181 0.1602 -0.0224 0.0085  0.0274  8    LYS A CG  
72  C  CD  . LYS A 9  ? 0.3182 0.1677 0.1581 0.0555  0.0613  -0.0095 8    LYS A CD  
73  C  CE  . LYS A 9  ? 0.3744 0.1696 0.1720 -0.0472 0.0866  0.0122  8    LYS A CE  
74  N  NZ  . LYS A 9  ? 0.3036 0.1850 0.1179 0.0038  0.0352  0.0217  8    LYS A NZ  
75  N  N   . LYS A 10 ? 0.0833 0.1383 0.1496 -0.0042 -0.0043 0.0578  9    LYS A N   
76  C  CA  . LYS A 10 ? 0.1078 0.1417 0.1660 -0.0016 -0.0129 0.0458  9    LYS A CA  
77  C  C   . LYS A 10 ? 0.1034 0.1057 0.1302 0.0189  0.0159  -0.0028 9    LYS A C   
78  O  O   . LYS A 10 ? 0.1203 0.1481 0.1421 0.0039  -0.0143 0.0184  9    LYS A O   
79  C  CB  A LYS A 10 ? 0.1506 0.1283 0.2561 -0.0027 -0.0527 0.0434  9    LYS A CB  
80  C  CB  B LYS A 10 ? 0.2272 0.1384 0.2487 0.0270  -0.0567 0.0337  9    LYS A CB  
81  C  CG  A LYS A 10 ? 0.1330 0.1488 0.2718 -0.0175 -0.0263 0.0273  9    LYS A CG  
82  C  CG  B LYS A 10 ? 0.2072 0.1357 0.2947 -0.0396 -0.0174 -0.0172 9    LYS A CG  
83  C  CD  A LYS A 10 ? 0.1531 0.1305 0.2403 -0.0061 0.0072  -0.0177 9    LYS A CD  
84  C  CD  B LYS A 10 ? 0.1838 0.1354 0.3680 -0.0431 0.0241  -0.0023 9    LYS A CD  
85  C  CE  A LYS A 10 ? 0.1363 0.1228 0.1795 0.0025  0.0241  -0.0054 9    LYS A CE  
86  C  CE  B LYS A 10 ? 0.1419 0.1176 0.3355 0.0111  0.0104  -0.0106 9    LYS A CE  
87  N  NZ  A LYS A 10 ? 0.1470 0.3971 0.1448 0.0862  0.0458  0.1352  9    LYS A NZ  
88  N  NZ  B LYS A 10 ? 0.2505 0.1554 0.4123 0.1296  -0.0181 -0.0021 9    LYS A NZ  
89  N  N   . ILE A 11 ? 0.1092 0.0973 0.1503 0.0124  -0.0019 0.0179  10   ILE A N   
90  C  CA  . ILE A 11 ? 0.1360 0.0774 0.1505 0.0081  0.0125  0.0134  10   ILE A CA  
91  C  C   . ILE A 11 ? 0.1147 0.0987 0.1014 0.0136  0.0101  0.0105  10   ILE A C   
92  O  O   . ILE A 11 ? 0.1499 0.1560 0.1019 0.0291  -0.0014 0.0317  10   ILE A O   
93  C  CB  . ILE A 11 ? 0.1179 0.1548 0.1608 0.0394  0.0163  0.0466  10   ILE A CB  
94  C  CG1 . ILE A 11 ? 0.1728 0.1415 0.1772 0.0210  0.0501  -0.0192 10   ILE A CG1 
95  C  CG2 . ILE A 11 ? 0.1307 0.2232 0.1366 0.0019  0.0069  0.0674  10   ILE A CG2 
96  C  CD1 . ILE A 11 ? 0.1674 0.2754 0.2560 -0.0149 0.0068  -0.0868 10   ILE A CD1 
97  N  N   . ILE A 12 ? 0.1165 0.0806 0.1208 0.0013  0.0150  0.0084  11   ILE A N   
98  C  CA  . ILE A 12 ? 0.1099 0.0805 0.1473 0.0003  -0.0007 0.0014  11   ILE A CA  
99  C  C   . ILE A 12 ? 0.1088 0.1212 0.0775 0.0087  0.0104  0.0160  11   ILE A C   
100 O  O   . ILE A 12 ? 0.1187 0.1084 0.1173 0.0169  -0.0083 0.0116  11   ILE A O   
101 C  CB  . ILE A 12 ? 0.1163 0.0663 0.1386 0.0111  0.0077  0.0053  11   ILE A CB  
102 C  CG1 . ILE A 12 ? 0.1118 0.1003 0.1326 -0.0048 -0.0042 0.0131  11   ILE A CG1 
103 C  CG2 . ILE A 12 ? 0.1300 0.1037 0.1507 0.0350  0.0343  0.0109  11   ILE A CG2 
104 C  CD1 . ILE A 12 ? 0.1339 0.1210 0.1410 0.0220  -0.0248 0.0043  11   ILE A CD1 
105 N  N   . GLY A 13 ? 0.1111 0.1187 0.1121 0.0044  -0.0002 0.0288  12   GLY A N   
106 C  CA  . GLY A 13 ? 0.1241 0.1082 0.1385 -0.0155 0.0030  0.0137  12   GLY A CA  
107 C  C   . GLY A 13 ? 0.1141 0.1109 0.1381 -0.0034 0.0033  0.0190  12   GLY A C   
108 O  O   . GLY A 13 ? 0.1183 0.1514 0.1353 0.0038  0.0015  0.0164  12   GLY A O   
109 N  N   . GLU A 14 ? 0.1303 0.1204 0.1393 0.0059  0.0018  0.0075  13   GLU A N   
110 C  CA  . GLU A 14 ? 0.1579 0.0955 0.1614 0.0159  -0.0191 0.0007  13   GLU A CA  
111 C  C   . GLU A 14 ? 0.0911 0.1215 0.1334 0.0319  0.0179  0.0066  13   GLU A C   
112 O  O   . GLU A 14 ? 0.1159 0.1586 0.1746 0.0242  -0.0188 0.0091  13   GLU A O   
113 C  CB  . GLU A 14 ? 0.1959 0.1051 0.1934 0.0470  -0.0449 -0.0271 13   GLU A CB  
114 C  CG  . GLU A 14 ? 0.2408 0.1340 0.2269 0.0675  -0.0684 0.0096  13   GLU A CG  
115 C  CD  . GLU A 14 ? 0.2958 0.1263 0.2497 0.0814  -0.0184 0.0180  13   GLU A CD  
116 O  OE1 . GLU A 14 ? 0.4855 0.2266 0.2733 0.1117  0.1119  0.0141  13   GLU A OE1 
117 O  OE2 . GLU A 14 ? 0.3172 0.1065 0.3175 0.0600  -0.0545 0.0057  13   GLU A OE2 
118 N  N   . GLN A 15 ? 0.1308 0.1549 0.1077 -0.0021 0.0007  0.0201  14   GLN A N   
119 C  CA  . GLN A 15 ? 0.1474 0.1127 0.1136 -0.0023 -0.0208 -0.0044 14   GLN A CA  
120 C  C   . GLN A 15 ? 0.1321 0.1395 0.1155 -0.0044 -0.0245 -0.0083 14   GLN A C   
121 O  O   . GLN A 15 ? 0.1396 0.2345 0.1170 0.0445  -0.0125 0.0056  14   GLN A O   
122 C  CB  . GLN A 15 ? 0.1318 0.1722 0.1516 -0.0148 0.0139  0.0211  14   GLN A CB  
123 C  CG  . GLN A 15 ? 0.1865 0.2701 0.1936 0.0100  0.0548  -0.0078 14   GLN A CG  
124 C  CD  . GLN A 15 ? 0.2005 0.3357 0.1921 -0.0200 0.0698  -0.0272 14   GLN A CD  
125 O  OE1 . GLN A 15 ? 0.3468 0.3970 0.2422 0.0662  -0.0016 -0.0879 14   GLN A OE1 
126 N  NE2 . GLN A 15 ? 0.3678 0.3222 0.1520 -0.0703 0.0735  0.0102  14   GLN A NE2 
127 N  N   . LEU A 16 ? 0.1222 0.1319 0.1093 0.0186  -0.0073 0.0273  15   LEU A N   
128 C  CA  . LEU A 16 ? 0.1452 0.0944 0.1491 0.0063  0.0074  0.0165  15   LEU A CA  
129 C  C   . LEU A 16 ? 0.1236 0.1217 0.1740 0.0138  -0.0016 0.0271  15   LEU A C   
130 O  O   . LEU A 16 ? 0.1470 0.1525 0.1722 0.0405  0.0171  0.0475  15   LEU A O   
131 C  CB  . LEU A 16 ? 0.1467 0.1000 0.1365 0.0125  -0.0117 0.0315  15   LEU A CB  
132 C  CG  . LEU A 16 ? 0.1915 0.1376 0.0978 -0.0358 0.0290  0.0017  15   LEU A CG  
133 C  CD1 . LEU A 16 ? 0.1881 0.1237 0.1182 0.0004  0.0195  -0.0181 15   LEU A CD1 
134 C  CD2 . LEU A 16 ? 0.2613 0.1593 0.1203 -0.0542 0.0068  0.0226  15   LEU A CD2 
135 N  N   . GLY A 17 ? 0.1678 0.1142 0.1565 -0.0060 0.0186  0.0407  16   GLY A N   
136 C  CA  . GLY A 17 ? 0.1359 0.1519 0.1691 -0.0190 -0.0072 -0.0321 16   GLY A CA  
137 C  C   . GLY A 17 ? 0.1262 0.1196 0.1541 0.0043  -0.0042 0.0201  16   GLY A C   
138 O  O   . GLY A 17 ? 0.1266 0.1627 0.1710 -0.0060 0.0012  0.0367  16   GLY A O   
139 N  N   . VAL A 18 ? 0.1234 0.1262 0.1423 -0.0216 0.0037  0.0367  17   VAL A N   
140 C  CA  . VAL A 18 ? 0.1300 0.1334 0.1463 -0.0030 0.0059  0.0254  17   VAL A CA  
141 C  C   . VAL A 18 ? 0.1396 0.1294 0.1286 0.0010  0.0038  0.0225  17   VAL A C   
142 O  O   . VAL A 18 ? 0.1614 0.1513 0.1247 0.0155  0.0266  0.0474  17   VAL A O   
143 C  CB  . VAL A 18 ? 0.1310 0.1131 0.1889 0.0154  -0.0042 0.0054  17   VAL A CB  
144 C  CG1 . VAL A 18 ? 0.1275 0.1321 0.1240 0.0066  0.0147  0.0081  17   VAL A CG1 
145 C  CG2 . VAL A 18 ? 0.1351 0.1785 0.2824 -0.0040 -0.0418 0.0566  17   VAL A CG2 
146 N  N   . LYS A 19 ? 0.2634 0.1211 0.2207 0.0684  0.1143  0.0561  18   LYS A N   
147 C  CA  . LYS A 19 ? 0.2807 0.1413 0.2114 0.0712  0.1214  0.0685  18   LYS A CA  
148 C  C   . LYS A 19 ? 0.2854 0.1502 0.2096 0.0582  0.1208  0.0823  18   LYS A C   
149 O  O   . LYS A 19 ? 0.3591 0.1604 0.1467 0.0769  0.0984  0.0617  18   LYS A O   
150 C  CB  . LYS A 19 ? 0.2826 0.1840 0.2355 0.0591  0.1283  0.0835  18   LYS A CB  
151 C  CG  . LYS A 19 ? 0.1775 0.2392 0.2162 -0.0013 0.0833  0.0049  18   LYS A CG  
152 C  CD  . LYS A 19 ? 0.2211 0.2858 0.3360 -0.0289 0.1531  0.0038  18   LYS A CD  
153 C  CE  . LYS A 19 ? 0.1091 0.3716 0.3116 -0.0067 0.0235  0.1334  18   LYS A CE  
154 N  NZ  . LYS A 19 ? 0.1289 0.4561 0.2712 -0.0560 -0.0252 0.2073  18   LYS A NZ  
155 N  N   . GLN A 20 ? 0.2634 0.1596 0.2225 0.0595  0.1235  0.0854  19   GLN A N   
156 C  CA  . GLN A 20 ? 0.2522 0.1777 0.2581 0.0371  0.1218  0.1072  19   GLN A CA  
157 C  C   . GLN A 20 ? 0.1974 0.1565 0.2333 0.0288  0.1042  0.1328  19   GLN A C   
158 O  O   . GLN A 20 ? 0.1758 0.1861 0.2991 0.0287  0.1068  0.0998  19   GLN A O   
159 C  CB  . GLN A 20 ? 0.2476 0.2007 0.3850 0.0843  0.1013  0.0799  19   GLN A CB  
160 C  CG  . GLN A 20 ? 0.2124 0.1941 0.3861 0.0228  0.1004  0.0536  19   GLN A CG  
161 C  CD  . GLN A 20 ? 0.1814 0.1389 0.3317 0.0550  0.0194  0.1102  19   GLN A CD  
162 O  OE1 . GLN A 20 ? 0.1922 0.1840 0.2327 0.0312  -0.0009 0.0413  19   GLN A OE1 
163 N  NE2 . GLN A 20 ? 0.1465 0.2289 0.2358 0.0801  0.0756  0.1516  19   GLN A NE2 
164 N  N   . GLU A 21 ? 0.1466 0.1873 0.2155 0.0507  0.0665  0.1365  20   GLU A N   
165 C  CA  . GLU A 21 ? 0.2091 0.2457 0.2061 0.0340  0.0919  0.1386  20   GLU A CA  
166 C  C   . GLU A 21 ? 0.1815 0.2380 0.1814 0.0381  0.0607  0.0984  20   GLU A C   
167 O  O   . GLU A 21 ? 0.3636 0.3020 0.1688 -0.0076 0.0455  0.0940  20   GLU A O   
168 C  CB  . GLU A 21 ? 0.1743 0.2786 0.2109 0.0345  0.0742  0.1409  20   GLU A CB  
169 C  CG  . GLU A 21 ? 0.2025 0.3107 0.2226 0.0602  0.0452  0.1103  20   GLU A CG  
170 C  CD  . GLU A 21 ? 0.1187 0.2347 0.3832 0.0588  0.0292  0.1095  20   GLU A CD  
171 O  OE1 . GLU A 21 ? 0.1696 0.1892 0.3913 0.0312  0.1110  0.1365  20   GLU A OE1 
172 O  OE2 . GLU A 21 ? 0.1294 0.3468 0.3720 0.0136  0.0333  0.1671  20   GLU A OE2 
173 N  N   . GLU A 22 ? 0.1080 0.1916 0.1865 0.0261  0.0542  0.0819  21   GLU A N   
174 C  CA  . GLU A 22 ? 0.1710 0.1901 0.1530 0.0336  0.0357  0.0550  21   GLU A CA  
175 C  C   . GLU A 22 ? 0.1942 0.1468 0.1867 0.0509  0.0597  0.1248  21   GLU A C   
176 O  O   . GLU A 22 ? 0.2546 0.1671 0.1158 0.0203  0.0538  0.0679  21   GLU A O   
177 C  CB  . GLU A 22 ? 0.2683 0.2178 0.2052 -0.0107 -0.0448 0.0946  21   GLU A CB  
178 C  CG  . GLU A 22 ? 0.3541 0.2588 0.3391 0.0412  -0.1712 0.0709  21   GLU A CG  
179 C  CD  . GLU A 22 ? 0.1761 0.3267 0.4699 -0.1045 -0.1437 0.2077  21   GLU A CD  
180 O  OE1 . GLU A 22 ? 0.2371 0.3910 0.3673 -0.1759 -0.1387 0.2050  21   GLU A OE1 
181 O  OE2 . GLU A 22 ? 0.2148 0.4230 0.5000 -0.0112 -0.0977 0.2451  21   GLU A OE2 
182 N  N   . VAL A 23 ? 0.1708 0.1817 0.1534 0.0329  0.0340  0.0493  22   VAL A N   
183 C  CA  . VAL A 23 ? 0.1821 0.1520 0.1512 0.0211  0.0367  0.0233  22   VAL A CA  
184 C  C   . VAL A 23 ? 0.1967 0.1557 0.1567 0.0164  0.0227  0.0406  22   VAL A C   
185 O  O   . VAL A 23 ? 0.1941 0.2021 0.1649 0.0400  0.0456  0.0574  22   VAL A O   
186 C  CB  . VAL A 23 ? 0.1517 0.1204 0.1889 -0.0056 0.0329  0.0073  22   VAL A CB  
187 C  CG1 . VAL A 23 ? 0.1523 0.1879 0.1824 0.0115  0.0438  0.0511  22   VAL A CG1 
188 C  CG2 . VAL A 23 ? 0.1509 0.1381 0.1601 0.0305  0.0391  0.0118  22   VAL A CG2 
189 N  N   . THR A 24 ? 0.1468 0.1514 0.2088 -0.0269 0.0155  0.0070  23   THR A N   
190 C  CA  . THR A 24 ? 0.1467 0.1803 0.1777 -0.0315 0.0430  0.0188  23   THR A CA  
191 C  C   . THR A 24 ? 0.1469 0.1453 0.1530 -0.0295 0.0281  0.0182  23   THR A C   
192 O  O   . THR A 24 ? 0.1617 0.1633 0.1432 -0.0067 0.0471  0.0165  23   THR A O   
193 C  CB  . THR A 24 ? 0.2085 0.2141 0.1563 0.0251  0.0637  0.0537  23   THR A CB  
194 O  OG1 . THR A 24 ? 0.2960 0.2318 0.1542 0.0642  0.0971  0.0706  23   THR A OG1 
195 C  CG2 . THR A 24 ? 0.2555 0.2687 0.1704 -0.0026 0.1215  0.0368  23   THR A CG2 
196 N  N   . ASN A 25 ? 0.1348 0.2039 0.1470 -0.0181 0.0386  0.0072  24   ASN A N   
197 C  CA  . ASN A 25 ? 0.1284 0.1672 0.1293 0.0090  0.0281  0.0413  24   ASN A CA  
198 C  C   . ASN A 25 ? 0.1660 0.1592 0.0773 0.0054  0.0135  0.0168  24   ASN A C   
199 O  O   . ASN A 25 ? 0.1639 0.1684 0.1004 0.0057  0.0212  0.0200  24   ASN A O   
200 C  CB  . ASN A 25 ? 0.1300 0.2126 0.1967 0.0357  0.0029  0.0537  24   ASN A CB  
201 C  CG  . ASN A 25 ? 0.1477 0.1846 0.2761 -0.0019 0.0350  0.1437  24   ASN A CG  
202 O  OD1 . ASN A 25 ? 0.2046 0.2429 0.5092 -0.0542 -0.0324 0.2052  24   ASN A OD1 
203 N  ND2 . ASN A 25 ? 0.1690 0.1800 0.1604 0.0370  0.0434  0.0385  24   ASN A ND2 
204 N  N   . ASN A 26 ? 0.1534 0.1815 0.1068 0.0151  0.0144  0.0114  25   ASN A N   
205 C  CA  . ASN A 26 ? 0.1856 0.1785 0.1613 0.0253  -0.0398 -0.0254 25   ASN A CA  
206 C  C   . ASN A 26 ? 0.1120 0.1572 0.1384 -0.0024 0.0092  0.0066  25   ASN A C   
207 O  O   . ASN A 26 ? 0.1652 0.1466 0.1671 0.0048  0.0127  0.0032  25   ASN A O   
208 C  CB  . ASN A 26 ? 0.3109 0.2385 0.1744 0.0841  -0.0629 -0.0600 25   ASN A CB  
209 C  CG  . ASN A 26 ? 0.3341 0.2844 0.1579 0.1434  -0.0071 -0.0319 25   ASN A CG  
210 O  OD1 . ASN A 26 ? 0.3287 0.5424 0.2547 -0.0086 0.1155  -0.1785 25   ASN A OD1 
211 N  ND2 . ASN A 26 ? 0.4230 0.6509 0.2594 0.1772  0.0212  -0.2249 25   ASN A ND2 
212 N  N   . ALA A 27 ? 0.1040 0.1498 0.1008 -0.0135 0.0242  0.0250  26   ALA A N   
213 C  CA  . ALA A 27 ? 0.1291 0.1189 0.0822 0.0045  0.0228  0.0026  26   ALA A CA  
214 C  C   . ALA A 27 ? 0.1451 0.1140 0.0741 0.0046  0.0184  -0.0089 26   ALA A C   
215 O  O   . ALA A 27 ? 0.1288 0.1204 0.0912 -0.0014 0.0225  -0.0011 26   ALA A O   
216 C  CB  . ALA A 27 ? 0.1261 0.1239 0.1070 0.0013  0.0178  -0.0071 26   ALA A CB  
217 N  N   . SER A 28 ? 0.1477 0.0951 0.1115 -0.0004 0.0309  0.0020  27   SER A N   
218 C  CA  . SER A 28 ? 0.1452 0.0993 0.1082 0.0019  0.0426  -0.0061 27   SER A CA  
219 C  C   . SER A 28 ? 0.0999 0.1389 0.1193 0.0165  0.0167  -0.0091 27   SER A C   
220 O  O   . SER A 28 ? 0.1072 0.1147 0.1488 0.0185  0.0232  0.0109  27   SER A O   
221 C  CB  . SER A 28 ? 0.1164 0.0953 0.1393 0.0021  0.0184  0.0138  27   SER A CB  
222 O  OG  . SER A 28 ? 0.1508 0.1044 0.1146 -0.0072 0.0111  -0.0057 27   SER A OG  
223 N  N   . PHE A 29 ? 0.1266 0.0823 0.1165 -0.0026 0.0223  -0.0182 28   PHE A N   
224 C  CA  . PHE A 29 ? 0.0972 0.0920 0.1108 0.0078  0.0218  -0.0034 28   PHE A CA  
225 C  C   . PHE A 29 ? 0.1002 0.1144 0.1172 0.0261  0.0371  -0.0009 28   PHE A C   
226 O  O   . PHE A 29 ? 0.1092 0.1465 0.1353 0.0192  0.0080  0.0073  28   PHE A O   
227 C  CB  . PHE A 29 ? 0.0986 0.1318 0.1225 0.0244  0.0406  0.0015  28   PHE A CB  
228 C  CG  . PHE A 29 ? 0.1019 0.1548 0.1090 0.0170  0.0412  0.0327  28   PHE A CG  
229 C  CD1 . PHE A 29 ? 0.0903 0.1641 0.1129 0.0338  0.0381  -0.0003 28   PHE A CD1 
230 C  CD2 . PHE A 29 ? 0.1483 0.1286 0.1551 0.0312  -0.0029 0.0018  28   PHE A CD2 
231 C  CE1 . PHE A 29 ? 0.1120 0.1269 0.1035 0.0330  0.0263  -0.0136 28   PHE A CE1 
232 C  CE2 . PHE A 29 ? 0.1099 0.1345 0.1532 0.0223  -0.0068 -0.0349 28   PHE A CE2 
233 C  CZ  . PHE A 29 ? 0.1338 0.1432 0.1326 -0.0059 -0.0024 0.0125  28   PHE A CZ  
234 N  N   . VAL A 30 ? 0.1656 0.1066 0.0976 0.0428  -0.0032 -0.0109 29   VAL A N   
235 C  CA  . VAL A 30 ? 0.1489 0.1185 0.1236 0.0117  -0.0117 0.0284  29   VAL A CA  
236 C  C   . VAL A 30 ? 0.1417 0.0750 0.1672 0.0110  0.0065  -0.0002 29   VAL A C   
237 O  O   . VAL A 30 ? 0.1525 0.1651 0.2027 0.0475  -0.0215 -0.0331 29   VAL A O   
238 C  CB  . VAL A 30 ? 0.1585 0.1182 0.1756 0.0140  0.0104  0.0374  29   VAL A CB  
239 C  CG1 . VAL A 30 ? 0.2213 0.1192 0.1662 0.0476  -0.0027 0.0257  29   VAL A CG1 
240 C  CG2 . VAL A 30 ? 0.1623 0.1352 0.1464 0.0006  -0.0006 0.0385  29   VAL A CG2 
241 N  N   . GLU A 31 ? 0.1465 0.0932 0.1642 0.0088  0.0126  -0.0116 30   GLU A N   
242 C  CA  . GLU A 31 ? 0.1610 0.0983 0.1713 0.0311  0.0049  -0.0156 30   GLU A CA  
243 C  C   . GLU A 31 ? 0.2448 0.1138 0.1908 0.0194  0.0839  -0.0352 30   GLU A C   
244 O  O   . GLU A 31 ? 0.4039 0.1943 0.3537 0.0902  0.2525  0.0144  30   GLU A O   
245 C  CB  . GLU A 31 ? 0.2293 0.1125 0.1575 0.0280  -0.0066 -0.0212 30   GLU A CB  
246 C  CG  . GLU A 31 ? 0.1913 0.1210 0.1959 -0.0054 -0.0620 -0.0069 30   GLU A CG  
247 C  CD  . GLU A 31 ? 0.2153 0.1187 0.1878 0.0313  -0.0399 -0.0103 30   GLU A CD  
248 O  OE1 . GLU A 31 ? 0.2146 0.1796 0.2796 0.0412  -0.0165 0.0243  30   GLU A OE1 
249 O  OE2 . GLU A 31 ? 0.2905 0.1756 0.1987 0.0424  -0.0363 0.0208  30   GLU A OE2 
250 N  N   . ASP A 32 ? 0.2017 0.0912 0.1621 -0.0122 0.0618  -0.0244 31   ASP A N   
251 C  CA  . ASP A 32 ? 0.1132 0.1238 0.1638 -0.0070 0.0656  -0.0130 31   ASP A CA  
252 C  C   . ASP A 32 ? 0.1243 0.1031 0.1378 -0.0102 0.0396  0.0182  31   ASP A C   
253 O  O   . ASP A 32 ? 0.1177 0.1906 0.1755 -0.0487 0.0206  0.0057  31   ASP A O   
254 C  CB  . ASP A 32 ? 0.1437 0.1664 0.1502 -0.0345 0.0395  -0.0066 31   ASP A CB  
255 C  CG  . ASP A 32 ? 0.1528 0.1457 0.1889 -0.0067 0.0354  -0.0192 31   ASP A CG  
256 O  OD1 . ASP A 32 ? 0.2087 0.3211 0.3530 -0.0953 0.1571  -0.1594 31   ASP A OD1 
257 O  OD2 . ASP A 32 ? 0.1475 0.1218 0.1255 0.0164  0.0233  -0.0118 31   ASP A OD2 
258 N  N   . LEU A 33 ? 0.1130 0.1359 0.1122 0.0100  0.0114  0.0008  32   LEU A N   
259 C  CA  . LEU A 33 ? 0.1112 0.1365 0.1213 -0.0039 -0.0106 -0.0011 32   LEU A CA  
260 C  C   . LEU A 33 ? 0.1134 0.1157 0.1110 -0.0021 0.0124  0.0183  32   LEU A C   
261 O  O   . LEU A 33 ? 0.1531 0.1324 0.1182 -0.0092 -0.0151 0.0068  32   LEU A O   
262 C  CB  . LEU A 33 ? 0.1479 0.1250 0.1160 0.0198  -0.0013 0.0119  32   LEU A CB  
263 C  CG  . LEU A 33 ? 0.1414 0.0870 0.1169 0.0145  -0.0012 0.0136  32   LEU A CG  
264 C  CD1 . LEU A 33 ? 0.1227 0.1044 0.1465 0.0092  0.0051  -0.0091 32   LEU A CD1 
265 C  CD2 . LEU A 33 ? 0.1427 0.1510 0.1023 -0.0134 0.0116  0.0001  32   LEU A CD2 
266 N  N   . GLY A 34 ? 0.1302 0.1339 0.1512 0.0148  0.0058  0.0266  33   GLY A N   
267 C  CA  . GLY A 34 ? 0.1113 0.1692 0.1617 0.0288  0.0006  0.0321  33   GLY A CA  
268 C  C   . GLY A 34 ? 0.1497 0.1104 0.1459 -0.0291 -0.0081 0.0263  33   GLY A C   
269 O  O   . GLY A 34 ? 0.2147 0.2141 0.1543 0.0336  -0.0501 0.0362  33   GLY A O   
270 N  N   . ALA A 35 ? 0.1517 0.1424 0.1295 0.0137  0.0198  0.0457  34   ALA A N   
271 C  CA  . ALA A 35 ? 0.1832 0.1047 0.1019 0.0162  0.0102  0.0286  34   ALA A CA  
272 C  C   . ALA A 35 ? 0.2159 0.1101 0.1295 0.0200  0.0155  0.0445  34   ALA A C   
273 O  O   . ALA A 35 ? 0.3447 0.1054 0.1676 0.0556  0.0829  0.0368  34   ALA A O   
274 C  CB  . ALA A 35 ? 0.1731 0.1708 0.1140 0.0225  0.0297  0.0297  34   ALA A CB  
275 N  N   . ASP A 36 ? 0.1299 0.1702 0.1125 0.0409  0.0328  0.0477  35   ASP A N   
276 C  CA  . ASP A 36 ? 0.1570 0.1763 0.1283 0.0515  0.0291  0.0518  35   ASP A CA  
277 C  C   . ASP A 36 ? 0.2002 0.1433 0.1330 0.0504  0.0681  0.0329  35   ASP A C   
278 O  O   . ASP A 36 ? 0.1560 0.1566 0.1454 0.0047  0.0532  0.0111  35   ASP A O   
279 C  CB  . ASP A 36 ? 0.1615 0.2128 0.1409 0.1054  0.0098  0.0209  35   ASP A CB  
280 C  CG  . ASP A 36 ? 0.1429 0.1800 0.1332 0.0725  0.0176  0.0442  35   ASP A CG  
281 O  OD1 . ASP A 36 ? 0.1498 0.1630 0.1425 0.0674  0.0215  0.0223  35   ASP A OD1 
282 O  OD2 . ASP A 36 ? 0.1455 0.2578 0.1236 0.0590  0.0163  0.0348  35   ASP A OD2 
283 N  N   . SER A 37 ? 0.3229 0.1529 0.1198 0.0700  0.0986  0.0298  36   SER A N   
284 C  CA  . SER A 37 ? 0.3890 0.0859 0.2124 0.0513  0.1632  0.0370  36   SER A CA  
285 C  C   . SER A 37 ? 0.2478 0.1183 0.1357 0.0511  0.0630  0.0197  36   SER A C   
286 O  O   . SER A 37 ? 0.2372 0.1345 0.1561 0.0153  0.0470  0.0299  36   SER A O   
287 C  CB  . SER A 37 ? 0.5477 0.1554 0.3481 0.1387  0.2545  0.1300  36   SER A CB  
288 O  OG  . SER A 37 ? 0.7713 0.1092 0.3876 0.1998  0.3361  0.1616  36   SER A OG  
289 N  N   . LEU A 38 ? 0.2009 0.1352 0.1378 0.0532  0.0612  0.0328  37   LEU A N   
290 C  CA  . LEU A 38 ? 0.1705 0.1434 0.1004 0.0546  0.0116  0.0174  37   LEU A CA  
291 C  C   . LEU A 38 ? 0.0997 0.1719 0.1377 0.0332  0.0316  0.0532  37   LEU A C   
292 O  O   . LEU A 38 ? 0.1028 0.1550 0.1419 0.0315  0.0131  0.0167  37   LEU A O   
293 C  CB  . LEU A 38 ? 0.1292 0.2067 0.1472 0.0561  0.0116  -0.0076 37   LEU A CB  
294 C  CG  . LEU A 38 ? 0.1184 0.1492 0.1616 0.0108  0.0051  0.0081  37   LEU A CG  
295 C  CD1 . LEU A 38 ? 0.1985 0.1570 0.0921 0.0418  0.0282  -0.0027 37   LEU A CD1 
296 C  CD2 . LEU A 38 ? 0.2066 0.2354 0.1694 -0.0242 -0.0726 0.0185  37   LEU A CD2 
297 N  N   . ASP A 39 ? 0.1343 0.1532 0.1038 0.0494  0.0191  0.0303  38   ASP A N   
298 C  CA  . ASP A 39 ? 0.1278 0.1398 0.0737 0.0332  -0.0036 -0.0028 38   ASP A CA  
299 C  C   . ASP A 39 ? 0.1259 0.1704 0.1211 0.0211  -0.0099 0.0008  38   ASP A C   
300 O  O   . ASP A 39 ? 0.1239 0.2072 0.1152 0.0393  0.0167  0.0480  38   ASP A O   
301 C  CB  . ASP A 39 ? 0.1581 0.1633 0.1203 0.0203  0.0354  0.0340  38   ASP A CB  
302 C  CG  . ASP A 39 ? 0.1400 0.1366 0.1520 0.0446  0.0157  0.0327  38   ASP A CG  
303 O  OD1 . ASP A 39 ? 0.1596 0.1602 0.1848 0.0210  0.0510  -0.0038 38   ASP A OD1 
304 O  OD2 . ASP A 39 ? 0.1739 0.1816 0.1751 -0.0090 0.0514  -0.0189 38   ASP A OD2 
305 N  N   . THR A 40 ? 0.1315 0.1840 0.1454 0.0069  -0.0013 -0.0163 39   THR A N   
306 C  CA  . THR A 40 ? 0.1498 0.2460 0.1744 -0.0151 -0.0042 -0.0688 39   THR A CA  
307 C  C   . THR A 40 ? 0.1252 0.2571 0.1547 0.0116  -0.0013 -0.0016 39   THR A C   
308 O  O   . THR A 40 ? 0.1509 0.3477 0.1653 0.0336  -0.0052 0.0484  39   THR A O   
309 C  CB  . THR A 40 ? 0.1695 0.2546 0.2848 -0.0337 -0.0019 -0.0872 39   THR A CB  
310 O  OG1 . THR A 40 ? 0.3140 0.2338 0.3351 0.0117  0.0671  -0.0448 39   THR A OG1 
311 C  CG2 . THR A 40 ? 0.1663 0.2628 0.2511 -0.0242 -0.0413 -0.1377 39   THR A CG2 
312 N  N   . VAL A 41 ? 0.1054 0.1703 0.1600 -0.0097 -0.0128 -0.0034 40   VAL A N   
313 C  CA  . VAL A 41 ? 0.1716 0.1444 0.1421 0.0160  0.0262  0.0511  40   VAL A CA  
314 C  C   . VAL A 41 ? 0.1155 0.1557 0.1407 0.0180  -0.0018 0.0425  40   VAL A C   
315 O  O   . VAL A 41 ? 0.1196 0.1700 0.1515 0.0322  0.0034  0.0343  40   VAL A O   
316 C  CB  . VAL A 41 ? 0.2067 0.1985 0.1523 0.0449  -0.0237 0.0774  40   VAL A CB  
317 C  CG1 . VAL A 41 ? 0.1878 0.2034 0.2088 0.0118  -0.0199 0.1190  40   VAL A CG1 
318 C  CG2 . VAL A 41 ? 0.1763 0.2185 0.1929 0.0294  -0.0070 0.0836  40   VAL A CG2 
319 N  N   . GLU A 42 ? 0.1148 0.1387 0.1299 0.0310  0.0197  0.0257  41   GLU A N   
320 C  CA  . GLU A 42 ? 0.1292 0.1368 0.1174 0.0319  -0.0086 -0.0034 41   GLU A CA  
321 C  C   . GLU A 42 ? 0.1358 0.1432 0.1261 0.0241  0.0145  0.0326  41   GLU A C   
322 O  O   . GLU A 42 ? 0.1553 0.1436 0.1497 0.0266  0.0003  0.0326  41   GLU A O   
323 C  CB  . GLU A 42 ? 0.1331 0.1654 0.1560 0.0192  0.0057  -0.0093 41   GLU A CB  
324 C  CG  . GLU A 42 ? 0.1823 0.2718 0.2364 0.0542  -0.0965 0.0568  41   GLU A CG  
325 C  CD  . GLU A 42 ? 0.2786 0.2563 0.2601 -0.0148 -0.1176 0.0476  41   GLU A CD  
326 O  OE1 . GLU A 42 ? 0.3023 0.2536 0.3739 -0.0698 -0.0549 0.0266  41   GLU A OE1 
327 O  OE2 . GLU A 42 ? 0.4256 0.4955 0.2848 -0.0754 -0.1462 -0.0114 41   GLU A OE2 
328 N  N   . LEU A 43 ? 0.1398 0.1561 0.1146 0.0165  0.0073  0.0325  42   LEU A N   
329 C  CA  . LEU A 43 ? 0.1154 0.1320 0.1247 0.0297  0.0215  0.0280  42   LEU A CA  
330 C  C   . LEU A 43 ? 0.1167 0.1289 0.1391 0.0294  0.0233  0.0452  42   LEU A C   
331 O  O   . LEU A 43 ? 0.1108 0.1345 0.1405 0.0216  -0.0059 0.0467  42   LEU A O   
332 C  CB  . LEU A 43 ? 0.1467 0.2151 0.1212 0.0405  0.0307  0.0038  42   LEU A CB  
333 C  CG  . LEU A 43 ? 0.1944 0.1939 0.1293 0.0180  0.0225  0.0174  42   LEU A CG  
334 C  CD1 . LEU A 43 ? 0.2102 0.1967 0.1843 0.0023  0.0681  0.0254  42   LEU A CD1 
335 C  CD2 . LEU A 43 ? 0.2000 0.2548 0.1196 0.0582  -0.0017 0.0000  42   LEU A CD2 
336 N  N   . VAL A 44 ? 0.1173 0.1210 0.1211 0.0260  0.0223  0.0317  43   VAL A N   
337 C  CA  . VAL A 44 ? 0.1150 0.1431 0.1110 0.0182  0.0063  0.0486  43   VAL A CA  
338 C  C   . VAL A 44 ? 0.0990 0.1535 0.1168 0.0250  0.0259  0.0547  43   VAL A C   
339 O  O   . VAL A 44 ? 0.1146 0.1496 0.1237 0.0233  0.0186  0.0626  43   VAL A O   
340 C  CB  . VAL A 44 ? 0.1189 0.1477 0.1219 0.0125  0.0192  0.0442  43   VAL A CB  
341 C  CG1 . VAL A 44 ? 0.1061 0.1548 0.2126 0.0163  0.0161  0.0701  43   VAL A CG1 
342 C  CG2 . VAL A 44 ? 0.1630 0.1683 0.1840 -0.0006 0.0015  -0.0076 43   VAL A CG2 
343 N  N   . MET A 45 ? 0.0971 0.1402 0.1234 0.0286  0.0238  0.0401  44   MET A N   
344 C  CA  . MET A 45 ? 0.1570 0.1380 0.1519 0.0311  0.0452  0.0286  44   MET A CA  
345 C  C   . MET A 45 ? 0.1407 0.1353 0.0787 0.0105  0.0008  0.0110  44   MET A C   
346 O  O   . MET A 45 ? 0.1670 0.1372 0.1245 0.0243  0.0214  0.0173  44   MET A O   
347 C  CB  . MET A 45 ? 0.3382 0.1679 0.1004 0.0970  0.0343  0.0537  44   MET A CB  
348 C  CG  . MET A 45 ? 0.4525 0.1983 0.1177 0.1519  0.0025  0.0332  44   MET A CG  
349 S  SD  . MET A 45 ? 0.6859 0.6032 0.3315 0.1086  -0.2373 -0.0989 44   MET A SD  
350 C  CE  . MET A 45 ? 1.9409 0.6356 0.3714 0.8433  0.4192  0.4235  44   MET A CE  
351 N  N   . ALA A 46 ? 0.1443 0.1318 0.1021 0.0152  0.0012  0.0143  45   ALA A N   
352 C  CA  . ALA A 46 ? 0.1516 0.1494 0.0916 -0.0297 -0.0114 0.0124  45   ALA A CA  
353 C  C   . ALA A 46 ? 0.1493 0.1106 0.0758 -0.0149 0.0032  0.0168  45   ALA A C   
354 O  O   . ALA A 46 ? 0.1944 0.1061 0.1202 0.0038  0.0062  -0.0035 45   ALA A O   
355 C  CB  . ALA A 46 ? 0.1505 0.1581 0.1211 -0.0063 0.0021  0.0033  45   ALA A CB  
356 N  N   . LEU A 47 ? 0.1367 0.1107 0.0828 0.0142  -0.0086 0.0015  46   LEU A N   
357 C  CA  . LEU A 47 ? 0.1342 0.1367 0.0721 0.0007  0.0000  0.0083  46   LEU A CA  
358 C  C   . LEU A 47 ? 0.1355 0.1103 0.0727 0.0087  -0.0025 0.0132  46   LEU A C   
359 O  O   . LEU A 47 ? 0.1753 0.1148 0.0993 0.0375  0.0034  0.0210  46   LEU A O   
360 C  CB  . LEU A 47 ? 0.1138 0.1349 0.0808 -0.0101 0.0032  0.0061  46   LEU A CB  
361 C  CG  . LEU A 47 ? 0.1477 0.1197 0.0869 0.0011  0.0237  0.0160  46   LEU A CG  
362 C  CD1 . LEU A 47 ? 0.2110 0.1401 0.1742 0.0149  0.0283  -0.0345 46   LEU A CD1 
363 C  CD2 . LEU A 47 ? 0.1658 0.1491 0.1125 0.0040  0.0314  0.0371  46   LEU A CD2 
364 N  N   . GLU A 48 ? 0.1359 0.1228 0.0997 0.0375  0.0276  0.0305  47   GLU A N   
365 C  CA  . GLU A 48 ? 0.1165 0.1224 0.0837 0.0263  0.0077  0.0072  47   GLU A CA  
366 C  C   . GLU A 48 ? 0.1458 0.1307 0.0811 0.0484  -0.0102 -0.0033 47   GLU A C   
367 O  O   . GLU A 48 ? 0.1515 0.1558 0.1488 0.0690  0.0034  0.0235  47   GLU A O   
368 C  CB  . GLU A 48 ? 0.1372 0.1422 0.0990 0.0087  0.0115  0.0325  47   GLU A CB  
369 C  CG  . GLU A 48 ? 0.1567 0.1457 0.1453 0.0058  0.0378  0.0287  47   GLU A CG  
370 C  CD  . GLU A 48 ? 0.1758 0.1424 0.1389 0.0146  0.0107  0.0498  47   GLU A CD  
371 O  OE1 . GLU A 48 ? 0.2991 0.1714 0.1260 -0.0640 -0.0394 0.0584  47   GLU A OE1 
372 O  OE2 . GLU A 48 ? 0.1386 0.1551 0.1473 0.0127  -0.0253 0.0495  47   GLU A OE2 
373 N  N   . GLU A 49 ? 0.1588 0.1331 0.1029 0.0269  -0.0007 -0.0102 48   GLU A N   
374 C  CA  . GLU A 49 ? 0.1758 0.1511 0.1332 0.0325  -0.0161 -0.0328 48   GLU A CA  
375 C  C   . GLU A 49 ? 0.2676 0.1280 0.1557 0.0695  -0.0349 -0.0362 48   GLU A C   
376 O  O   . GLU A 49 ? 0.3046 0.1991 0.2508 0.1386  -0.0708 -0.0589 48   GLU A O   
377 C  CB  A GLU A 49 ? 0.2006 0.1472 0.1895 0.0243  -0.0531 -0.0279 48   GLU A CB  
378 C  CB  B GLU A 49 ? 0.1820 0.1334 0.1677 0.0040  -0.0245 -0.0080 48   GLU A CB  
379 C  CG  A GLU A 49 ? 0.1648 0.1507 0.1536 0.0137  -0.0531 -0.0109 48   GLU A CG  
380 C  CG  B GLU A 49 ? 0.1266 0.1961 0.1277 0.0152  0.0082  -0.0161 48   GLU A CG  
381 C  CD  A GLU A 49 ? 0.1326 0.2524 0.1933 -0.0083 -0.0440 -0.0177 48   GLU A CD  
382 C  CD  B GLU A 49 ? 0.1063 0.2126 0.1399 0.0118  -0.0198 -0.0327 48   GLU A CD  
383 O  OE1 A GLU A 49 ? 0.1384 0.2601 0.1003 -0.0012 -0.0081 -0.0193 48   GLU A OE1 
384 O  OE1 B GLU A 49 ? 0.1667 0.2945 0.2297 -0.0151 -0.0795 -0.0871 48   GLU A OE1 
385 O  OE2 A GLU A 49 ? 0.1492 0.2626 0.1707 0.0089  -0.0462 -0.0065 48   GLU A OE2 
386 O  OE2 B GLU A 49 ? 0.1488 0.0945 0.1545 -0.0102 0.0221  -0.0067 48   GLU A OE2 
387 N  N   . GLU A 50 ? 0.2131 0.0907 0.1555 -0.0236 -0.0365 -0.0204 49   GLU A N   
388 C  CA  . GLU A 50 ? 0.2147 0.1397 0.2203 0.0089  -0.0420 0.0285  49   GLU A CA  
389 C  C   . GLU A 50 ? 0.2225 0.1278 0.3041 0.0310  -0.0637 0.0299  49   GLU A C   
390 O  O   . GLU A 50 ? 0.2959 0.1504 0.3256 0.0420  -0.0706 0.0723  49   GLU A O   
391 C  CB  . GLU A 50 ? 0.2378 0.1500 0.2250 -0.0013 -0.0115 0.0759  49   GLU A CB  
392 C  CG  . GLU A 50 ? 0.2472 0.1313 0.2424 -0.0195 -0.0447 0.0732  49   GLU A CG  
393 C  CD  . GLU A 50 ? 0.2825 0.1290 0.2295 -0.0202 -0.0107 0.0344  49   GLU A CD  
394 O  OE1 . GLU A 50 ? 0.2771 0.1516 0.2516 -0.0104 -0.0199 0.0050  49   GLU A OE1 
395 O  OE2 . GLU A 50 ? 0.2906 0.0969 0.2779 -0.0013 -0.0238 0.0252  49   GLU A OE2 
396 N  N   . PHE A 51 ? 0.1703 0.1401 0.1486 0.0417  -0.0058 0.0017  50   PHE A N   
397 C  CA  . PHE A 51 ? 0.1595 0.1354 0.1331 0.0706  0.0109  -0.0162 50   PHE A CA  
398 C  C   . PHE A 51 ? 0.1594 0.1549 0.1503 0.0752  0.0285  -0.0432 50   PHE A C   
399 O  O   . PHE A 51 ? 0.1559 0.2273 0.2053 0.0704  0.0063  0.0161  50   PHE A O   
400 C  CB  . PHE A 51 ? 0.1716 0.1648 0.0850 0.0767  0.0179  -0.0006 50   PHE A CB  
401 C  CG  . PHE A 51 ? 0.1900 0.0964 0.1054 0.0115  0.0079  -0.0106 50   PHE A CG  
402 C  CD1 . PHE A 51 ? 0.1454 0.1699 0.1016 -0.0198 0.0025  0.0186  50   PHE A CD1 
403 C  CD2 . PHE A 51 ? 0.2548 0.0801 0.1500 -0.0058 -0.0092 0.0058  50   PHE A CD2 
404 C  CE1 . PHE A 51 ? 0.1856 0.1326 0.1438 -0.0559 0.0310  0.0326  50   PHE A CE1 
405 C  CE2 . PHE A 51 ? 0.3082 0.0950 0.1265 -0.0101 0.0123  -0.0008 50   PHE A CE2 
406 C  CZ  . PHE A 51 ? 0.3100 0.1195 0.1192 -0.0050 0.0429  0.0099  50   PHE A CZ  
407 N  N   . ASP A 52 ? 0.2154 0.1468 0.1461 0.0777  0.0278  0.0039  51   ASP A N   
408 C  CA  . ASP A 52 ? 0.2431 0.1724 0.1843 0.0612  0.0614  -0.0006 51   ASP A CA  
409 C  C   . ASP A 52 ? 0.2106 0.1852 0.1452 0.0653  0.0176  0.0104  51   ASP A C   
410 O  O   . ASP A 52 ? 0.2110 0.2127 0.2475 0.0845  0.0207  0.0263  51   ASP A O   
411 C  CB  . ASP A 52 ? 0.3014 0.1962 0.2182 0.0951  0.1052  -0.0118 51   ASP A CB  
412 C  CG  . ASP A 52 ? 0.3179 0.3317 0.1906 0.1387  0.0906  -0.0052 51   ASP A CG  
413 O  OD1 . ASP A 52 ? 0.3793 0.2623 0.2006 0.0814  0.0742  -0.0042 51   ASP A OD1 
414 O  OD2 . ASP A 52 ? 0.2719 0.4183 0.2452 0.1210  0.0864  -0.0280 51   ASP A OD2 
415 N  N   . THR A 53 ? 0.1801 0.1700 0.1859 0.0467  0.0125  0.0045  52   THR A N   
416 C  CA  . THR A 53 ? 0.1623 0.1851 0.2164 0.0449  0.0073  -0.0030 52   THR A CA  
417 C  C   . THR A 53 ? 0.1435 0.1569 0.3125 0.0310  -0.0336 -0.0233 52   THR A C   
418 O  O   . THR A 53 ? 0.1856 0.2592 0.6738 -0.0274 -0.1782 0.1254  52   THR A O   
419 C  CB  . THR A 53 ? 0.2820 0.2304 0.2355 0.0288  0.0213  -0.0499 52   THR A CB  
420 O  OG1 . THR A 53 ? 0.4593 0.3098 0.2786 -0.0793 -0.0105 -0.0580 52   THR A OG1 
421 C  CG2 . THR A 53 ? 0.3320 0.3022 0.2614 0.0871  0.0733  -0.0808 52   THR A CG2 
422 N  N   . GLU A 54 ? 0.1512 0.1571 0.1644 0.0279  -0.0355 -0.0441 53   GLU A N   
423 C  CA  . GLU A 54 ? 0.1718 0.1513 0.2530 0.0511  -0.0156 -0.0362 53   GLU A CA  
424 C  C   . GLU A 54 ? 0.1251 0.1570 0.2688 0.0326  -0.0813 -0.0761 53   GLU A C   
425 O  O   . GLU A 54 ? 0.1982 0.3149 0.2847 0.0837  -0.1135 -0.0782 53   GLU A O   
426 C  CB  . GLU A 54 ? 0.2000 0.1515 0.2887 0.0228  -0.0269 0.0024  53   GLU A CB  
427 C  CG  . GLU A 54 ? 0.2025 0.2434 0.2822 0.0375  0.0215  0.0103  53   GLU A CG  
428 C  CD  . GLU A 54 ? 0.2974 0.1816 0.2480 0.0671  -0.0377 0.0088  53   GLU A CD  
429 O  OE1 . GLU A 54 ? 0.2895 0.2961 0.6491 0.0767  -0.0570 -0.2112 53   GLU A OE1 
430 O  OE2 . GLU A 54 ? 0.2287 0.1484 0.1442 0.0119  0.0131  0.0418  53   GLU A OE2 
431 N  N   . ILE A 55 ? 0.1259 0.1428 0.1368 0.0295  0.0047  0.0146  54   ILE A N   
432 C  CA  . ILE A 55 ? 0.1388 0.1524 0.1244 0.0339  0.0019  0.0147  54   ILE A CA  
433 C  C   . ILE A 55 ? 0.1805 0.1567 0.1417 0.0424  0.0106  0.0285  54   ILE A C   
434 O  O   . ILE A 55 ? 0.2482 0.1772 0.1762 0.0506  -0.0481 0.0185  54   ILE A O   
435 C  CB  . ILE A 55 ? 0.1331 0.1315 0.1725 0.0490  0.0115  0.0151  54   ILE A CB  
436 C  CG1 . ILE A 55 ? 0.1441 0.1710 0.1660 0.0272  0.0115  0.0428  54   ILE A CG1 
437 C  CG2 . ILE A 55 ? 0.1604 0.1740 0.1506 0.0165  0.0254  -0.0141 54   ILE A CG2 
438 C  CD1 . ILE A 55 ? 0.1426 0.2742 0.1801 0.0015  -0.0047 0.0885  54   ILE A CD1 
439 N  N   . PRO A 56 ? 0.1621 0.1744 0.1477 0.0365  0.0230  0.0511  55   PRO A N   
440 C  CA  . PRO A 56 ? 0.1534 0.1925 0.2086 0.0327  0.0276  0.0861  55   PRO A CA  
441 C  C   . PRO A 56 ? 0.1688 0.1539 0.1432 0.0255  0.0370  0.0747  55   PRO A C   
442 O  O   . PRO A 56 ? 0.1566 0.1925 0.1446 0.0181  0.0188  0.0691  55   PRO A O   
443 C  CB  . PRO A 56 ? 0.1801 0.2201 0.3339 -0.0032 -0.0204 0.1109  55   PRO A CB  
444 C  CG  . PRO A 56 ? 0.1686 0.2046 0.2827 0.0163  -0.0039 0.0587  55   PRO A CG  
445 C  CD  . PRO A 56 ? 0.1432 0.2141 0.1607 0.0357  0.0307  0.0663  55   PRO A CD  
446 N  N   . ASP A 57 ? 0.1644 0.1449 0.1415 0.0230  0.0158  0.0550  56   ASP A N   
447 C  CA  . ASP A 57 ? 0.2302 0.1693 0.1276 0.0857  0.0376  0.0482  56   ASP A CA  
448 C  C   . ASP A 57 ? 0.3477 0.1555 0.1628 0.0379  0.0781  0.0314  56   ASP A C   
449 O  O   . ASP A 57 ? 0.3664 0.1442 0.1356 0.0649  0.0819  0.0551  56   ASP A O   
450 C  CB  . ASP A 57 ? 0.1704 0.2998 0.1600 0.0551  0.0193  0.0955  56   ASP A CB  
451 C  CG  . ASP A 57 ? 0.1860 0.3338 0.1369 -0.0309 0.0073  0.1032  56   ASP A CG  
452 O  OD1 . ASP A 57 ? 0.2409 0.3194 0.1839 -0.0173 0.0351  0.0842  56   ASP A OD1 
453 O  OD2 . ASP A 57 ? 0.2285 0.4478 0.1470 -0.0677 -0.0303 0.1202  56   ASP A OD2 
454 N  N   . GLU A 58 ? 0.4060 0.1154 0.1915 -0.0002 0.1001  0.0444  57   GLU A N   
455 C  CA  . GLU A 58 ? 0.4916 0.1219 0.2541 -0.0605 0.1495  0.0199  57   GLU A CA  
456 C  C   . GLU A 58 ? 0.4082 0.2150 0.2059 -0.0098 0.1020  -0.0019 57   GLU A C   
457 O  O   . GLU A 58 ? 0.2790 0.3291 0.2506 0.0002  0.1099  -0.0310 57   GLU A O   
458 C  CB  . GLU A 58 ? 0.5494 0.2367 0.3493 -0.1482 0.0972  0.0226  57   GLU A CB  
459 C  CG  . GLU A 58 ? 0.5112 0.3325 0.6119 -0.1966 -0.0126 0.1963  57   GLU A CG  
460 C  CD  . GLU A 58 ? 0.6340 0.5650 0.6610 -0.2877 -0.0882 0.1934  57   GLU A CD  
461 O  OE1 . GLU A 58 ? 0.6024 0.7586 0.8049 -0.3725 -0.1548 0.3873  57   GLU A OE1 
462 O  OE2 . GLU A 58 ? 0.4502 0.5917 0.7826 -0.3208 0.0447  0.0671  57   GLU A OE2 
463 N  N   . GLU A 59 ? 0.1448 0.2576 0.1791 -0.0253 0.0341  0.0398  58   GLU A N   
464 C  CA  . GLU A 59 ? 0.1720 0.2805 0.1423 -0.0219 0.0401  0.0127  58   GLU A CA  
465 C  C   . GLU A 59 ? 0.2011 0.1852 0.1369 -0.0268 0.0221  0.0454  58   GLU A C   
466 O  O   . GLU A 59 ? 0.1565 0.3087 0.1277 -0.0264 0.0032  0.0612  58   GLU A O   
467 C  CB  . GLU A 59 ? 0.2058 0.3087 0.2005 -0.0042 -0.0311 0.0488  58   GLU A CB  
468 C  CG  . GLU A 59 ? 0.1891 0.2237 0.2192 0.0331  0.0336  0.0272  58   GLU A CG  
469 C  CD  . GLU A 59 ? 0.1932 0.3307 0.1847 0.0884  0.0403  0.0303  58   GLU A CD  
470 O  OE1 . GLU A 59 ? 0.1698 0.4372 0.2887 0.0519  0.0480  0.0122  58   GLU A OE1 
471 O  OE2 . GLU A 59 ? 0.2376 0.2690 0.2439 0.0071  -0.0294 0.0492  58   GLU A OE2 
472 N  N   . ALA A 60 ? 0.1836 0.1979 0.1528 0.0063  0.0113  0.0300  59   ALA A N   
473 C  CA  . ALA A 60 ? 0.1964 0.1342 0.1226 0.0007  0.0257  0.0351  59   ALA A CA  
474 C  C   . ALA A 60 ? 0.2025 0.1441 0.1146 0.0060  0.0341  0.0256  59   ALA A C   
475 O  O   . ALA A 60 ? 0.1637 0.2174 0.1382 -0.0092 0.0161  0.0364  59   ALA A O   
476 C  CB  . ALA A 60 ? 0.1945 0.1863 0.1373 -0.0035 0.0449  -0.0099 59   ALA A CB  
477 N  N   . GLU A 61 ? 0.1839 0.1566 0.1993 0.0406  -0.0088 0.0908  60   GLU A N   
478 C  CA  . GLU A 61 ? 0.1435 0.1653 0.1980 0.0247  0.0016  0.0695  60   GLU A CA  
479 C  C   . GLU A 61 ? 0.1812 0.2301 0.1986 -0.0047 0.0334  0.0771  60   GLU A C   
480 O  O   . GLU A 61 ? 0.2059 0.2161 0.2408 -0.0007 0.0464  0.0385  60   GLU A O   
481 C  CB  . GLU A 61 ? 0.2622 0.1683 0.2464 0.0677  0.0683  0.1151  60   GLU A CB  
482 C  CG  . GLU A 61 ? 0.5457 0.1615 0.5412 0.0930  0.1979  0.0974  60   GLU A CG  
483 C  CD  . GLU A 61 ? 0.6667 0.1649 0.7084 0.1220  0.3277  0.1782  60   GLU A CD  
484 O  OE1 . GLU A 61 ? 0.7496 0.8200 0.5462 0.4280  0.2950  0.3849  60   GLU A OE1 
485 O  OE2 . GLU A 61 ? 0.6540 0.4126 0.8209 0.2416  0.2779  0.3448  60   GLU A OE2 
486 N  N   . LYS A 62 ? 0.1766 0.1639 0.1663 -0.0579 0.0196  0.0330  61   LYS A N   
487 C  CA  . LYS A 62 ? 0.2698 0.2006 0.1719 -0.0682 0.0148  0.0166  61   LYS A CA  
488 C  C   . LYS A 62 ? 0.1983 0.2123 0.1413 -0.0369 0.0074  0.0262  61   LYS A C   
489 O  O   . LYS A 62 ? 0.2420 0.2800 0.1421 -0.0575 0.0302  0.0230  61   LYS A O   
490 C  CB  . LYS A 62 ? 0.3139 0.2606 0.1802 -0.1187 -0.0160 0.0036  61   LYS A CB  
491 C  CG  . LYS A 62 ? 0.3612 0.2679 0.2939 -0.1453 -0.0457 0.0227  61   LYS A CG  
492 C  CD  . LYS A 62 ? 0.4567 0.3090 0.5099 -0.1777 -0.1387 -0.0494 61   LYS A CD  
493 C  CE  . LYS A 62 ? 0.5436 0.3163 0.6227 -0.2322 -0.1166 -0.0036 61   LYS A CE  
494 N  NZ  . LYS A 62 ? 0.5716 0.4240 0.5473 -0.2766 -0.0580 -0.0066 61   LYS A NZ  
495 N  N   . MET A 63 ? 0.1262 0.1941 0.1740 -0.0440 0.0261  0.0208  62   MET A N   
496 C  CA  . MET A 63 ? 0.1210 0.2111 0.1336 -0.0338 0.0219  0.0442  62   MET A CA  
497 C  C   . MET A 63 ? 0.1159 0.1379 0.1094 -0.0072 0.0187  0.0238  62   MET A C   
498 O  O   . MET A 63 ? 0.1132 0.1618 0.1328 -0.0032 0.0280  -0.0116 62   MET A O   
499 C  CB  . MET A 63 ? 0.1467 0.2168 0.1859 0.0268  0.0683  0.0819  62   MET A CB  
500 C  CG  . MET A 63 ? 0.1521 0.2587 0.1730 0.0953  0.0901  0.1265  62   MET A CG  
501 S  SD  . MET A 63 ? 0.3177 0.2962 0.2160 0.1298  0.0969  0.0850  62   MET A SD  
502 C  CE  . MET A 63 ? 0.0702 1.0121 0.3416 0.2111  0.0851  0.3772  62   MET A CE  
503 N  N   . THR A 64 ? 0.1526 0.1423 0.1108 -0.0150 0.0210  0.0180  63   THR A N   
504 C  CA  . THR A 64 ? 0.1510 0.1089 0.1324 0.0055  0.0405  0.0053  63   THR A CA  
505 C  C   . THR A 64 ? 0.1308 0.1101 0.1018 0.0117  0.0183  -0.0003 63   THR A C   
506 O  O   . THR A 64 ? 0.1285 0.0902 0.1144 0.0141  0.0051  0.0140  63   THR A O   
507 C  CB  . THR A 64 ? 0.2429 0.1113 0.2350 0.0039  0.1184  0.0063  63   THR A CB  
508 O  OG1 . THR A 64 ? 0.1780 0.2423 0.3507 -0.0716 0.1246  -0.1682 63   THR A OG1 
509 C  CG2 . THR A 64 ? 0.4108 0.1298 0.4936 0.0565  0.3142  0.0943  63   THR A CG2 
510 N  N   . THR A 65 ? 0.1100 0.1186 0.1205 -0.0005 0.0201  0.0092  64   THR A N   
511 C  CA  . THR A 65 ? 0.1627 0.1224 0.1017 -0.0046 0.0205  0.0077  64   THR A CA  
512 C  C   . THR A 65 ? 0.1181 0.1330 0.0739 -0.0006 0.0284  0.0178  64   THR A C   
513 O  O   . THR A 65 ? 0.1082 0.1460 0.0868 -0.0148 0.0193  0.0052  64   THR A O   
514 C  CB  . THR A 65 ? 0.1229 0.1255 0.1138 0.0051  -0.0028 0.0020  64   THR A CB  
515 O  OG1 . THR A 65 ? 0.1144 0.1876 0.1715 -0.0053 0.0160  -0.0225 64   THR A OG1 
516 C  CG2 . THR A 65 ? 0.1645 0.1293 0.1525 0.0131  0.0025  -0.0174 64   THR A CG2 
517 N  N   . VAL A 66 ? 0.1069 0.1277 0.0994 0.0117  0.0271  0.0239  65   VAL A N   
518 C  CA  . VAL A 66 ? 0.0882 0.1227 0.1214 -0.0024 0.0254  0.0032  65   VAL A CA  
519 C  C   . VAL A 66 ? 0.0955 0.1136 0.1107 0.0018  0.0157  0.0025  65   VAL A C   
520 O  O   . VAL A 66 ? 0.1024 0.1326 0.1140 0.0109  0.0237  0.0025  65   VAL A O   
521 C  CB  . VAL A 66 ? 0.0949 0.1355 0.1129 0.0090  0.0165  0.0368  65   VAL A CB  
522 C  CG1 . VAL A 66 ? 0.1374 0.1033 0.1194 -0.0121 -0.0063 -0.0058 65   VAL A CG1 
523 C  CG2 . VAL A 66 ? 0.0966 0.1269 0.1544 -0.0177 0.0032  0.0054  65   VAL A CG2 
524 N  N   . GLN A 67 ? 0.1050 0.1442 0.1091 0.0109  0.0142  0.0025  66   GLN A N   
525 C  CA  . GLN A 67 ? 0.0994 0.1572 0.1101 -0.0232 0.0196  0.0014  66   GLN A CA  
526 C  C   . GLN A 67 ? 0.1076 0.1105 0.1149 -0.0106 0.0148  -0.0026 66   GLN A C   
527 O  O   . GLN A 67 ? 0.0969 0.1782 0.1015 0.0008  0.0150  0.0015  66   GLN A O   
528 C  CB  . GLN A 67 ? 0.1261 0.1531 0.1012 0.0047  0.0107  0.0093  66   GLN A CB  
529 C  CG  . GLN A 67 ? 0.1097 0.1647 0.1272 -0.0160 0.0036  0.0242  66   GLN A CG  
530 C  CD  . GLN A 67 ? 0.0989 0.1701 0.1372 -0.0148 0.0000  0.0413  66   GLN A CD  
531 O  OE1 . GLN A 67 ? 0.1555 0.2000 0.1490 -0.0243 0.0179  0.0600  66   GLN A OE1 
532 N  NE2 . GLN A 67 ? 0.1484 0.2046 0.1644 0.0342  -0.0092 0.0170  66   GLN A NE2 
533 N  N   . ALA A 68 ? 0.1358 0.1107 0.0930 -0.0145 0.0133  -0.0114 67   ALA A N   
534 C  CA  . ALA A 68 ? 0.0987 0.1346 0.1051 -0.0105 0.0063  0.0014  67   ALA A CA  
535 C  C   . ALA A 68 ? 0.0985 0.1632 0.0893 -0.0050 0.0017  -0.0033 67   ALA A C   
536 O  O   . ALA A 68 ? 0.0925 0.1491 0.1533 -0.0043 0.0262  0.0099  67   ALA A O   
537 C  CB  . ALA A 68 ? 0.0877 0.1433 0.1428 -0.0183 0.0237  0.0266  67   ALA A CB  
538 N  N   . ALA A 69 ? 0.1025 0.1318 0.0901 0.0019  -0.0015 0.0088  68   ALA A N   
539 C  CA  . ALA A 69 ? 0.0988 0.1323 0.0944 0.0015  0.0002  0.0061  68   ALA A CA  
540 C  C   . ALA A 69 ? 0.0888 0.1173 0.0873 -0.0175 0.0066  0.0059  68   ALA A C   
541 O  O   . ALA A 69 ? 0.0927 0.1602 0.1133 0.0118  0.0159  0.0205  68   ALA A O   
542 C  CB  . ALA A 69 ? 0.0938 0.1457 0.1283 -0.0097 -0.0040 -0.0008 68   ALA A CB  
543 N  N   . ILE A 70 ? 0.0843 0.1548 0.1036 -0.0125 0.0125  0.0332  69   ILE A N   
544 C  CA  . ILE A 70 ? 0.1050 0.1192 0.0958 -0.0172 0.0099  0.0171  69   ILE A CA  
545 C  C   . ILE A 70 ? 0.1038 0.0999 0.1278 -0.0061 0.0022  0.0363  69   ILE A C   
546 O  O   . ILE A 70 ? 0.1113 0.1284 0.1321 0.0148  -0.0049 0.0263  69   ILE A O   
547 C  CB  . ILE A 70 ? 0.1030 0.1529 0.0658 -0.0029 -0.0002 0.0057  69   ILE A CB  
548 C  CG1 . ILE A 70 ? 0.1274 0.1465 0.0907 -0.0294 0.0248  0.0161  69   ILE A CG1 
549 C  CG2 . ILE A 70 ? 0.1714 0.1653 0.1217 0.0185  -0.0123 0.0379  69   ILE A CG2 
550 C  CD1 . ILE A 70 ? 0.1726 0.1824 0.1195 -0.0236 0.0604  0.0390  69   ILE A CD1 
551 N  N   . ASP A 71 ? 0.0972 0.1231 0.1039 -0.0169 0.0085  0.0196  70   ASP A N   
552 C  CA  . ASP A 71 ? 0.0928 0.1142 0.1210 -0.0151 0.0215  0.0116  70   ASP A CA  
553 C  C   . ASP A 71 ? 0.0827 0.1504 0.1047 0.0080  0.0111  0.0080  70   ASP A C   
554 O  O   . ASP A 71 ? 0.0720 0.1754 0.1306 -0.0103 0.0057  0.0050  70   ASP A O   
555 C  CB  . ASP A 71 ? 0.1463 0.1339 0.1232 -0.0120 0.0150  -0.0156 70   ASP A CB  
556 C  CG  . ASP A 71 ? 0.0522 0.2376 0.1235 -0.0174 0.0009  -0.0378 70   ASP A CG  
557 O  OD1 . ASP A 71 ? 0.1473 0.2886 0.1487 0.0206  0.0371  0.0395  70   ASP A OD1 
558 O  OD2 . ASP A 71 ? 0.1930 0.2918 0.1656 0.0057  0.0342  -0.0897 70   ASP A OD2 
559 N  N   . TYR A 72 ? 0.0876 0.1249 0.1060 -0.0015 0.0091  0.0006  71   TYR A N   
560 C  CA  . TYR A 72 ? 0.1201 0.1200 0.1072 0.0014  0.0115  0.0111  71   TYR A CA  
561 C  C   . TYR A 72 ? 0.1053 0.1375 0.1230 0.0052  0.0162  -0.0114 71   TYR A C   
562 O  O   . TYR A 72 ? 0.1161 0.1307 0.1139 0.0175  0.0162  0.0227  71   TYR A O   
563 C  CB  . TYR A 72 ? 0.0802 0.1813 0.1193 -0.0024 0.0088  0.0290  71   TYR A CB  
564 C  CG  . TYR A 72 ? 0.1236 0.1334 0.1296 0.0394  0.0238  0.0510  71   TYR A CG  
565 C  CD1 . TYR A 72 ? 0.0808 0.1766 0.1373 0.0034  -0.0121 0.0651  71   TYR A CD1 
566 C  CD2 . TYR A 72 ? 0.1006 0.1980 0.1146 0.0321  -0.0086 0.0152  71   TYR A CD2 
567 C  CE1 . TYR A 72 ? 0.1492 0.2251 0.1158 -0.0102 -0.0146 0.0765  71   TYR A CE1 
568 C  CE2 . TYR A 72 ? 0.1105 0.2428 0.1218 0.0300  0.0062  0.0252  71   TYR A CE2 
569 C  CZ  . TYR A 72 ? 0.0913 0.2747 0.1119 0.0074  -0.0274 0.0472  71   TYR A CZ  
570 O  OH  . TYR A 72 ? 0.1257 0.3084 0.1516 0.0374  0.0158  0.0907  71   TYR A OH  
571 N  N   . ILE A 73 ? 0.1237 0.1186 0.1245 0.0063  0.0170  0.0092  72   ILE A N   
572 C  CA  . ILE A 73 ? 0.1022 0.1317 0.1117 0.0058  0.0081  -0.0049 72   ILE A CA  
573 C  C   . ILE A 73 ? 0.1136 0.1447 0.1329 0.0122  0.0035  0.0067  72   ILE A C   
574 O  O   . ILE A 73 ? 0.0955 0.1380 0.1446 0.0031  -0.0002 0.0002  72   ILE A O   
575 C  CB  . ILE A 73 ? 0.1097 0.1389 0.1208 0.0011  0.0107  -0.0190 72   ILE A CB  
576 C  CG1 . ILE A 73 ? 0.1298 0.1490 0.1111 -0.0143 -0.0073 -0.0155 72   ILE A CG1 
577 C  CG2 . ILE A 73 ? 0.1703 0.1283 0.1361 -0.0062 0.0287  -0.0033 72   ILE A CG2 
578 C  CD1 . ILE A 73 ? 0.1601 0.1913 0.1257 -0.0151 0.0080  0.0041  72   ILE A CD1 
579 N  N   . ASN A 74 ? 0.1285 0.1295 0.1276 0.0117  0.0168  0.0420  73   ASN A N   
580 C  CA  . ASN A 74 ? 0.1698 0.1559 0.1450 0.0178  0.0018  0.0617  73   ASN A CA  
581 C  C   . ASN A 74 ? 0.1521 0.1502 0.1496 0.0260  -0.0312 -0.0027 73   ASN A C   
582 O  O   . ASN A 74 ? 0.1657 0.1952 0.1765 0.0414  -0.0497 0.0261  73   ASN A O   
583 C  CB  . ASN A 74 ? 0.2492 0.1842 0.1379 0.0103  -0.0076 0.0558  73   ASN A CB  
584 C  CG  . ASN A 74 ? 0.3516 0.2528 0.2033 0.0094  0.0714  0.1177  73   ASN A CG  
585 O  OD1 . ASN A 74 ? 0.2860 0.2044 0.4748 0.0244  0.1026  0.1627  73   ASN A OD1 
586 N  ND2 . ASN A 74 ? 0.3212 0.4586 0.2801 0.0198  0.1140  0.1142  73   ASN A ND2 
587 N  N   . GLY A 75 ? 0.1039 0.1525 0.1107 0.0170  0.0244  -0.0097 74   GLY A N   
588 C  CA  . GLY A 75 ? 0.0895 0.1915 0.1247 0.0132  0.0062  -0.0145 74   GLY A CA  
589 C  C   . GLY A 75 ? 0.1103 0.1127 0.1317 0.0071  0.0222  -0.0035 74   GLY A C   
590 O  O   . GLY A 75 ? 0.1209 0.1335 0.1783 -0.0053 0.0211  0.0225  74   GLY A O   
591 N  N   . HIS A 76 ? 0.1441 0.1280 0.1124 0.0122  0.0096  0.0033  75   HIS A N   
592 C  CA  . HIS A 76 ? 0.1136 0.1517 0.1187 0.0474  0.0110  0.0033  75   HIS A CA  
593 C  C   . HIS A 76 ? 0.2057 0.1611 0.1560 0.0934  -0.0035 -0.0164 75   HIS A C   
594 O  O   . HIS A 76 ? 0.3256 0.2092 0.1801 0.0652  -0.0257 -0.0581 75   HIS A O   
595 C  CB  . HIS A 76 ? 0.1422 0.1403 0.1258 0.0216  -0.0123 0.0174  75   HIS A CB  
596 C  CG  . HIS A 76 ? 0.1135 0.1514 0.1288 0.0054  0.0092  0.0286  75   HIS A CG  
597 N  ND1 . HIS A 76 ? 0.1006 0.1516 0.1047 -0.0185 -0.0423 -0.0218 75   HIS A ND1 
598 C  CD2 . HIS A 76 ? 0.1634 0.1469 0.1422 -0.0029 0.0035  0.0360  75   HIS A CD2 
599 C  CE1 . HIS A 76 ? 0.0711 0.1541 0.1771 -0.0136 -0.0260 0.0085  75   HIS A CE1 
600 N  NE2 . HIS A 76 ? 0.0771 0.1640 0.1727 -0.0185 -0.0220 -0.0033 75   HIS A NE2 
601 N  N   . GLN A 77 ? 0.2548 0.1981 0.2146 0.1419  0.0440  0.0430  76   GLN A N   
602 C  CA  . GLN A 77 ? 0.2958 0.1914 0.3353 0.1614  0.0192  0.0357  76   GLN A CA  
603 C  C   . GLN A 77 ? 0.2253 0.1636 0.3345 0.0411  0.0090  -0.0342 76   GLN A C   
604 O  O   . GLN A 77 ? 0.1719 0.4149 0.3837 0.0714  -0.0645 -0.0019 76   GLN A O   
605 C  CB  . GLN A 77 ? 0.2581 0.1637 0.3295 0.0983  -0.0151 0.0223  76   GLN A CB  
606 C  CG  . GLN A 77 ? 0.2235 0.2198 0.3249 0.0623  -0.0398 0.0270  76   GLN A CG  
607 C  CD  . GLN A 77 ? 0.2477 0.1845 0.3568 0.0318  -0.0280 0.0470  76   GLN A CD  
608 O  OE1 . GLN A 77 ? 0.3384 0.1763 0.4153 0.0191  0.1411  0.0775  76   GLN A OE1 
609 N  NE2 . GLN A 77 ? 0.1267 0.1814 0.3311 -0.0227 -0.0188 0.0623  76   GLN A NE2 
610 N  N   . ALA A 78 ? 0.3288 0.2172 0.4622 -0.0357 -0.0014 -0.0966 77   ALA A N   
611 C  CA  . ALA A 78 ? 0.6056 0.2874 0.4724 0.0486  -0.0644 -0.1698 77   ALA A CA  
612 C  C   . ALA A 78 ? 0.7716 0.3274 0.6644 0.1863  -0.0033 -0.1445 77   ALA A C   
613 O  O   . ALA A 78 ? 0.7420 0.4778 0.8951 0.3477  -0.3314 -0.0752 77   ALA A O   
614 C  CB  . ALA A 78 ? 0.4793 0.5068 0.4146 -0.0186 0.0285  -0.0529 77   ALA A CB  
615 O  OXT . ALA A 78 ? 0.8924 0.2894 0.8729 0.1158  0.0137  -0.2108 77   ALA A OXT 
616 NA NA  . NA  B .  ? 0.0873 0.0873 0.0764 0.0029  -0.0101 0.0222  1001 NA  A NA  
617 ZN ZN  . ZN  C .  ? 0.1808 0.1296 0.1928 0.0506  0.0645  0.0334  1002 ZN  A ZN  
618 AS AS  . CAC D .  ? 0.4412 0.2704 0.3357 0.0803  0.0084  0.0107  1003 CAC A AS  
619 O  O1  . CAC D .  ? 0.9840 0.1631 0.1877 -0.0127 0.2480  -0.0924 1003 CAC A O1  
620 O  O2  . CAC D .  ? 0.3880 0.1840 0.3546 0.1297  0.1427  0.0031  1003 CAC A O2  
621 C  C1  . CAC D .  ? 0.8235 0.4692 0.3243 -0.4486 0.3347  -0.1034 1003 CAC A C1  
622 C  C2  . CAC D .  ? 0.3533 1.0498 1.4402 0.2192  0.1133  1.0816  1003 CAC A C2  
623 ZN ZN  . ZN  E .  ? 0.1903 0.1396 0.1562 0.0210  0.0409  -0.0071 1004 ZN  A ZN  
624 ZN ZN  . ZN  F .  ? 0.1667 0.1898 0.1262 0.0673  0.0139  0.0008  1005 ZN  A ZN  
625 ZN ZN  . ZN  G .  ? 0.1594 0.1532 0.1200 0.0221  0.0170  -0.0106 1006 ZN  A ZN  
626 ZN ZN  . ZN  H .  ? 0.1848 0.1491 0.1286 0.0388  -0.0008 -0.0070 1007 ZN  A ZN  
627 ZN ZN  . ZN  I .  ? 0.2364 0.1661 0.1341 0.0225  0.0331  0.0333  1008 ZN  A ZN  
628 ZN ZN  . ZN  J .  ? 0.1332 0.1761 0.2081 0.0092  -0.0049 0.0512  1009 ZN  A ZN  
629 O  O23 . PSR K .  ? 1.0978 0.1361 0.4124 0.0161  0.3844  0.0991  78   PSR A O23 
630 P  P24 . PSR K .  ? 0.9047 0.1468 0.4195 0.1149  0.4222  0.0804  78   PSR A P24 
631 O  O26 . PSR K .  ? 1.0907 0.2242 0.6497 0.1462  0.3987  -0.1219 78   PSR A O26 
632 O  O27 . PSR K .  ? 1.0112 0.1602 0.5088 0.0420  0.2707  0.0077  78   PSR A O27 
646 N  N41 . PSR K .  ? 0.5024 0.3747 0.4868 -0.0296 0.3605  -0.1222 78   PSR A N41 
647 C  C42 . PSR K .  ? 0.7455 0.2958 0.5854 0.0403  0.3426  -0.0977 78   PSR A C42 
648 C  C43 . PSR K .  ? 0.7835 0.2948 0.5512 0.0746  0.2989  -0.0982 78   PSR A C43 
649 S  S1  . PSR K .  ? 0.2116 0.3478 0.1364 0.0900  0.0353  0.0573  78   PSR A S1  
650 C  C1  . PSR K .  ? 0.0964 0.2226 0.1656 -0.0227 0.0028  0.0031  78   PSR A C1  
651 O  O1  . PSR K .  ? 0.1708 0.1470 0.1961 -0.0182 0.0494  -0.0229 78   PSR A O1  
652 C  C2  . PSR K .  ? 0.1174 0.2328 0.0887 -0.0295 0.0222  0.0506  78   PSR A C2  
653 C  C3  . PSR K .  ? 0.1390 0.1958 0.1095 0.0002  -0.0091 -0.0519 78   PSR A C3  
654 C  C4  . PSR K .  ? 0.1456 0.1981 0.1919 0.0112  0.0081  -0.0276 78   PSR A C4  
655 O  O   . HOH L .  ? 0.2060 0.2327 0.1952 0.0074  0.0387  0.0436  2001 HOH A O   
656 O  O   . HOH L .  ? 0.3244 0.2517 0.4114 -0.0697 -0.1718 0.2679  2002 HOH A O   
657 O  O   . HOH L .  ? 0.1967 0.2066 0.2715 0.0385  -0.0446 -0.0404 2003 HOH A O   
658 O  O   . HOH L .  ? 0.1507 0.1474 0.1964 -0.0133 -0.0197 0.0396  2004 HOH A O   
659 O  O   . HOH L .  ? 0.1700 0.1285 0.2156 0.0306  -0.0894 0.0088  2005 HOH A O   
660 O  O   . HOH L .  ? 0.1959 0.1833 0.2095 -0.0064 0.0083  -0.0396 2006 HOH A O   
661 O  O   . HOH L .  ? 0.2348 0.2315 0.1896 -0.0064 0.0260  0.0393  2007 HOH A O   
662 O  O   . HOH L .  ? 0.2399 0.2775 0.2737 0.1214  -0.1381 -0.0762 2008 HOH A O   
663 O  O   . HOH L .  ? 0.1612 0.2287 0.2665 0.0158  0.0784  0.1113  2009 HOH A O   
664 O  O   . HOH L .  ? 0.3184 0.2762 0.3041 0.0424  0.0870  -0.0425 2011 HOH A O   
665 O  O   . HOH L .  ? 0.3809 0.3186 0.2563 -0.0758 -0.0200 0.0454  2012 HOH A O   
666 O  O   . HOH L .  ? 0.4371 0.5734 0.2418 0.2193  -0.0442 -0.0865 2013 HOH A O   
667 O  O   . HOH L .  ? 0.2090 0.2081 0.1475 0.0505  -0.0570 -0.0496 2015 HOH A O   
668 O  O   . HOH L .  ? 0.5812 0.3999 0.4817 -0.0260 -0.1238 0.0173  2016 HOH A O   
669 O  O   . HOH L .  ? 0.2153 0.1464 0.1582 0.0394  -0.0382 -0.0204 2017 HOH A O   
670 O  O   . HOH L .  ? 0.3600 0.4309 0.2000 0.0639  0.1054  0.0274  2018 HOH A O   
671 O  O   . HOH L .  ? 0.2413 0.2832 0.1949 -0.0514 -0.0187 -0.0912 2019 HOH A O   
672 O  O   . HOH L .  ? 0.1601 0.3352 0.3669 -0.0328 -0.0848 0.1301  2020 HOH A O   
673 O  O   . HOH L .  ? 0.3861 0.2399 0.3515 -0.0858 -0.1229 0.1368  2021 HOH A O   
674 O  O   . HOH L .  ? 0.2336 0.2423 0.2476 0.0017  0.0499  0.0599  2022 HOH A O   
675 O  O   . HOH L .  ? 0.1927 0.2153 0.2591 0.0174  0.0567  0.0757  2023 HOH A O   
676 O  O   . HOH L .  ? 0.4351 0.1955 0.3694 -0.0010 -0.1377 0.0076  2024 HOH A O   
677 O  O   . HOH L .  ? 0.4170 0.2504 0.4132 -0.0760 0.1951  -0.0663 2025 HOH A O   
678 O  O   . HOH L .  ? 0.3656 0.4104 0.3348 -0.1797 0.0027  0.0140  2026 HOH A O   
679 O  O   . HOH L .  ? 0.2805 0.1913 0.2179 0.0525  -0.0406 0.0247  2028 HOH A O   
680 O  O   . HOH L .  ? 0.6738 0.6463 0.3469 -0.0342 -0.2173 0.0052  2029 HOH A O   
681 O  O   . HOH L .  ? 0.4173 0.4076 0.3834 -0.0314 -0.0169 0.1075  2031 HOH A O   
682 O  O   . HOH L .  ? 0.2740 0.2158 0.4039 0.0052  0.0332  -0.0875 2032 HOH A O   
683 O  O   . HOH L .  ? 0.1802 0.6348 0.2374 0.0023  0.0310  -0.1672 2033 HOH A O   
684 O  O   . HOH L .  ? 0.2593 0.2123 0.3477 0.0172  0.1102  0.0142  2035 HOH A O   
685 O  O   . HOH L .  ? 0.4547 0.3031 0.5118 0.0035  -0.1042 0.0688  2036 HOH A O   
686 O  O   . HOH L .  ? 0.3168 0.2501 0.4332 -0.0615 0.1686  -0.1161 2037 HOH A O   
687 O  O   . HOH L .  ? 0.1598 0.2839 0.2060 0.0826  0.0981  0.1450  2038 HOH A O   
688 O  O   . HOH L .  ? 0.2007 0.2505 0.2537 0.0297  0.0880  -0.0248 2040 HOH A O   
689 O  O   . HOH L .  ? 0.2996 0.3141 0.2231 0.0704  0.0681  0.1183  2041 HOH A O   
690 O  O   . HOH L .  ? 0.4126 0.3074 0.2622 0.0048  0.1304  -0.0289 2042 HOH A O   
691 O  O   . HOH L .  ? 0.1821 0.1922 0.1238 0.0224  0.0005  0.0251  2043 HOH A O   
692 O  O   . HOH L .  ? 0.3896 0.3555 0.1914 0.1622  0.1253  0.0128  2044 HOH A O   
693 O  O   . HOH L .  ? 0.5168 0.2758 0.6060 -0.0598 -0.0360 0.0260  2045 HOH A O   
694 O  O   . HOH L .  ? 0.2095 0.1495 0.2028 0.0412  -0.0263 -0.0188 2046 HOH A O   
695 O  O   . HOH L .  ? 0.1947 0.1396 0.3688 0.0168  -0.0099 -0.0066 2047 HOH A O   
696 O  O   . HOH L .  ? 0.1976 0.4314 0.2550 0.0183  0.0719  0.0892  2048 HOH A O   
697 O  O   . HOH L .  ? 0.2292 0.4098 0.2980 -0.0258 0.0161  -0.0150 2049 HOH A O   
698 O  O   . HOH L .  ? 0.2319 0.2652 0.1948 0.0146  0.0668  0.0413  2051 HOH A O   
699 O  O   . HOH L .  ? 0.3091 0.4319 0.4177 0.0650  0.0426  -0.0991 2052 HOH A O   
700 O  O   . HOH L .  ? 0.2280 0.3516 0.2098 0.0372  0.0252  0.0918  2053 HOH A O   
701 O  O   . HOH L .  ? 0.2873 0.2238 0.2294 0.1240  0.0568  -0.0660 2055 HOH A O   
702 O  O   . HOH L .  ? 0.2590 0.7342 0.3175 0.1165  -0.0421 0.0124  2056 HOH A O   
703 O  O   . HOH L .  ? 0.1838 0.2265 0.4130 -0.0198 -0.0452 -0.0411 2057 HOH A O   
704 O  O   . HOH L .  ? 0.1859 0.4387 0.2161 0.0152  0.0069  -0.0009 2058 HOH A O   
705 O  O   . HOH L .  ? 0.2440 0.2686 0.2641 0.0083  0.0235  0.0730  2059 HOH A O   
706 O  O   . HOH L .  ? 0.2225 0.4221 0.2528 -0.0123 0.0005  0.0566  2060 HOH A O   
707 O  O   . HOH L .  ? 0.4918 0.2444 0.6217 -0.0021 -0.0016 0.1145  2061 HOH A O   
708 O  O   . HOH L .  ? 0.3161 0.2663 0.3360 -0.0582 0.0467  0.0455  2062 HOH A O   
709 O  O   . HOH L .  ? 0.4205 0.1937 0.2689 0.0331  0.0058  0.0577  2063 HOH A O   
710 O  O   . HOH L .  ? 0.3286 0.3122 0.2954 -0.0256 -0.0320 -0.0015 2064 HOH A O   
711 O  O   . HOH L .  ? 0.3303 0.4211 0.4614 -0.1428 0.0269  0.0766  2065 HOH A O   
712 O  O   . HOH L .  ? 0.3022 0.4144 0.3515 -0.0002 0.0082  0.0493  2066 HOH A O   
713 O  O   . HOH L .  ? 0.1909 0.2681 0.3470 -0.0407 -0.0127 0.1033  2068 HOH A O   
714 O  O   . HOH L .  ? 0.2730 0.2223 0.4142 0.0411  0.0058  -0.0411 2069 HOH A O   
715 O  O   . HOH L .  ? 0.2359 0.2203 0.2437 -0.0221 -0.0278 0.0424  2070 HOH A O   
716 O  O   . HOH L .  ? 0.2078 0.3318 0.2747 -0.0073 0.0229  0.0879  2071 HOH A O   
717 O  O   . HOH L .  ? 0.2754 0.4152 0.2978 -0.0971 0.0142  -0.1186 2072 HOH A O   
718 O  O   . HOH L .  ? 0.4601 0.1442 0.1591 0.0413  0.0666  0.0121  2073 HOH A O   
719 O  O   . HOH L .  ? 0.3446 0.5710 0.2927 0.0764  0.0174  0.0500  2076 HOH A O   
720 O  O   . HOH L .  ? 0.2504 0.4220 0.4641 0.0397  -0.1148 0.0693  2077 HOH A O   
721 O  O   . HOH L .  ? 0.3927 0.3382 0.4165 0.0692  -0.0163 0.0368  2078 HOH A O   
722 O  O   . HOH L .  ? 0.3302 0.4418 0.1903 0.1256  -0.0582 -0.0111 2080 HOH A O   
723 O  O   . HOH L .  ? 0.1255 0.2346 0.3782 0.0318  0.0432  0.1237  2081 HOH A O   
724 O  O   . HOH L .  ? 0.2041 0.3216 0.2373 -0.0230 0.0116  0.1169  2082 HOH A O   
725 O  O   . HOH L .  ? 0.2783 0.4563 0.6976 0.0046  -0.1580 0.0809  2083 HOH A O   
726 O  O   . HOH L .  ? 0.3198 0.5742 0.5337 -0.1474 -0.0215 -0.0650 2084 HOH A O   
727 O  O   . HOH L .  ? 0.7437 0.2935 0.4326 0.1253  0.1346  -0.0035 2085 HOH A O   
728 O  O   . HOH L .  ? 0.6368 0.2890 0.2047 0.0493  -0.0870 -0.0078 2086 HOH A O   
729 O  O   . HOH L .  ? 0.2415 0.2335 0.4548 0.0436  0.0174  -0.1122 2087 HOH A O   
730 O  O   . HOH L .  ? 0.3551 0.5272 0.4954 0.0224  0.1457  0.0134  2088 HOH A O   
731 O  O   . HOH L .  ? 0.2976 0.2146 0.4995 0.0748  0.0435  0.1087  2090 HOH A O   
732 O  O   . HOH L .  ? 0.2205 0.4096 0.2179 0.0215  0.0004  -0.0418 2091 HOH A O   
733 O  O   . HOH L .  ? 0.6644 0.3207 0.4831 -0.0523 -0.0866 -0.0596 2092 HOH A O   
734 O  O   . HOH L .  ? 0.2456 0.2607 0.3942 0.0238  0.0853  -0.1107 2093 HOH A O   
735 O  O   . HOH L .  ? 0.3175 0.2524 0.3689 0.0605  0.0247  0.0098  2094 HOH A O   
736 O  O   . HOH L .  ? 0.4245 0.7060 0.2428 0.0545  -0.1449 0.1173  2095 HOH A O   
737 O  O   . HOH L .  ? 0.2374 0.3906 0.4652 0.0086  -0.0010 0.1249  2096 HOH A O   
738 O  O   . HOH L .  ? 0.4097 0.4464 0.3093 0.2389  -0.0565 0.0166  2097 HOH A O   
739 O  O   . HOH L .  ? 0.5398 0.3238 0.2907 -0.0642 0.2065  0.0168  2099 HOH A O   
740 O  O   . HOH L .  ? 0.4208 0.4413 0.6595 -0.0045 -0.1749 0.1083  2100 HOH A O   
741 O  O   . HOH L .  ? 0.2203 0.2501 0.2404 0.0452  0.0116  -0.0389 2102 HOH A O   
742 O  O   . HOH L .  ? 0.4786 0.3475 0.4990 -0.0753 -0.1448 0.1821  2103 HOH A O   
743 O  O   . HOH L .  ? 0.2519 0.2920 0.2940 0.0132  -0.0399 -0.0819 2105 HOH A O   
744 O  O   . HOH L .  ? 0.2004 0.5845 0.4833 0.1444  0.0638  0.0442  2107 HOH A O   
745 O  O   . HOH L .  ? 0.4062 0.4476 0.4355 0.0439  -0.0437 0.1178  2109 HOH A O   
746 O  O   . HOH L .  ? 0.2546 0.5045 0.2731 0.0490  -0.0029 -0.0961 2110 HOH A O   
747 O  O   . HOH L .  ? 0.7245 0.2598 0.2864 -0.0306 -0.1760 0.0703  2112 HOH A O   
748 O  O   . HOH L .  ? 0.3706 0.4253 0.3131 -0.1375 0.0020  0.0283  2115 HOH A O   
749 O  O   . HOH L .  ? 0.4382 0.2926 0.4002 -0.0647 -0.0945 0.0337  2116 HOH A O   
750 O  O   . HOH L .  ? 0.4701 0.4854 0.4419 0.0059  0.0334  0.0386  2118 HOH A O   
751 O  O   . HOH L .  ? 0.4974 0.8360 0.5857 -0.1193 0.0059  0.1435  2119 HOH A O   
752 O  O   . HOH L .  ? 0.4099 0.3739 0.4604 -0.0081 0.1542  -0.0216 2120 HOH A O   
753 O  O   . HOH L .  ? 0.2831 0.7467 0.2558 -0.0340 0.0357  -0.0524 2121 HOH A O   
754 O  O   . HOH L .  ? 0.6948 0.6501 0.4733 0.0681  0.0782  -0.1479 2123 HOH A O   
755 O  O   . HOH L .  ? 0.5085 0.3844 0.4917 -0.0807 0.2284  -0.1223 2124 HOH A O   
756 O  O   . HOH L .  ? 0.4976 0.3827 0.4714 -0.0410 0.0296  -0.1221 2125 HOH A O   
757 O  O   . HOH L .  ? 0.4204 0.4249 0.3782 0.0862  -0.0523 0.0779  2126 HOH A O   
758 O  O   . HOH L .  ? 0.3269 0.7347 0.7380 -0.1203 0.0976  -0.0084 2127 HOH A O   
759 O  O   . HOH L .  ? 0.4627 0.5422 0.6156 -0.1324 0.0996  0.0485  2129 HOH A O   
760 O  O   . HOH L .  ? 0.2999 0.4331 0.6151 -0.0362 -0.0223 0.1820  2131 HOH A O   
761 O  O   . HOH L .  ? 0.4561 0.5430 0.3603 0.0681  -0.0317 -0.0369 2135 HOH A O   
762 O  O   . HOH L .  ? 0.7317 0.6169 0.4575 0.1335  -0.0783 0.0541  2139 HOH A O   
763 O  O   . HOH L .  ? 0.8799 0.6602 0.6678 0.0210  -0.0448 -0.0650 2140 HOH A O   
764 O  O   . HOH L .  ? 0.4370 0.3130 0.5268 -0.0447 0.0745  -0.0668 2141 HOH A O   
765 O  O   . HOH L .  ? 0.5556 0.6819 0.3126 -0.0921 -0.1106 0.0757  2144 HOH A O   
766 O  O   . HOH L .  ? 0.6267 0.4519 0.5364 0.0394  0.2189  -0.0401 2145 HOH A O   
767 O  O   . HOH L .  ? 0.4223 0.5916 0.4615 0.1083  -0.0614 0.0498  2146 HOH A O   
768 O  O   . HOH L .  ? 0.5720 0.4475 0.4569 -0.0643 0.0561  0.0312  2147 HOH A O   
769 O  O   . HOH L .  ? 0.5072 0.4145 0.3566 0.0794  -0.0160 0.0052  2149 HOH A O   
770 O  O   . HOH L .  ? 0.8805 0.8084 0.6545 -0.0733 0.1438  -0.1075 2154 HOH A O   
771 O  O   . HOH L .  ? 0.2474 0.2567 0.3933 -0.0673 -0.0290 0.0106  2158 HOH A O   
772 O  O   . HOH L .  ? 0.3209 0.2246 0.5374 0.0633  -0.0234 0.0545  2159 HOH A O   
773 O  O   . HOH L .  ? 0.3551 0.4245 0.3382 -0.0202 -0.0578 0.1235  2163 HOH A O   
774 O  O   . HOH L .  ? 0.4906 0.4504 0.4143 -0.1493 0.2707  -0.0562 2165 HOH A O   
775 O  O   . HOH L .  ? 0.5013 0.3654 0.4746 -0.0730 -0.1926 0.0226  2167 HOH A O   
776 O  O   . HOH L .  ? 0.3225 0.5402 0.5724 -0.1641 0.0556  0.0171  2168 HOH A O   
777 O  O   . HOH L .  ? 0.4950 0.2827 0.6844 0.0554  0.0561  0.0221  2169 HOH A O   
778 O  O   . HOH L .  ? 0.4021 0.1928 0.2701 0.0186  0.0092  0.0425  2170 HOH A O   
779 O  O   . HOH L .  ? 0.1929 0.2557 0.3139 0.0903  -0.0578 -0.0803 2171 HOH A O   
780 O  O   . HOH L .  ? 0.6166 0.5424 0.3887 0.1473  -0.2053 0.0600  2174 HOH A O   
781 O  O   . HOH L .  ? 0.4626 0.4616 0.5047 -0.0999 -0.2028 0.0532  2181 HOH A O   
782 O  O   . HOH L .  ? 0.3657 0.7028 0.4157 0.0147  -0.0463 -0.0180 2183 HOH A O   
783 O  O   . HOH L .  ? 0.5368 0.6247 0.2591 -0.0504 0.0827  -0.0028 2185 HOH A O   
784 O  O   . HOH L .  ? 0.4332 0.5648 0.3490 0.1318  -0.1358 0.0835  2189 HOH A O   
785 O  O   . HOH L .  ? 0.6099 0.2661 0.4418 0.0323  0.1292  -0.0075 2191 HOH A O   
786 O  O   . HOH L .  ? 0.6361 0.3894 0.2896 -0.1402 -0.1009 0.0308  2195 HOH A O   
787 O  O   . HOH L .  ? 0.6898 0.6511 0.3339 0.0087  -0.1823 -0.0597 2197 HOH A O   
788 O  O   . HOH L .  ? 0.4549 0.7203 0.3025 0.0160  0.0313  -0.0260 2198 HOH A O   
789 O  O   . HOH L .  ? 0.4875 0.3840 0.3796 0.1218  -0.0041 0.0679  2204 HOH A O   
790 O  O   . HOH L .  ? 0.3565 0.3619 0.8533 -0.1103 0.1249  0.0221  2205 HOH A O   
791 O  O   . HOH L .  ? 0.4002 0.6381 0.4000 0.0031  -0.0607 0.0275  2206 HOH A O   
792 O  O   . HOH L .  ? 0.3159 0.6513 0.3900 -0.1302 -0.0504 0.1500  2207 HOH A O   
793 O  O   . HOH L .  ? 0.3757 0.4144 0.2779 -0.0319 0.1144  0.0248  2299 HOH A O   
794 O  O   . HOH L .  ? 0.2129 0.4887 0.4444 0.0415  0.0542  0.0090  2301 HOH A O   
795 O  O   . HOH L .  ? 0.2631 0.3427 0.3545 -0.0091 -0.0067 0.0791  2302 HOH A O   
796 O  O   . HOH L .  ? 0.5619 0.6597 0.5557 -0.0666 0.2079  -0.0071 2303 HOH A O   
797 O  O   . HOH L .  ? 0.5388 0.5936 0.5544 -0.0301 0.0132  -0.0254 2304 HOH A O   
798 O  O   . HOH L .  ? 0.5590 0.4007 0.5173 0.0352  -0.1076 -0.0828 2305 HOH A O   
799 O  O   . HOH L .  ? 0.3638 0.5586 0.5985 -0.1307 0.1123  -0.0525 2306 HOH A O   
800 O  O   . HOH L .  ? 0.6292 0.6324 0.6177 0.2349  -0.2982 0.1381  2307 HOH A O   
801 O  O   . HOH L .  ? 0.6275 0.4025 0.4879 0.0013  0.1028  -0.0870 2308 HOH A O   
802 O  O   . HOH L .  ? 0.6671 0.7130 0.3616 -0.0128 0.1403  0.0110  2311 HOH A O   
803 O  O   . HOH L .  ? 0.5897 0.6486 0.5922 0.1004  -0.1557 0.0759  2316 HOH A O   
804 O  O   . HOH L .  ? 0.3880 0.2855 0.4321 0.0525  -0.2044 0.0611  2319 HOH A O   
805 O  O   . HOH L .  ? 0.3950 0.3574 0.4728 0.1616  -0.0671 -0.1018 2321 HOH A O   
806 O  O   . HOH L .  ? 0.5824 0.5682 0.4553 -0.0117 -0.0032 0.0286  2327 HOH A O   
807 O  O   . HOH L .  ? 0.4966 0.4040 0.2744 0.0000  0.1104  0.0945  2331 HOH A O   
808 O  O   . HOH L .  ? 0.5101 0.7813 0.4143 -0.0858 0.2721  -0.1676 2334 HOH A O   
809 O  O   . HOH L .  ? 0.3829 0.5535 0.5798 0.1350  -0.0029 0.0046  2444 HOH A O   
810 O  O   . HOH L .  ? 0.5802 0.5527 0.5637 0.1215  -0.0245 -0.0692 3160 HOH A O   
811 O  O   . HOH L .  ? 0.6833 0.6862 0.5768 0.0792  -0.0018 -0.0307 3161 HOH A O   
812 O  O   . HOH L .  ? 0.6490 0.4566 0.6648 0.0381  0.0237  -0.0198 3162 HOH A O   
813 O  O   . HOH L .  ? 0.9159 0.7132 0.7061 0.1099  -0.0720 -0.1151 3163 HOH A O   
814 O  O   . HOH L .  ? 0.6653 0.9231 0.7448 -0.0749 0.0676  0.0830  3164 HOH A O   
815 O  O   . HOH L .  ? 0.9455 0.6316 0.7412 0.1007  -0.0274 -0.0688 3165 HOH A O   
816 O  O   . HOH L .  ? 0.6186 0.9112 0.4026 0.0330  0.0151  -0.1565 3166 HOH A O   
# 
